data_6YSN
#
_entry.id   6YSN
#
_cell.length_a   1.00
_cell.length_b   1.00
_cell.length_c   1.00
_cell.angle_alpha   90.00
_cell.angle_beta   90.00
_cell.angle_gamma   90.00
#
_symmetry.space_group_name_H-M   'P 1'
#
loop_
_entity.id
_entity.type
_entity.pdbx_description
1 polymer 'Maltose/maltodextrin-binding periplasmic protein,Short transient receptor potential channel 5'
2 non-polymer 7-[(4-chlorophenyl)methyl]-3-methyl-1-(3-oxidanylpropyl)-8-[3-(trifluoromethyloxy)phenoxy]purine-2,6-dione
#
_entity_poly.entity_id   1
_entity_poly.type   'polypeptide(L)'
_entity_poly.pdbx_seq_one_letter_code
;MKIEEGKLVIWINGDKGYNGLAEVGKKFEKDTGIKVTVEHPDKLEEKFPQVAATGDGPDIIFWAHDRFGGYAQSGLLAEI
TPDKAFQDKLYPFTWDAVRYNGKLIAYPIAVEALSLIYNKDLLPNPPKTWEEIPALDKELKAKGKSALMFNLQEPYFTWP
LIAADGGYAFKYENGKYDIKDVGVDNAGAKAGLTFLVDLIKNKHMNADTDYSIAEAAFNKGETAMTINGPWAWSNIDTSK
VNYGVTVLPTFKGQPSKPFVGVLSAGINAASPNKELAKEFLENYLLTDEGLEAVNKDKPLGAVALKSYEEELAKDPRIAA
TMENAQKGEIMPNIPQMSAFWYAVRTAVINAASGLEVRQTVDEALKDAQTSSGLGVLFQGPMAQLYYKKVNYSPYRDRIP
LQIVRAETELSAEEKAFLNAVEKGDYATVKQALQEAEIYYNVNINCMDPLGRSALLIAIENENLEIMELLLNHSVYVGDA
LLYAIRKEVVGAVELLLSYRRPSGEKQVPTLMMDTQFSEFTPDITPIMLAAHTNNYEIIKLLVQKRVTIPRPHQIRCNCV
ECVSSSEVDSLRHSRSRLNIYKALASPSLIALSSEDPILTAFRLGWELKELSKVENEFKAEYEELSQQCKLFAKDLLDQA
RSSRELEIILNHRDDHSEELDPQKYHDLAKLKVAIKYHQKEFVAQPNCQQLLATLWYDGFPGWRRKHWVVKLLTCMTIGF
LFPMLSIAYLISPRSNLGLFIKKPFIKFICHTASYLTFLFMLLLASQHIVRTDLHVQGPPPTVVEWMILPWVLGFIWGEI
KEMWDGGFTEYIHDWWNLMDFAMNSLYLATISLKIMAYVKYNGSRPREEWEMWHPTLIAEALFAISNILSSLRLISLFTA
NSHLGPLQISLGRMLLDILKFLFIYCLVLLAFANGLNQLYFYYETRAIDEPNNCKGIRCEKQNNAFSTLFETLQSLFWSV
FGLLNLYVTNVKARHEFTEFVGATMFGTYNVISLVVLLNMLIAMMNNSYQLIADHADIEWKFARTKLWMSYFDEGGTLPP
PFNIIPSPKSFLYLGNWFNNTFCPKRDPDGRRRRRNLRSFTERNADSLIQNQHYQEVIRNLVKRYVAAMIRNSKTHEGLT
EENFKELKQDISSFRYEVLDLLGNRK
;
_entity_poly.pdbx_strand_id   A,B,C,D
#
# COMPACT_ATOMS: atom_id res chain seq x y z
N ARG A 398 12.19 -27.61 40.86
CA ARG A 398 12.28 -26.16 41.01
C ARG A 398 13.55 -25.62 40.35
N ILE A 399 13.62 -24.30 40.24
CA ILE A 399 14.81 -23.62 39.74
C ILE A 399 15.35 -22.75 40.86
N PRO A 400 16.37 -23.19 41.59
CA PRO A 400 16.92 -22.34 42.66
C PRO A 400 17.63 -21.13 42.08
N LEU A 401 17.21 -19.95 42.54
CA LEU A 401 17.75 -18.68 42.07
C LEU A 401 18.73 -18.15 43.11
N GLN A 402 19.93 -17.82 42.67
CA GLN A 402 20.99 -17.35 43.55
C GLN A 402 21.93 -16.46 42.76
N ILE A 403 22.43 -15.41 43.40
CA ILE A 403 23.24 -14.42 42.70
C ILE A 403 24.56 -15.05 42.25
N VAL A 404 24.68 -15.27 40.96
CA VAL A 404 25.92 -15.75 40.35
C VAL A 404 26.83 -14.55 40.16
N ARG A 405 28.14 -14.80 40.14
CA ARG A 405 29.18 -13.77 40.06
C ARG A 405 28.84 -12.56 40.92
N ALA A 406 28.63 -12.83 42.21
CA ALA A 406 28.16 -11.83 43.14
C ALA A 406 29.21 -10.77 43.40
N GLU A 407 28.74 -9.58 43.79
CA GLU A 407 29.62 -8.44 44.03
C GLU A 407 30.09 -8.50 45.48
N THR A 408 30.86 -7.50 45.92
CA THR A 408 31.37 -7.47 47.28
C THR A 408 30.87 -6.21 47.98
N GLU A 409 30.71 -6.33 49.31
CA GLU A 409 30.09 -5.30 50.13
C GLU A 409 30.95 -4.95 51.35
N LEU A 410 32.20 -4.53 51.11
CA LEU A 410 33.33 -4.54 52.06
C LEU A 410 32.85 -4.22 53.48
N SER A 411 32.17 -3.09 53.70
CA SER A 411 31.82 -2.66 55.05
C SER A 411 30.32 -2.31 55.11
N ALA A 412 29.82 -2.06 56.32
CA ALA A 412 28.44 -1.63 56.53
C ALA A 412 28.40 -0.20 57.07
N GLU A 413 29.48 0.26 57.69
CA GLU A 413 29.56 1.65 58.15
C GLU A 413 29.50 2.61 56.97
N GLU A 414 30.13 2.24 55.85
CA GLU A 414 30.16 3.10 54.67
C GLU A 414 28.90 3.00 53.84
N LYS A 415 27.95 2.13 54.20
CA LYS A 415 26.66 2.06 53.52
C LYS A 415 25.82 3.31 53.71
N ALA A 416 26.13 4.14 54.71
CA ALA A 416 25.43 5.38 54.98
C ALA A 416 26.46 6.50 54.95
N PHE A 417 26.56 7.18 53.81
CA PHE A 417 27.57 8.22 53.64
C PHE A 417 26.92 9.59 53.50
N VAL A 442 36.89 4.03 57.17
CA VAL A 442 35.96 4.37 56.11
C VAL A 442 36.72 4.73 54.85
N ASN A 443 36.11 4.48 53.70
CA ASN A 443 36.69 4.85 52.41
C ASN A 443 35.74 5.79 51.70
N ILE A 444 36.26 6.91 51.21
CA ILE A 444 35.41 7.89 50.56
C ILE A 444 35.08 7.47 49.13
N ASN A 445 35.85 6.53 48.58
CA ASN A 445 35.60 6.03 47.22
C ASN A 445 34.74 4.76 47.27
N CYS A 446 33.58 4.90 47.91
CA CYS A 446 32.67 3.77 48.13
C CYS A 446 31.82 3.58 46.89
N MET A 447 32.21 2.58 46.08
CA MET A 447 31.47 2.24 44.88
C MET A 447 30.25 1.39 45.25
N ASP A 448 29.07 1.83 44.84
CA ASP A 448 27.85 1.11 45.16
C ASP A 448 27.70 -0.09 44.23
N PRO A 449 26.64 -0.90 44.35
CA PRO A 449 26.46 -1.99 43.36
C PRO A 449 26.45 -1.52 41.91
N LEU A 450 25.90 -0.34 41.63
CA LEU A 450 25.87 0.18 40.28
C LEU A 450 27.09 1.01 39.94
N GLY A 451 28.14 0.97 40.77
CA GLY A 451 29.36 1.71 40.49
C GLY A 451 29.23 3.20 40.59
N ARG A 452 28.34 3.67 41.46
CA ARG A 452 28.09 5.10 41.65
C ARG A 452 28.88 5.57 42.87
N SER A 453 29.97 6.28 42.63
CA SER A 453 30.77 6.82 43.72
C SER A 453 30.06 8.01 44.36
N ALA A 454 30.75 8.66 45.30
CA ALA A 454 30.19 9.82 45.99
C ALA A 454 29.93 10.96 45.02
N LEU A 455 30.89 11.26 44.15
CA LEU A 455 30.73 12.36 43.21
C LEU A 455 29.61 12.07 42.20
N LEU A 456 29.43 10.80 41.83
CA LEU A 456 28.35 10.48 40.90
C LEU A 456 26.99 10.77 41.51
N ILE A 457 26.83 10.48 42.80
CA ILE A 457 25.57 10.77 43.47
C ILE A 457 25.43 12.28 43.71
N ALA A 458 26.52 12.98 43.99
CA ALA A 458 26.47 14.42 44.17
C ALA A 458 26.34 15.17 42.86
N ILE A 459 26.48 14.49 41.73
CA ILE A 459 26.26 15.11 40.43
C ILE A 459 24.86 14.80 39.91
N GLU A 460 24.42 13.53 40.00
CA GLU A 460 23.06 13.19 39.59
C GLU A 460 22.04 13.98 40.39
N ASN A 461 22.21 14.08 41.70
CA ASN A 461 21.48 15.03 42.53
C ASN A 461 22.32 16.29 42.64
N GLU A 462 21.81 17.41 42.13
CA GLU A 462 22.60 18.63 42.00
C GLU A 462 22.84 19.23 43.39
N ASN A 463 23.74 18.59 44.13
CA ASN A 463 24.06 19.03 45.52
C ASN A 463 25.15 20.11 45.50
N LEU A 464 25.82 20.27 44.35
CA LEU A 464 26.91 21.28 44.20
C LEU A 464 27.90 21.14 45.36
N TYR A 476 39.13 11.72 44.87
CA TYR A 476 39.34 11.11 43.56
C TYR A 476 38.17 11.41 42.63
N VAL A 477 38.46 12.12 41.54
CA VAL A 477 37.44 12.53 40.58
C VAL A 477 37.27 11.50 39.46
N GLY A 478 38.37 10.99 38.93
CA GLY A 478 38.32 10.06 37.82
C GLY A 478 37.81 10.71 36.55
N ASP A 479 36.60 10.32 36.13
CA ASP A 479 35.97 10.93 34.97
C ASP A 479 34.57 11.42 35.31
N ALA A 480 34.44 12.11 36.45
CA ALA A 480 33.16 12.67 36.86
C ALA A 480 32.73 13.86 36.01
N LEU A 481 33.65 14.44 35.24
CA LEU A 481 33.27 15.51 34.32
C LEU A 481 32.40 15.00 33.19
N LEU A 482 32.61 13.77 32.75
CA LEU A 482 31.79 13.19 31.68
C LEU A 482 30.37 12.92 32.17
N TYR A 483 30.19 12.70 33.47
CA TYR A 483 28.85 12.52 34.02
C TYR A 483 28.14 13.85 34.26
N ALA A 484 28.88 14.95 34.34
CA ALA A 484 28.29 16.28 34.47
C ALA A 484 27.96 16.89 33.12
N ILE A 485 28.84 16.71 32.13
CA ILE A 485 28.60 17.24 30.78
C ILE A 485 27.36 16.60 30.18
N ARG A 486 27.01 15.39 30.61
CA ARG A 486 25.97 14.60 29.99
C ARG A 486 24.58 14.87 30.57
N LYS A 487 24.47 15.80 31.52
CA LYS A 487 23.16 16.05 32.13
C LYS A 487 22.79 17.53 32.08
N GLU A 488 23.76 18.41 32.37
CA GLU A 488 23.46 19.83 32.55
C GLU A 488 24.70 20.65 32.85
N VAL A 489 24.56 21.98 32.95
CA VAL A 489 25.68 22.85 33.25
C VAL A 489 25.36 23.73 34.46
N VAL A 490 25.72 23.21 35.64
CA VAL A 490 25.81 24.02 36.85
C VAL A 490 27.17 23.74 37.49
N GLY A 491 27.47 22.45 37.68
CA GLY A 491 28.72 22.05 38.28
C GLY A 491 29.82 21.79 37.27
N ALA A 492 29.49 21.89 35.97
CA ALA A 492 30.50 21.71 34.93
C ALA A 492 31.58 22.79 35.03
N VAL A 493 31.19 24.00 35.41
CA VAL A 493 32.18 25.06 35.62
C VAL A 493 32.97 24.82 36.90
N GLU A 494 32.41 24.06 37.84
CA GLU A 494 33.12 23.77 39.09
C GLU A 494 34.19 22.71 38.89
N LEU A 495 33.86 21.61 38.21
CA LEU A 495 34.83 20.56 37.92
C LEU A 495 35.89 21.00 36.91
N LEU A 496 35.66 22.09 36.20
CA LEU A 496 36.61 22.57 35.19
C LEU A 496 37.72 23.42 35.78
N LEU A 497 37.63 23.80 37.05
CA LEU A 497 38.67 24.56 37.72
C LEU A 497 39.33 23.80 38.86
N SER A 498 38.62 22.89 39.51
CA SER A 498 39.18 22.10 40.60
C SER A 498 40.25 21.14 40.10
N GLN A 516 38.51 -0.39 37.33
CA GLN A 516 37.70 0.79 37.06
C GLN A 516 36.49 0.43 36.21
N PHE A 517 35.34 1.03 36.53
CA PHE A 517 34.13 0.87 35.74
C PHE A 517 33.57 2.25 35.42
N SER A 518 33.61 2.63 34.16
CA SER A 518 32.99 3.85 33.68
C SER A 518 31.90 3.50 32.68
N GLU A 519 30.90 4.37 32.59
CA GLU A 519 29.82 4.23 31.63
C GLU A 519 30.16 4.84 30.28
N PHE A 520 31.44 5.14 30.05
CA PHE A 520 31.91 5.72 28.80
C PHE A 520 33.12 4.94 28.31
N THR A 521 33.22 4.80 26.99
CA THR A 521 34.34 4.10 26.39
C THR A 521 35.65 4.84 26.69
N PRO A 522 36.79 4.13 26.64
CA PRO A 522 38.05 4.76 27.03
C PRO A 522 38.60 5.76 26.02
N ASP A 523 37.81 6.10 25.00
CA ASP A 523 38.25 7.04 23.98
C ASP A 523 37.52 8.37 24.03
N ILE A 524 36.43 8.50 24.79
CA ILE A 524 35.64 9.71 24.76
C ILE A 524 36.35 10.83 25.51
N THR A 525 36.49 11.97 24.86
CA THR A 525 37.03 13.20 25.41
C THR A 525 35.90 14.10 25.88
N PRO A 526 36.13 14.93 26.90
CA PRO A 526 35.08 15.87 27.31
C PRO A 526 34.47 16.70 26.19
N ILE A 527 35.29 17.22 25.27
CA ILE A 527 34.74 18.01 24.18
C ILE A 527 33.95 17.14 23.21
N MET A 528 34.37 15.89 23.02
CA MET A 528 33.62 14.98 22.15
C MET A 528 32.23 14.71 22.71
N LEU A 529 32.13 14.43 24.01
CA LEU A 529 30.82 14.20 24.62
C LEU A 529 29.99 15.46 24.70
N ALA A 530 30.61 16.62 24.91
CA ALA A 530 29.87 17.87 24.88
C ALA A 530 29.30 18.15 23.49
N ALA A 531 30.02 17.72 22.44
CA ALA A 531 29.49 17.85 21.09
C ALA A 531 28.43 16.81 20.77
N HIS A 532 28.54 15.61 21.35
CA HIS A 532 27.48 14.61 21.20
C HIS A 532 26.18 15.10 21.84
N THR A 533 26.28 15.72 23.01
CA THR A 533 25.08 16.21 23.69
C THR A 533 24.46 17.41 23.00
N ASN A 534 25.26 18.20 22.27
CA ASN A 534 24.78 19.35 21.51
C ASN A 534 24.12 20.39 22.42
N ASN A 535 24.87 20.82 23.43
CA ASN A 535 24.48 21.92 24.30
C ASN A 535 25.42 23.08 24.03
N TYR A 536 24.84 24.25 23.74
CA TYR A 536 25.66 25.38 23.31
C TYR A 536 26.51 25.93 24.44
N GLU A 537 25.93 26.05 25.64
CA GLU A 537 26.65 26.68 26.74
C GLU A 537 27.80 25.81 27.26
N ILE A 538 27.66 24.50 27.20
CA ILE A 538 28.74 23.63 27.63
C ILE A 538 29.87 23.57 26.60
N ILE A 539 29.52 23.44 25.31
CA ILE A 539 30.54 23.47 24.28
C ILE A 539 31.28 24.80 24.29
N LYS A 540 30.59 25.91 24.54
CA LYS A 540 31.27 27.19 24.62
C LYS A 540 32.26 27.21 25.78
N LEU A 541 31.82 26.80 26.96
CA LEU A 541 32.70 26.76 28.13
C LEU A 541 33.94 25.91 27.85
N LEU A 542 33.74 24.76 27.20
CA LEU A 542 34.87 23.87 26.94
C LEU A 542 35.76 24.36 25.81
N VAL A 543 35.24 25.18 24.89
CA VAL A 543 36.05 25.64 23.78
C VAL A 543 36.75 26.96 24.11
N GLN A 544 36.33 27.66 25.17
CA GLN A 544 37.09 28.83 25.61
C GLN A 544 38.52 28.46 25.95
N LYS A 545 38.74 27.25 26.43
CA LYS A 545 40.07 26.76 26.76
C LYS A 545 40.72 26.11 25.53
N ARG A 546 41.84 25.44 25.77
CA ARG A 546 42.58 24.81 24.68
C ARG A 546 42.20 23.34 24.52
N VAL A 547 41.21 23.06 23.68
CA VAL A 547 40.78 21.70 23.38
C VAL A 547 41.01 21.44 21.90
N THR A 548 41.18 20.15 21.57
CA THR A 548 41.41 19.72 20.21
C THR A 548 40.61 18.45 19.95
N ILE A 549 40.45 18.14 18.66
CA ILE A 549 39.82 16.89 18.23
C ILE A 549 40.74 16.22 17.22
N PRO A 550 40.97 14.91 17.32
CA PRO A 550 41.84 14.24 16.34
C PRO A 550 41.23 14.19 14.95
N ARG A 551 41.92 14.76 13.97
CA ARG A 551 41.42 14.79 12.61
C ARG A 551 41.41 13.38 12.03
N PRO A 552 40.29 12.90 11.50
CA PRO A 552 40.29 11.58 10.85
C PRO A 552 41.07 11.64 9.55
N HIS A 553 41.82 10.57 9.27
CA HIS A 553 42.79 10.59 8.18
C HIS A 553 42.12 10.82 6.83
N GLN A 554 41.34 9.84 6.37
CA GLN A 554 40.57 9.93 5.15
C GLN A 554 39.82 8.62 4.97
N ILE A 555 38.87 8.62 4.02
CA ILE A 555 38.04 7.44 3.82
C ILE A 555 38.89 6.22 3.52
N ARG A 556 39.65 6.26 2.42
CA ARG A 556 40.52 5.16 2.03
C ARG A 556 41.97 5.47 2.42
N CYS A 557 42.26 5.32 3.71
CA CYS A 557 43.60 5.50 4.24
C CYS A 557 44.25 4.14 4.44
N ASN A 558 45.44 3.96 3.88
CA ASN A 558 46.20 2.73 4.04
C ASN A 558 47.60 2.99 4.57
N CYS A 559 47.76 3.99 5.45
CA CYS A 559 49.05 4.33 6.01
C CYS A 559 49.43 3.33 7.09
N VAL A 560 50.50 3.66 7.82
CA VAL A 560 51.07 2.71 8.78
C VAL A 560 50.09 2.43 9.93
N GLU A 561 49.33 3.43 10.36
CA GLU A 561 48.48 3.23 11.53
C GLU A 561 47.02 3.03 11.14
N CYS A 562 46.62 3.48 9.96
CA CYS A 562 45.30 3.13 9.44
C CYS A 562 45.17 1.63 9.17
N VAL A 563 46.27 0.89 9.15
CA VAL A 563 46.26 -0.55 8.94
C VAL A 563 46.66 -1.31 10.19
N SER A 564 47.57 -0.76 11.00
CA SER A 564 48.03 -1.42 12.20
C SER A 564 47.19 -1.10 13.42
N SER A 565 46.16 -0.27 13.27
CA SER A 565 45.16 -0.09 14.31
C SER A 565 43.88 -0.87 14.03
N SER A 566 43.52 -1.02 12.76
CA SER A 566 42.40 -1.85 12.34
C SER A 566 42.76 -3.31 12.21
N GLU A 567 44.01 -3.68 12.53
CA GLU A 567 44.44 -5.08 12.54
C GLU A 567 44.70 -5.56 13.97
N VAL A 568 44.58 -4.68 14.96
CA VAL A 568 44.70 -5.07 16.35
C VAL A 568 43.31 -5.20 16.94
N ASP A 569 42.55 -4.10 16.95
CA ASP A 569 41.17 -4.16 17.43
C ASP A 569 40.15 -4.20 16.30
N SER A 570 40.13 -3.17 15.45
CA SER A 570 39.15 -3.01 14.38
C SER A 570 37.74 -2.78 14.93
N LEU A 571 37.60 -2.85 16.26
CA LEU A 571 36.35 -2.45 16.89
C LEU A 571 36.51 -1.12 17.61
N ARG A 572 37.57 -1.00 18.42
CA ARG A 572 37.90 0.28 19.03
C ARG A 572 38.20 1.33 17.97
N HIS A 573 38.86 0.94 16.88
CA HIS A 573 39.16 1.90 15.81
C HIS A 573 37.89 2.45 15.18
N SER A 574 36.98 1.55 14.79
CA SER A 574 35.72 1.98 14.18
C SER A 574 34.88 2.81 15.14
N ARG A 575 34.83 2.41 16.42
CA ARG A 575 34.07 3.18 17.39
C ARG A 575 34.67 4.57 17.60
N SER A 576 36.00 4.66 17.69
CA SER A 576 36.65 5.96 17.86
C SER A 576 36.38 6.86 16.66
N ARG A 577 36.49 6.31 15.45
CA ARG A 577 36.19 7.08 14.25
C ARG A 577 34.75 7.57 14.21
N LEU A 578 33.78 6.70 14.53
CA LEU A 578 32.40 7.11 14.57
C LEU A 578 32.15 8.19 15.62
N ASN A 579 32.78 8.09 16.79
CA ASN A 579 32.60 9.12 17.82
C ASN A 579 33.21 10.46 17.40
N ILE A 580 34.37 10.43 16.75
CA ILE A 580 34.96 11.67 16.24
C ILE A 580 34.04 12.31 15.20
N TYR A 581 33.49 11.52 14.28
CA TYR A 581 32.62 12.09 13.25
C TYR A 581 31.29 12.54 13.84
N LYS A 582 30.83 11.89 14.92
CA LYS A 582 29.61 12.33 15.58
C LYS A 582 29.83 13.63 16.36
N ALA A 583 31.05 13.86 16.84
CA ALA A 583 31.36 15.12 17.49
C ALA A 583 31.52 16.24 16.47
N LEU A 584 32.22 15.97 15.36
CA LEU A 584 32.44 17.01 14.36
C LEU A 584 31.14 17.45 13.69
N ALA A 585 30.20 16.52 13.51
CA ALA A 585 28.92 16.82 12.85
C ALA A 585 27.89 17.34 13.84
N SER A 586 28.27 18.35 14.61
CA SER A 586 27.40 18.92 15.63
C SER A 586 27.03 20.35 15.24
N PRO A 587 25.75 20.68 15.09
CA PRO A 587 25.39 22.05 14.71
C PRO A 587 25.88 23.12 15.66
N SER A 588 26.24 22.77 16.90
CA SER A 588 26.77 23.73 17.84
C SER A 588 28.28 23.84 17.84
N LEU A 589 28.99 22.76 17.48
CA LEU A 589 30.42 22.83 17.27
C LEU A 589 30.79 23.38 15.90
N ILE A 590 29.84 23.43 14.98
CA ILE A 590 30.05 24.10 13.69
C ILE A 590 29.66 25.57 13.75
N ALA A 591 28.67 25.93 14.56
CA ALA A 591 28.27 27.32 14.71
C ALA A 591 29.44 28.16 15.18
N LEU A 592 29.93 27.88 16.38
CA LEU A 592 31.19 28.43 16.86
C LEU A 592 32.33 27.54 16.41
N SER A 593 33.51 28.15 16.20
CA SER A 593 34.70 27.46 15.73
C SER A 593 34.52 26.92 14.30
N SER A 594 34.16 27.83 13.40
CA SER A 594 34.14 27.58 11.97
C SER A 594 34.09 28.88 11.21
N GLU A 595 34.96 29.06 10.22
CA GLU A 595 35.00 30.30 9.45
C GLU A 595 33.71 30.49 8.66
N ASP A 596 33.29 29.47 7.93
CA ASP A 596 31.97 29.46 7.30
C ASP A 596 31.30 28.13 7.62
N PRO A 597 30.21 28.13 8.39
CA PRO A 597 29.57 26.86 8.76
C PRO A 597 28.77 26.22 7.65
N ILE A 598 28.60 26.89 6.51
CA ILE A 598 27.83 26.32 5.41
C ILE A 598 28.69 25.40 4.55
N LEU A 599 29.91 25.81 4.22
CA LEU A 599 30.80 24.95 3.46
C LEU A 599 31.31 23.77 4.27
N THR A 600 31.55 23.99 5.57
CA THR A 600 31.91 22.89 6.45
C THR A 600 30.80 21.86 6.53
N ALA A 601 29.54 22.29 6.62
CA ALA A 601 28.42 21.36 6.61
C ALA A 601 28.30 20.62 5.28
N PHE A 602 28.53 21.28 4.15
CA PHE A 602 28.53 20.60 2.87
C PHE A 602 29.60 19.50 2.82
N ARG A 603 30.84 19.85 3.19
CA ARG A 603 31.92 18.87 3.15
C ARG A 603 31.68 17.72 4.12
N LEU A 604 31.12 18.01 5.30
CA LEU A 604 30.85 16.95 6.26
C LEU A 604 29.73 16.03 5.78
N GLY A 605 28.64 16.60 5.24
CA GLY A 605 27.60 15.76 4.67
C GLY A 605 28.12 14.87 3.57
N TRP A 606 28.99 15.40 2.71
CA TRP A 606 29.59 14.58 1.67
C TRP A 606 30.44 13.47 2.26
N GLU A 607 31.36 13.81 3.16
CA GLU A 607 32.27 12.82 3.72
C GLU A 607 31.52 11.73 4.48
N LEU A 608 30.39 12.09 5.10
CA LEU A 608 29.64 11.10 5.87
C LEU A 608 28.74 10.27 4.96
N LYS A 609 28.28 10.83 3.85
CA LYS A 609 27.51 10.02 2.90
C LYS A 609 28.40 9.03 2.17
N GLU A 610 29.63 9.41 1.84
CA GLU A 610 30.60 8.53 1.22
C GLU A 610 31.20 7.53 2.20
N LEU A 611 30.97 7.71 3.50
CA LEU A 611 31.49 6.81 4.51
C LEU A 611 30.49 5.73 4.91
N SER A 612 29.21 5.93 4.63
CA SER A 612 28.21 4.89 4.86
C SER A 612 28.26 3.80 3.79
N LYS A 613 28.91 4.07 2.67
CA LYS A 613 29.07 3.08 1.60
C LYS A 613 30.34 2.26 1.80
N VAL A 614 31.45 2.93 2.10
CA VAL A 614 32.71 2.22 2.32
C VAL A 614 32.63 1.37 3.59
N GLU A 615 32.23 2.00 4.69
CA GLU A 615 32.00 1.25 5.92
C GLU A 615 30.69 0.49 5.78
N ASN A 616 30.77 -0.79 5.40
CA ASN A 616 29.59 -1.54 5.02
C ASN A 616 28.60 -1.63 6.19
N GLU A 617 29.10 -1.94 7.38
CA GLU A 617 28.28 -1.87 8.57
C GLU A 617 28.25 -0.44 9.10
N PHE A 618 27.44 -0.22 10.14
CA PHE A 618 27.25 1.11 10.71
C PHE A 618 26.69 2.08 9.69
N LYS A 619 26.05 1.54 8.65
CA LYS A 619 25.46 2.34 7.59
C LYS A 619 24.26 3.15 8.08
N ALA A 620 23.74 2.84 9.26
CA ALA A 620 22.57 3.56 9.75
C ALA A 620 22.94 4.81 10.53
N GLU A 621 24.16 4.89 11.07
CA GLU A 621 24.58 6.06 11.83
C GLU A 621 25.22 7.13 10.95
N TYR A 622 26.00 6.75 9.96
CA TYR A 622 26.58 7.72 9.06
C TYR A 622 25.54 8.47 8.24
N GLU A 623 24.47 7.80 7.82
CA GLU A 623 23.42 8.51 7.09
C GLU A 623 22.64 9.46 8.00
N GLU A 624 22.43 9.11 9.27
CA GLU A 624 21.75 10.06 10.14
C GLU A 624 22.65 11.24 10.47
N LEU A 625 23.97 11.02 10.58
CA LEU A 625 24.87 12.15 10.76
C LEU A 625 24.89 13.05 9.53
N SER A 626 24.89 12.45 8.34
CA SER A 626 24.86 13.25 7.12
C SER A 626 23.55 14.03 7.00
N GLN A 627 22.43 13.41 7.35
CA GLN A 627 21.15 14.11 7.37
C GLN A 627 21.07 15.16 8.46
N GLN A 628 21.87 15.04 9.51
CA GLN A 628 21.99 16.07 10.54
C GLN A 628 22.77 17.27 10.05
N CYS A 629 23.84 17.05 9.28
CA CYS A 629 24.55 18.17 8.67
C CYS A 629 23.72 18.85 7.58
N LYS A 630 23.06 18.06 6.73
CA LYS A 630 22.26 18.62 5.65
C LYS A 630 21.08 19.42 6.18
N LEU A 631 20.55 19.06 7.34
CA LEU A 631 19.46 19.79 7.96
C LEU A 631 19.93 21.03 8.71
N PHE A 632 21.20 21.06 9.12
CA PHE A 632 21.76 22.25 9.75
C PHE A 632 22.14 23.31 8.73
N ALA A 633 22.71 22.89 7.60
CA ALA A 633 23.06 23.85 6.56
C ALA A 633 21.85 24.53 5.94
N LYS A 634 20.67 23.91 6.02
CA LYS A 634 19.45 24.49 5.50
C LYS A 634 18.72 25.34 6.53
N ASP A 635 18.69 24.91 7.79
CA ASP A 635 18.07 25.68 8.87
C ASP A 635 18.83 26.95 9.20
N LEU A 636 20.02 27.13 8.64
CA LEU A 636 20.76 28.38 8.78
C LEU A 636 20.42 29.38 7.69
N LEU A 637 20.09 28.91 6.50
CA LEU A 637 19.60 29.77 5.42
C LEU A 637 18.15 30.17 5.63
N ASP A 638 17.43 29.46 6.49
CA ASP A 638 16.06 29.83 6.85
C ASP A 638 15.99 31.11 7.68
N GLN A 639 17.11 31.58 8.21
CA GLN A 639 17.13 32.74 9.09
C GLN A 639 17.46 34.04 8.38
N ALA A 640 17.61 34.03 7.05
CA ALA A 640 17.82 35.26 6.32
C ALA A 640 16.57 36.12 6.36
N ARG A 641 16.72 37.39 6.74
CA ARG A 641 15.58 38.29 6.89
C ARG A 641 15.36 39.18 5.68
N SER A 642 16.41 39.57 4.99
CA SER A 642 16.31 40.40 3.79
C SER A 642 16.88 39.65 2.60
N SER A 643 16.64 40.22 1.41
CA SER A 643 17.18 39.66 0.19
C SER A 643 18.59 40.14 -0.11
N ARG A 644 19.02 41.23 0.52
CA ARG A 644 20.40 41.67 0.36
C ARG A 644 21.37 40.71 1.01
N GLU A 645 20.98 40.06 2.10
CA GLU A 645 21.81 39.09 2.78
C GLU A 645 21.49 37.66 2.38
N LEU A 646 20.65 37.47 1.36
CA LEU A 646 20.49 36.17 0.72
C LEU A 646 21.31 36.03 -0.55
N GLU A 647 21.61 37.14 -1.22
CA GLU A 647 22.51 37.15 -2.36
C GLU A 647 23.96 37.26 -1.95
N ILE A 648 24.24 37.62 -0.71
CA ILE A 648 25.62 37.56 -0.22
C ILE A 648 26.04 36.12 0.04
N ILE A 649 25.12 35.29 0.55
CA ILE A 649 25.45 33.90 0.83
C ILE A 649 25.55 33.10 -0.45
N LEU A 650 24.63 33.28 -1.39
CA LEU A 650 24.58 32.46 -2.59
C LEU A 650 25.62 32.84 -3.63
N ASN A 651 26.29 34.00 -3.47
CA ASN A 651 27.26 34.47 -4.44
C ASN A 651 28.69 34.45 -3.90
N HIS A 652 28.93 33.77 -2.78
CA HIS A 652 30.22 33.84 -2.12
C HIS A 652 31.27 33.03 -2.87
N ARG A 653 32.42 33.66 -3.10
CA ARG A 653 33.57 33.03 -3.76
C ARG A 653 33.23 32.54 -5.16
N ASP A 667 27.00 35.42 -10.79
CA ASP A 667 27.57 34.10 -10.52
C ASP A 667 27.14 33.59 -9.15
N LEU A 668 26.39 32.50 -9.13
CA LEU A 668 25.90 31.90 -7.90
C LEU A 668 26.90 30.81 -7.49
N ALA A 669 28.02 31.26 -6.93
CA ALA A 669 29.18 30.41 -6.71
C ALA A 669 29.02 29.48 -5.52
N LYS A 670 28.06 29.72 -4.63
CA LYS A 670 27.79 28.79 -3.54
C LYS A 670 26.64 27.85 -3.85
N LEU A 671 25.67 28.28 -4.64
CA LEU A 671 24.63 27.37 -5.11
C LEU A 671 25.22 26.26 -5.97
N LYS A 672 26.27 26.55 -6.73
CA LYS A 672 26.91 25.50 -7.52
C LYS A 672 27.65 24.51 -6.63
N VAL A 673 28.28 24.98 -5.56
CA VAL A 673 28.94 24.08 -4.62
C VAL A 673 27.90 23.25 -3.88
N ALA A 674 26.71 23.81 -3.66
CA ALA A 674 25.64 23.02 -3.07
C ALA A 674 25.13 21.96 -4.03
N ILE A 675 25.07 22.29 -5.33
CA ILE A 675 24.61 21.33 -6.32
C ILE A 675 25.62 20.20 -6.49
N LYS A 676 26.92 20.53 -6.45
CA LYS A 676 27.93 19.50 -6.65
C LYS A 676 28.12 18.60 -5.43
N TYR A 677 27.51 18.94 -4.29
CA TYR A 677 27.53 18.11 -3.10
C TYR A 677 26.19 17.43 -2.86
N HIS A 678 25.23 17.61 -3.76
CA HIS A 678 23.90 16.99 -3.65
C HIS A 678 23.18 17.43 -2.38
N GLN A 679 23.19 18.74 -2.13
CA GLN A 679 22.48 19.32 -0.99
C GLN A 679 21.08 19.69 -1.45
N LYS A 680 20.23 18.67 -1.54
CA LYS A 680 18.88 18.83 -2.08
C LYS A 680 17.97 19.66 -1.20
N GLU A 681 18.32 19.87 0.07
CA GLU A 681 17.51 20.68 0.96
C GLU A 681 17.98 22.12 1.08
N PHE A 682 19.28 22.38 0.89
CA PHE A 682 19.74 23.76 0.76
C PHE A 682 19.15 24.40 -0.48
N VAL A 683 19.37 23.80 -1.64
CA VAL A 683 18.52 24.05 -2.80
C VAL A 683 17.11 23.62 -2.46
N ALA A 684 16.13 24.13 -3.20
CA ALA A 684 14.71 23.88 -2.98
C ALA A 684 14.19 24.53 -1.69
N GLN A 685 14.98 25.38 -1.07
CA GLN A 685 14.48 26.21 0.02
C GLN A 685 13.67 27.35 -0.58
N PRO A 686 12.49 27.65 -0.04
CA PRO A 686 11.57 28.59 -0.72
C PRO A 686 12.20 29.92 -1.12
N ASN A 687 13.05 30.48 -0.27
CA ASN A 687 13.70 31.75 -0.57
C ASN A 687 14.85 31.61 -1.56
N CYS A 688 15.44 30.42 -1.66
CA CYS A 688 16.46 30.17 -2.67
C CYS A 688 15.85 29.91 -4.04
N GLN A 689 14.63 29.37 -4.10
CA GLN A 689 13.94 29.17 -5.37
C GLN A 689 13.23 30.42 -5.86
N GLN A 690 12.70 31.23 -4.93
CA GLN A 690 12.11 32.51 -5.32
C GLN A 690 13.15 33.48 -5.87
N LEU A 691 14.42 33.27 -5.58
CA LEU A 691 15.50 34.06 -6.17
C LEU A 691 15.93 33.55 -7.53
N LEU A 692 15.91 32.23 -7.73
CA LEU A 692 16.25 31.67 -9.03
C LEU A 692 15.13 31.91 -10.05
N ALA A 693 13.88 31.91 -9.60
CA ALA A 693 12.77 32.15 -10.51
C ALA A 693 12.71 33.57 -11.03
N THR A 694 13.51 34.48 -10.47
CA THR A 694 13.61 35.84 -10.98
C THR A 694 14.75 36.01 -11.97
N LEU A 695 15.80 35.18 -11.88
CA LEU A 695 16.81 35.14 -12.91
C LEU A 695 16.35 34.32 -14.11
N TRP A 696 15.47 33.34 -13.89
CA TRP A 696 14.94 32.54 -14.98
C TRP A 696 14.02 33.38 -15.87
N TYR A 697 12.96 33.95 -15.30
CA TYR A 697 12.07 34.85 -16.03
C TYR A 697 12.68 36.26 -16.03
N ASP A 698 13.80 36.38 -16.75
CA ASP A 698 14.57 37.62 -16.70
C ASP A 698 13.85 38.75 -17.45
N GLY A 699 12.95 38.40 -18.35
CA GLY A 699 12.22 39.41 -19.11
C GLY A 699 10.73 39.30 -19.00
N PHE A 700 10.26 38.51 -18.02
CA PHE A 700 8.83 38.33 -17.78
C PHE A 700 8.50 38.67 -16.33
N PRO A 701 8.53 39.96 -15.97
CA PRO A 701 8.12 40.33 -14.61
C PRO A 701 6.67 39.93 -14.35
N GLY A 702 6.47 38.99 -13.43
CA GLY A 702 5.13 38.53 -13.13
C GLY A 702 4.63 37.42 -14.05
N TRP A 703 5.49 36.45 -14.38
CA TRP A 703 5.07 35.35 -15.23
C TRP A 703 4.28 34.33 -14.40
N ARG A 704 4.05 34.65 -13.13
CA ARG A 704 3.28 33.79 -12.24
C ARG A 704 1.85 34.26 -12.03
N ARG A 705 1.51 35.48 -12.43
CA ARG A 705 0.15 36.01 -12.34
C ARG A 705 -0.67 35.75 -13.60
N LYS A 706 -0.03 35.32 -14.68
CA LYS A 706 -0.68 35.21 -15.97
C LYS A 706 -1.57 33.97 -16.05
N HIS A 707 -2.42 33.94 -17.06
CA HIS A 707 -3.30 32.83 -17.34
C HIS A 707 -2.58 31.78 -18.18
N TRP A 708 -3.04 30.53 -18.09
CA TRP A 708 -2.37 29.44 -18.80
C TRP A 708 -2.46 29.60 -20.32
N VAL A 709 -3.56 30.17 -20.84
CA VAL A 709 -3.65 30.43 -22.26
C VAL A 709 -2.73 31.57 -22.70
N VAL A 710 -2.62 32.64 -21.90
CA VAL A 710 -1.67 33.70 -22.21
C VAL A 710 -0.23 33.21 -22.09
N LYS A 711 0.01 32.19 -21.27
CA LYS A 711 1.33 31.56 -21.22
C LYS A 711 1.60 30.73 -22.46
N LEU A 712 0.63 29.89 -22.85
CA LEU A 712 0.81 29.04 -24.03
C LEU A 712 1.01 29.86 -25.30
N LEU A 713 0.19 30.89 -25.48
CA LEU A 713 0.26 31.67 -26.71
C LEU A 713 1.45 32.62 -26.73
N THR A 714 2.04 32.90 -25.56
CA THR A 714 3.28 33.66 -25.53
C THR A 714 4.50 32.77 -25.72
N CYS A 715 4.43 31.51 -25.26
CA CYS A 715 5.51 30.56 -25.48
C CYS A 715 5.58 30.11 -26.94
N MET A 716 4.42 29.90 -27.57
CA MET A 716 4.43 29.51 -28.97
C MET A 716 4.84 30.64 -29.89
N THR A 717 4.62 31.89 -29.45
CA THR A 717 5.07 33.03 -30.25
C THR A 717 6.58 33.15 -30.25
N ILE A 718 7.22 32.82 -29.11
CA ILE A 718 8.67 32.78 -29.08
C ILE A 718 9.22 31.54 -29.78
N GLY A 719 8.49 30.43 -29.76
CA GLY A 719 8.91 29.25 -30.47
C GLY A 719 8.98 29.44 -31.98
N PHE A 720 8.02 30.17 -32.55
CA PHE A 720 7.97 30.41 -33.98
C PHE A 720 8.89 31.53 -34.44
N LEU A 721 9.76 32.03 -33.56
CA LEU A 721 10.66 33.14 -33.88
C LEU A 721 12.10 32.79 -33.55
N PHE A 722 12.40 31.50 -33.39
CA PHE A 722 13.74 31.09 -32.99
C PHE A 722 14.80 31.32 -34.07
N PRO A 723 14.51 31.26 -35.38
CA PRO A 723 15.56 31.59 -36.35
C PRO A 723 15.81 33.08 -36.49
N MET A 724 14.89 33.92 -36.05
CA MET A 724 15.09 35.36 -36.09
C MET A 724 15.84 35.86 -34.85
N LEU A 725 15.47 35.38 -33.67
CA LEU A 725 16.21 35.73 -32.47
C LEU A 725 17.62 35.15 -32.48
N SER A 726 17.87 34.13 -33.29
CA SER A 726 19.18 33.51 -33.35
C SER A 726 20.04 34.04 -34.49
N ILE A 727 19.44 34.72 -35.48
CA ILE A 727 20.26 35.35 -36.52
C ILE A 727 20.87 36.64 -35.99
N ALA A 728 20.13 37.35 -35.13
CA ALA A 728 20.76 38.32 -34.24
C ALA A 728 21.64 37.58 -33.24
N TYR A 729 22.42 38.35 -32.48
CA TYR A 729 23.46 37.79 -31.60
C TYR A 729 24.58 37.16 -32.43
N LEU A 730 24.41 37.17 -33.75
CA LEU A 730 25.42 36.71 -34.69
C LEU A 730 25.78 37.86 -35.63
N ILE A 731 24.80 38.74 -35.88
CA ILE A 731 24.98 39.95 -36.66
C ILE A 731 24.70 41.19 -35.83
N SER A 732 24.29 41.03 -34.57
CA SER A 732 24.00 42.15 -33.67
C SER A 732 24.08 41.69 -32.22
N PRO A 733 25.26 41.29 -31.74
CA PRO A 733 25.35 40.73 -30.38
C PRO A 733 25.09 41.73 -29.27
N ARG A 734 25.08 43.03 -29.57
CA ARG A 734 24.84 44.04 -28.55
C ARG A 734 23.72 44.99 -28.96
N SER A 735 22.68 44.47 -29.60
CA SER A 735 21.53 45.26 -30.01
C SER A 735 20.37 44.97 -29.08
N ASN A 736 19.22 45.58 -29.36
CA ASN A 736 18.02 45.29 -28.56
C ASN A 736 17.52 43.87 -28.81
N LEU A 737 17.35 43.51 -30.08
CA LEU A 737 16.86 42.17 -30.40
C LEU A 737 17.92 41.12 -30.15
N GLY A 738 19.20 41.50 -30.19
CA GLY A 738 20.27 40.54 -29.98
C GLY A 738 20.39 40.08 -28.55
N LEU A 739 19.91 40.88 -27.59
CA LEU A 739 19.97 40.54 -26.18
C LEU A 739 18.75 39.76 -25.71
N PHE A 740 17.75 39.59 -26.56
CA PHE A 740 16.52 38.93 -26.15
C PHE A 740 16.65 37.42 -26.10
N ILE A 741 17.77 36.87 -26.57
CA ILE A 741 17.99 35.43 -26.55
C ILE A 741 19.16 35.14 -25.62
N LYS A 742 19.37 36.03 -24.64
CA LYS A 742 20.28 35.74 -23.54
C LYS A 742 19.57 35.55 -22.22
N LYS A 743 18.30 35.97 -22.12
CA LYS A 743 17.49 35.63 -20.97
C LYS A 743 17.28 34.12 -20.94
N PRO A 744 17.41 33.46 -19.78
CA PRO A 744 17.43 31.99 -19.78
C PRO A 744 16.13 31.35 -20.26
N PHE A 745 14.98 31.96 -19.96
CA PHE A 745 13.73 31.37 -20.39
C PHE A 745 13.58 31.41 -21.91
N ILE A 746 13.97 32.51 -22.54
CA ILE A 746 13.87 32.62 -23.99
C ILE A 746 14.88 31.69 -24.66
N LYS A 747 16.08 31.59 -24.07
CA LYS A 747 17.07 30.63 -24.58
C LYS A 747 16.53 29.21 -24.51
N PHE A 748 15.82 28.89 -23.42
CA PHE A 748 15.21 27.58 -23.29
C PHE A 748 14.15 27.35 -24.37
N ILE A 749 13.25 28.31 -24.54
CA ILE A 749 12.18 28.16 -25.53
C ILE A 749 12.74 28.05 -26.94
N CYS A 750 13.86 28.72 -27.21
CA CYS A 750 14.49 28.64 -28.53
C CYS A 750 15.26 27.35 -28.72
N HIS A 751 15.85 26.79 -27.67
CA HIS A 751 16.53 25.50 -27.79
C HIS A 751 15.57 24.33 -27.89
N THR A 752 14.38 24.42 -27.29
CA THR A 752 13.40 23.34 -27.39
C THR A 752 12.42 23.52 -28.53
N ALA A 753 12.42 24.67 -29.20
CA ALA A 753 11.69 24.82 -30.45
C ALA A 753 12.59 24.59 -31.66
N SER A 754 13.89 24.47 -31.45
CA SER A 754 14.82 24.04 -32.49
C SER A 754 14.99 22.53 -32.50
N TYR A 755 14.74 21.86 -31.38
CA TYR A 755 14.73 20.40 -31.33
C TYR A 755 13.41 19.82 -31.82
N LEU A 756 12.33 20.59 -31.78
CA LEU A 756 11.05 20.19 -32.33
C LEU A 756 10.96 20.43 -33.83
N THR A 757 11.91 21.16 -34.41
CA THR A 757 12.05 21.30 -35.85
C THR A 757 12.95 20.22 -36.43
N PHE A 758 13.80 19.62 -35.62
CA PHE A 758 14.63 18.50 -36.03
C PHE A 758 13.88 17.18 -36.00
N LEU A 759 12.85 17.08 -35.17
CA LEU A 759 12.05 15.86 -35.09
C LEU A 759 10.84 15.90 -36.02
N PHE A 760 10.30 17.08 -36.29
CA PHE A 760 9.28 17.21 -37.32
C PHE A 760 9.88 17.02 -38.71
N MET A 761 11.18 17.26 -38.86
CA MET A 761 11.88 17.02 -40.11
C MET A 761 12.30 15.57 -40.26
N LEU A 762 12.35 14.80 -39.17
CA LEU A 762 12.60 13.37 -39.24
C LEU A 762 11.34 12.59 -39.56
N LEU A 763 10.16 13.13 -39.24
CA LEU A 763 8.91 12.50 -39.63
C LEU A 763 8.59 12.71 -41.10
N LEU A 764 9.24 13.68 -41.74
CA LEU A 764 9.03 13.98 -43.15
C LEU A 764 9.94 13.17 -44.06
N ALA A 765 10.86 12.40 -43.50
CA ALA A 765 11.80 11.62 -44.28
C ALA A 765 11.19 10.33 -44.81
N SER A 766 9.86 10.20 -44.76
CA SER A 766 9.16 9.01 -45.24
C SER A 766 8.11 9.34 -46.28
N GLN A 767 7.74 10.60 -46.43
CA GLN A 767 6.74 10.99 -47.42
C GLN A 767 7.40 11.38 -48.74
N ASP A 773 12.38 4.83 -57.14
CA ASP A 773 13.72 5.36 -56.88
C ASP A 773 14.33 4.72 -55.63
N LEU A 774 13.78 3.57 -55.23
CA LEU A 774 14.27 2.84 -54.08
C LEU A 774 15.11 1.63 -54.47
N HIS A 775 15.39 1.44 -55.76
CA HIS A 775 16.21 0.33 -56.21
C HIS A 775 17.67 0.71 -56.42
N VAL A 776 18.00 1.99 -56.38
CA VAL A 776 19.38 2.45 -56.50
C VAL A 776 20.18 1.88 -55.34
N GLN A 777 21.27 1.16 -55.65
CA GLN A 777 22.06 0.52 -54.62
C GLN A 777 22.70 1.55 -53.70
N GLY A 778 23.33 2.58 -54.28
CA GLY A 778 23.78 3.71 -53.52
C GLY A 778 23.19 5.00 -54.03
N PRO A 779 22.27 5.59 -53.27
CA PRO A 779 21.61 6.81 -53.71
C PRO A 779 22.32 8.03 -53.17
N PRO A 780 22.07 9.20 -53.77
CA PRO A 780 22.57 10.45 -53.19
C PRO A 780 21.67 10.91 -52.07
N PRO A 781 22.14 11.79 -51.19
CA PRO A 781 21.30 12.27 -50.09
C PRO A 781 20.06 13.00 -50.60
N THR A 782 18.95 12.79 -49.91
CA THR A 782 17.68 13.39 -50.28
C THR A 782 17.65 14.84 -49.77
N VAL A 783 16.52 15.52 -50.04
CA VAL A 783 16.38 16.91 -49.60
C VAL A 783 16.38 16.98 -48.08
N VAL A 784 15.61 16.11 -47.43
CA VAL A 784 15.52 16.15 -45.97
C VAL A 784 16.84 15.72 -45.34
N GLU A 785 17.59 14.82 -45.98
CA GLU A 785 18.87 14.43 -45.42
C GLU A 785 19.94 15.50 -45.63
N TRP A 786 19.72 16.41 -46.58
CA TRP A 786 20.57 17.61 -46.64
C TRP A 786 20.14 18.61 -45.58
N MET A 787 18.84 18.69 -45.29
CA MET A 787 18.30 19.64 -44.32
C MET A 787 18.44 19.17 -42.88
N ILE A 788 19.10 18.04 -42.63
CA ILE A 788 19.26 17.50 -41.28
C ILE A 788 20.73 17.56 -40.89
N LEU A 789 21.61 17.49 -41.87
CA LEU A 789 23.04 17.44 -41.61
C LEU A 789 23.55 18.59 -40.74
N PRO A 790 23.10 19.84 -40.88
CA PRO A 790 23.54 20.87 -39.92
C PRO A 790 23.14 20.57 -38.48
N TRP A 791 21.91 20.09 -38.25
CA TRP A 791 21.51 19.68 -36.91
C TRP A 791 22.39 18.56 -36.37
N VAL A 792 22.69 17.56 -37.20
CA VAL A 792 23.49 16.42 -36.74
C VAL A 792 24.90 16.87 -36.40
N LEU A 793 25.51 17.70 -37.25
CA LEU A 793 26.84 18.21 -36.96
C LEU A 793 26.85 19.09 -35.72
N GLY A 794 25.83 19.93 -35.54
CA GLY A 794 25.72 20.72 -34.33
C GLY A 794 25.55 19.91 -33.07
N PHE A 795 24.81 18.80 -33.14
CA PHE A 795 24.67 17.92 -31.99
C PHE A 795 25.95 17.15 -31.68
N ILE A 796 26.69 16.75 -32.71
CA ILE A 796 27.96 16.07 -32.47
C ILE A 796 28.98 17.05 -31.91
N TRP A 797 28.93 18.32 -32.34
CA TRP A 797 29.88 19.32 -31.83
C TRP A 797 29.53 19.75 -30.42
N GLY A 798 28.26 20.04 -30.15
CA GLY A 798 27.85 20.51 -28.83
C GLY A 798 27.99 19.49 -27.72
N GLU A 799 28.17 18.22 -28.07
CA GLU A 799 28.42 17.18 -27.09
C GLU A 799 29.90 16.89 -26.89
N ILE A 800 30.76 17.39 -27.79
CA ILE A 800 32.20 17.28 -27.58
C ILE A 800 32.65 18.25 -26.50
N LYS A 801 32.15 19.49 -26.54
CA LYS A 801 32.54 20.49 -25.54
C LYS A 801 32.12 20.10 -24.14
N GLU A 802 30.89 19.61 -23.97
CA GLU A 802 30.38 19.33 -22.63
C GLU A 802 31.14 18.20 -21.94
N MET A 803 31.53 17.16 -22.68
CA MET A 803 32.38 16.12 -22.13
C MET A 803 33.85 16.50 -22.15
N TRP A 804 34.19 17.67 -22.70
CA TRP A 804 35.54 18.22 -22.59
C TRP A 804 35.67 19.22 -21.45
N ASP A 805 34.62 19.97 -21.13
CA ASP A 805 34.62 20.86 -19.97
C ASP A 805 34.21 20.09 -18.72
N GLY A 806 34.94 19.02 -18.45
CA GLY A 806 34.65 18.15 -17.33
C GLY A 806 35.20 16.76 -17.60
N GLY A 807 34.68 15.81 -16.84
CA GLY A 807 35.11 14.43 -16.92
C GLY A 807 34.88 13.80 -18.29
N TYR A 811 30.51 12.82 -16.16
CA TYR A 811 29.77 12.81 -17.42
C TYR A 811 28.79 11.65 -17.49
N ILE A 812 29.23 10.48 -17.01
CA ILE A 812 28.41 9.28 -17.06
C ILE A 812 27.39 9.20 -15.93
N HIS A 813 27.44 10.13 -14.98
CA HIS A 813 26.47 10.11 -13.88
C HIS A 813 25.10 10.61 -14.35
N ASP A 814 25.07 11.36 -15.44
CA ASP A 814 23.81 11.77 -16.05
C ASP A 814 23.38 10.70 -17.04
N TRP A 815 22.27 10.02 -16.74
CA TRP A 815 21.79 8.94 -17.60
C TRP A 815 21.31 9.45 -18.95
N TRP A 816 21.23 10.76 -19.15
CA TRP A 816 20.87 11.33 -20.44
C TRP A 816 22.07 11.58 -21.34
N ASN A 817 23.29 11.45 -20.82
CA ASN A 817 24.48 11.60 -21.63
C ASN A 817 24.91 10.30 -22.29
N LEU A 818 24.27 9.19 -21.96
CA LEU A 818 24.48 7.93 -22.67
C LEU A 818 23.53 7.81 -23.86
N MET A 819 22.26 8.17 -23.68
CA MET A 819 21.33 8.25 -24.81
C MET A 819 21.74 9.34 -25.78
N ASP A 820 22.51 10.33 -25.34
CA ASP A 820 22.97 11.41 -26.21
C ASP A 820 24.31 11.10 -26.85
N PHE A 821 25.08 10.19 -26.27
CA PHE A 821 26.33 9.74 -26.87
C PHE A 821 26.13 8.57 -27.82
N ALA A 822 25.08 7.78 -27.63
CA ALA A 822 24.77 6.67 -28.52
C ALA A 822 23.96 7.09 -29.73
N MET A 823 23.14 8.13 -29.62
CA MET A 823 22.38 8.62 -30.76
C MET A 823 23.22 9.45 -31.71
N ASN A 824 24.43 9.85 -31.30
CA ASN A 824 25.35 10.55 -32.19
C ASN A 824 26.37 9.64 -32.83
N SER A 825 26.67 8.50 -32.21
CA SER A 825 27.49 7.48 -32.85
C SER A 825 26.75 6.77 -33.97
N LEU A 826 25.44 6.57 -33.83
CA LEU A 826 24.64 5.97 -34.87
C LEU A 826 24.48 6.87 -36.09
N TYR A 827 24.43 8.18 -35.90
CA TYR A 827 24.47 9.09 -37.05
C TYR A 827 25.81 9.06 -37.77
N LEU A 828 26.91 8.98 -37.02
CA LEU A 828 28.22 8.82 -37.65
C LEU A 828 28.28 7.53 -38.45
N ALA A 829 27.83 6.42 -37.85
CA ALA A 829 27.81 5.16 -38.56
C ALA A 829 26.85 5.16 -39.75
N THR A 830 25.84 6.03 -39.73
CA THR A 830 24.93 6.15 -40.86
C THR A 830 25.59 6.90 -42.01
N ILE A 831 26.24 8.03 -41.72
CA ILE A 831 26.96 8.75 -42.77
C ILE A 831 28.20 8.00 -43.24
N SER A 832 28.84 7.24 -42.36
CA SER A 832 29.99 6.43 -42.73
C SER A 832 29.63 5.21 -43.57
N LEU A 833 28.33 4.91 -43.71
CA LEU A 833 27.87 3.79 -44.51
C LEU A 833 27.13 4.21 -45.76
N LYS A 834 26.51 5.38 -45.76
CA LYS A 834 25.89 5.91 -46.96
C LYS A 834 26.89 6.59 -47.88
N ILE A 835 28.12 6.80 -47.41
CA ILE A 835 29.21 7.24 -48.27
C ILE A 835 29.94 6.05 -48.88
N MET A 836 30.24 5.04 -48.06
CA MET A 836 30.80 3.80 -48.55
C MET A 836 29.94 3.20 -49.65
N ALA A 837 28.63 3.44 -49.60
CA ALA A 837 27.71 2.90 -50.59
C ALA A 837 27.47 3.86 -51.75
N TYR A 838 27.87 5.12 -51.63
CA TYR A 838 27.77 6.04 -52.77
C TYR A 838 28.89 5.81 -53.76
N VAL A 839 30.12 5.65 -53.26
CA VAL A 839 31.20 5.07 -54.04
C VAL A 839 31.02 3.56 -53.96
N LYS A 840 31.75 2.82 -54.78
CA LYS A 840 31.82 1.35 -54.70
C LYS A 840 30.53 0.69 -55.17
N TYR A 841 29.50 1.51 -55.40
CA TYR A 841 28.21 1.02 -55.88
C TYR A 841 27.66 1.92 -56.99
N ASN A 842 27.68 1.40 -58.22
CA ASN A 842 27.12 2.07 -59.37
C ASN A 842 26.02 1.22 -59.99
N GLY A 843 24.92 1.88 -60.35
CA GLY A 843 23.79 1.21 -60.95
C GLY A 843 22.62 1.10 -60.00
N SER A 844 21.59 0.37 -60.45
CA SER A 844 20.36 0.22 -59.68
C SER A 844 19.71 -1.13 -59.93
N ARG A 845 19.95 -2.11 -59.05
CA ARG A 845 19.30 -3.39 -59.26
C ARG A 845 18.12 -3.54 -58.31
N PRO A 846 17.15 -4.40 -58.63
CA PRO A 846 15.99 -4.57 -57.75
C PRO A 846 16.39 -4.90 -56.31
N ARG A 847 15.70 -4.27 -55.35
CA ARG A 847 15.98 -4.48 -53.94
C ARG A 847 15.64 -5.90 -53.50
N GLU A 848 14.87 -6.63 -54.30
CA GLU A 848 14.43 -7.97 -53.93
C GLU A 848 15.58 -8.97 -53.80
N GLU A 849 16.71 -8.72 -54.47
CA GLU A 849 17.82 -9.66 -54.46
C GLU A 849 19.10 -9.10 -53.84
N TRP A 850 19.01 -8.03 -53.07
CA TRP A 850 20.19 -7.54 -52.36
C TRP A 850 20.59 -8.53 -51.27
N GLU A 851 21.86 -8.51 -50.91
CA GLU A 851 22.31 -9.28 -49.76
C GLU A 851 21.75 -8.67 -48.48
N MET A 852 21.77 -9.46 -47.40
CA MET A 852 21.24 -8.96 -46.14
C MET A 852 22.21 -7.98 -45.49
N TRP A 853 23.51 -8.20 -45.65
CA TRP A 853 24.53 -7.28 -45.16
C TRP A 853 24.93 -6.28 -46.22
N HIS A 854 23.95 -5.63 -46.82
CA HIS A 854 24.17 -4.56 -47.77
C HIS A 854 24.29 -3.23 -47.02
N PRO A 855 25.26 -2.38 -47.37
CA PRO A 855 25.44 -1.12 -46.64
C PRO A 855 24.21 -0.24 -46.62
N THR A 856 23.44 -0.20 -47.71
CA THR A 856 22.21 0.57 -47.75
C THR A 856 21.14 -0.01 -46.85
N LEU A 857 21.19 -1.30 -46.55
CA LEU A 857 20.23 -1.91 -45.63
C LEU A 857 20.64 -1.77 -44.18
N ILE A 858 21.92 -1.53 -43.90
CA ILE A 858 22.36 -1.30 -42.53
C ILE A 858 22.28 0.17 -42.15
N ALA A 859 22.58 1.08 -43.09
CA ALA A 859 22.43 2.50 -42.81
C ALA A 859 20.99 2.88 -42.52
N GLU A 860 20.04 2.33 -43.27
CA GLU A 860 18.62 2.60 -43.05
C GLU A 860 18.09 1.97 -41.79
N ALA A 861 18.80 1.00 -41.21
CA ALA A 861 18.45 0.44 -39.92
C ALA A 861 19.02 1.26 -38.77
N LEU A 862 20.28 1.66 -38.86
CA LEU A 862 20.86 2.54 -37.85
C LEU A 862 20.19 3.89 -37.80
N PHE A 863 19.73 4.41 -38.94
CA PHE A 863 19.01 5.68 -38.95
C PHE A 863 17.72 5.59 -38.14
N ALA A 864 17.01 4.47 -38.24
CA ALA A 864 15.78 4.31 -37.46
C ALA A 864 16.07 4.07 -35.99
N ILE A 865 17.10 3.26 -35.70
CA ILE A 865 17.47 3.03 -34.31
C ILE A 865 17.83 4.35 -33.63
N SER A 866 18.43 5.27 -34.38
CA SER A 866 18.75 6.57 -33.81
C SER A 866 17.57 7.54 -33.84
N ASN A 867 16.63 7.38 -34.77
CA ASN A 867 15.40 8.16 -34.75
C ASN A 867 14.55 7.86 -33.53
N ILE A 868 14.64 6.65 -32.99
CA ILE A 868 13.93 6.38 -31.74
C ILE A 868 14.56 7.15 -30.57
N LEU A 869 15.89 7.14 -30.48
CA LEU A 869 16.57 7.79 -29.37
C LEU A 869 16.47 9.30 -29.47
N SER A 870 16.45 9.85 -30.68
CA SER A 870 16.35 11.30 -30.85
C SER A 870 15.06 11.85 -30.27
N SER A 871 13.98 11.08 -30.30
CA SER A 871 12.69 11.54 -29.80
C SER A 871 12.36 10.99 -28.42
N LEU A 872 13.06 9.96 -27.95
CA LEU A 872 12.96 9.63 -26.53
C LEU A 872 13.66 10.64 -25.64
N ARG A 873 14.36 11.61 -26.23
CA ARG A 873 15.10 12.61 -25.46
C ARG A 873 14.22 13.77 -25.02
N LEU A 874 13.05 13.96 -25.65
CA LEU A 874 12.12 14.99 -25.22
C LEU A 874 11.55 14.72 -23.84
N ILE A 875 11.88 13.60 -23.20
CA ILE A 875 11.39 13.33 -21.86
C ILE A 875 12.22 14.05 -20.81
N SER A 876 13.47 14.41 -21.12
CA SER A 876 14.28 15.20 -20.21
C SER A 876 13.73 16.60 -20.01
N LEU A 877 12.84 17.05 -20.89
CA LEU A 877 12.24 18.37 -20.82
C LEU A 877 11.02 18.41 -19.92
N PHE A 878 10.78 17.35 -19.14
CA PHE A 878 9.61 17.30 -18.28
C PHE A 878 9.86 17.97 -16.93
N THR A 879 11.11 18.02 -16.48
CA THR A 879 11.42 18.65 -15.20
C THR A 879 11.07 20.13 -15.18
N ALA A 880 10.94 20.77 -16.35
CA ALA A 880 10.61 22.18 -16.41
C ALA A 880 9.15 22.46 -16.05
N ASN A 881 8.30 21.44 -15.99
CA ASN A 881 6.87 21.62 -15.76
C ASN A 881 6.52 21.22 -14.33
N SER A 882 5.53 21.91 -13.76
CA SER A 882 5.15 21.67 -12.38
C SER A 882 4.31 20.41 -12.21
N HIS A 883 3.66 19.93 -13.26
CA HIS A 883 2.78 18.78 -13.20
C HIS A 883 3.46 17.48 -13.62
N LEU A 884 4.19 17.50 -14.72
CA LEU A 884 4.84 16.32 -15.25
C LEU A 884 6.28 16.16 -14.76
N GLY A 885 6.81 17.12 -14.02
CA GLY A 885 8.16 17.06 -13.52
C GLY A 885 8.35 16.06 -12.39
N PRO A 886 7.52 16.17 -11.34
CA PRO A 886 7.61 15.19 -10.25
C PRO A 886 7.37 13.76 -10.68
N LEU A 887 6.51 13.51 -11.68
CA LEU A 887 6.40 12.18 -12.24
C LEU A 887 7.72 11.72 -12.83
N GLN A 888 8.21 12.42 -13.86
CA GLN A 888 9.43 12.02 -14.54
C GLN A 888 10.59 11.83 -13.57
N ILE A 889 10.61 12.60 -12.48
CA ILE A 889 11.65 12.39 -11.48
C ILE A 889 11.36 11.17 -10.61
N SER A 890 10.09 10.90 -10.30
CA SER A 890 9.73 9.76 -9.48
C SER A 890 9.66 8.46 -10.26
N LEU A 891 9.46 8.51 -11.57
CA LEU A 891 9.49 7.32 -12.39
C LEU A 891 10.91 6.88 -12.73
N GLY A 892 11.87 7.80 -12.71
CA GLY A 892 13.26 7.45 -12.93
C GLY A 892 13.98 6.90 -11.72
N ARG A 893 13.39 7.05 -10.53
CA ARG A 893 13.91 6.43 -9.33
C ARG A 893 13.29 5.06 -9.08
N MET A 894 12.20 4.73 -9.77
CA MET A 894 11.62 3.39 -9.78
C MET A 894 12.28 2.50 -10.82
N LEU A 895 13.27 3.00 -11.54
CA LEU A 895 13.93 2.26 -12.61
C LEU A 895 15.16 1.52 -12.12
N LEU A 896 15.77 1.93 -11.02
CA LEU A 896 16.95 1.24 -10.53
C LEU A 896 16.59 -0.02 -9.76
N ASP A 897 15.33 -0.15 -9.36
CA ASP A 897 14.83 -1.37 -8.77
C ASP A 897 14.16 -2.30 -9.78
N ILE A 898 13.93 -1.82 -11.00
CA ILE A 898 13.54 -2.71 -12.09
C ILE A 898 14.76 -3.39 -12.68
N LEU A 899 15.86 -2.65 -12.84
CA LEU A 899 17.04 -3.20 -13.47
C LEU A 899 17.66 -4.33 -12.65
N LYS A 900 17.46 -4.33 -11.34
CA LYS A 900 17.91 -5.46 -10.53
C LYS A 900 16.88 -6.57 -10.45
N PHE A 901 15.65 -6.31 -10.90
CA PHE A 901 14.66 -7.37 -11.04
C PHE A 901 14.75 -8.06 -12.40
N LEU A 902 15.18 -7.33 -13.43
CA LEU A 902 15.46 -7.92 -14.73
C LEU A 902 16.79 -8.65 -14.77
N PHE A 903 17.39 -8.87 -13.61
CA PHE A 903 18.54 -9.75 -13.45
C PHE A 903 18.15 -11.11 -12.89
N ILE A 904 17.04 -11.17 -12.15
CA ILE A 904 16.50 -12.45 -11.71
C ILE A 904 15.79 -13.15 -12.85
N TYR A 905 15.09 -12.38 -13.69
CA TYR A 905 14.37 -12.95 -14.81
C TYR A 905 15.29 -13.53 -15.87
N CYS A 906 16.52 -13.02 -15.97
CA CYS A 906 17.46 -13.58 -16.94
C CYS A 906 17.89 -14.99 -16.57
N LEU A 907 18.03 -15.28 -15.28
CA LEU A 907 18.34 -16.64 -14.86
C LEU A 907 17.23 -17.60 -15.24
N VAL A 908 15.98 -17.20 -15.04
CA VAL A 908 14.85 -18.05 -15.39
C VAL A 908 14.78 -18.26 -16.89
N LEU A 909 14.92 -17.16 -17.66
CA LEU A 909 14.94 -17.26 -19.10
C LEU A 909 16.02 -18.21 -19.59
N LEU A 910 17.23 -18.08 -19.06
CA LEU A 910 18.34 -18.90 -19.53
C LEU A 910 18.16 -20.37 -19.13
N ALA A 911 17.73 -20.62 -17.91
CA ALA A 911 17.50 -22.00 -17.46
C ALA A 911 16.45 -22.69 -18.34
N PHE A 912 15.32 -22.02 -18.55
CA PHE A 912 14.25 -22.67 -19.31
C PHE A 912 14.57 -22.74 -20.80
N ALA A 913 15.38 -21.81 -21.32
CA ALA A 913 15.81 -21.92 -22.70
C ALA A 913 16.77 -23.09 -22.89
N ASN A 914 17.71 -23.27 -21.97
CA ASN A 914 18.57 -24.45 -21.99
C ASN A 914 17.73 -25.72 -21.97
N GLY A 915 16.77 -25.79 -21.05
CA GLY A 915 15.95 -26.99 -20.95
C GLY A 915 15.10 -27.25 -22.17
N LEU A 916 14.55 -26.18 -22.76
CA LEU A 916 13.66 -26.36 -23.91
C LEU A 916 14.41 -26.61 -25.20
N ASN A 917 15.66 -26.17 -25.31
CA ASN A 917 16.46 -26.49 -26.48
C ASN A 917 17.14 -27.85 -26.39
N GLN A 918 17.48 -28.30 -25.18
CA GLN A 918 18.03 -29.65 -25.02
C GLN A 918 17.06 -30.74 -25.47
N LEU A 919 15.75 -30.44 -25.52
CA LEU A 919 14.74 -31.42 -25.85
C LEU A 919 14.29 -31.37 -27.31
N TYR A 920 14.46 -30.24 -27.98
CA TYR A 920 13.84 -30.03 -29.28
C TYR A 920 14.81 -29.81 -30.42
N PHE A 921 16.10 -30.03 -30.22
CA PHE A 921 17.06 -29.74 -31.29
C PHE A 921 17.26 -30.90 -32.25
N TYR A 922 16.69 -32.07 -31.96
CA TYR A 922 16.74 -33.18 -32.90
C TYR A 922 15.75 -33.02 -34.05
N TYR A 923 14.69 -32.23 -33.85
CA TYR A 923 13.60 -32.12 -34.82
C TYR A 923 13.67 -30.83 -35.62
N GLU A 924 14.85 -30.25 -35.74
CA GLU A 924 15.01 -29.02 -36.51
C GLU A 924 14.89 -29.31 -38.00
N THR A 925 13.88 -28.75 -38.64
CA THR A 925 13.68 -28.92 -40.06
C THR A 925 14.41 -27.81 -40.82
N ARG A 926 14.26 -27.79 -42.14
CA ARG A 926 14.90 -26.80 -42.98
C ARG A 926 13.88 -25.74 -43.40
N ALA A 927 14.38 -24.64 -43.94
CA ALA A 927 13.53 -23.55 -44.42
C ALA A 927 12.75 -23.93 -45.67
N ILE A 928 13.06 -25.06 -46.29
CA ILE A 928 12.36 -25.51 -47.48
C ILE A 928 11.26 -26.52 -47.16
N ASP A 929 11.43 -27.34 -46.13
CA ASP A 929 10.42 -28.31 -45.72
C ASP A 929 9.15 -27.65 -45.20
N GLU A 930 9.17 -26.33 -44.97
CA GLU A 930 8.08 -25.60 -44.33
C GLU A 930 7.28 -24.80 -45.35
N PRO A 931 5.99 -24.60 -45.10
CA PRO A 931 5.16 -23.85 -46.06
C PRO A 931 5.65 -22.43 -46.24
N ASN A 932 5.46 -21.94 -47.47
CA ASN A 932 5.86 -20.60 -47.91
C ASN A 932 7.37 -20.42 -47.88
N ASN A 933 8.13 -21.49 -47.68
CA ASN A 933 9.59 -21.44 -47.64
C ASN A 933 10.07 -20.39 -46.64
N CYS A 934 9.71 -20.61 -45.37
CA CYS A 934 9.99 -19.64 -44.33
C CYS A 934 10.10 -20.38 -43.00
N LYS A 935 11.03 -19.95 -42.17
CA LYS A 935 11.41 -20.68 -40.96
C LYS A 935 11.54 -19.71 -39.80
N GLY A 936 10.99 -20.08 -38.63
CA GLY A 936 11.10 -19.29 -37.43
C GLY A 936 9.74 -19.01 -36.84
N ILE A 937 9.70 -18.08 -35.89
CA ILE A 937 8.46 -17.72 -35.21
C ILE A 937 7.82 -16.45 -35.76
N ARG A 938 8.52 -15.69 -36.61
CA ARG A 938 7.93 -14.54 -37.27
C ARG A 938 7.25 -14.93 -38.58
N CYS A 939 6.83 -16.19 -38.70
CA CYS A 939 6.09 -16.70 -39.84
C CYS A 939 4.60 -16.68 -39.52
N GLU A 940 3.78 -16.85 -40.55
CA GLU A 940 2.34 -16.92 -40.32
C GLU A 940 1.97 -18.17 -39.55
N LYS A 941 2.57 -19.31 -39.91
CA LYS A 941 2.50 -20.52 -39.09
C LYS A 941 3.85 -20.71 -38.43
N GLN A 942 3.91 -20.44 -37.13
CA GLN A 942 5.18 -20.47 -36.42
C GLN A 942 5.72 -21.89 -36.34
N ASN A 943 7.02 -22.02 -36.57
CA ASN A 943 7.67 -23.33 -36.58
C ASN A 943 9.10 -23.15 -36.10
N ASN A 944 9.72 -24.28 -35.75
CA ASN A 944 11.10 -24.31 -35.26
C ASN A 944 11.30 -23.29 -34.14
N ALA A 945 10.46 -23.38 -33.12
CA ALA A 945 10.48 -22.40 -32.06
C ALA A 945 11.57 -22.68 -31.03
N PHE A 946 11.93 -23.94 -30.82
CA PHE A 946 12.89 -24.33 -29.79
C PHE A 946 14.04 -25.13 -30.36
N SER A 947 14.41 -24.88 -31.61
CA SER A 947 15.42 -25.68 -32.31
C SER A 947 16.82 -25.10 -32.20
N THR A 948 16.95 -23.81 -31.93
CA THR A 948 18.24 -23.17 -31.69
C THR A 948 18.14 -22.42 -30.37
N LEU A 949 19.28 -22.17 -29.74
CA LEU A 949 19.28 -21.42 -28.49
C LEU A 949 18.92 -19.96 -28.73
N PHE A 950 19.48 -19.36 -29.78
CA PHE A 950 19.13 -17.99 -30.13
C PHE A 950 17.65 -17.87 -30.49
N GLU A 951 17.05 -18.95 -30.97
CA GLU A 951 15.63 -18.96 -31.29
C GLU A 951 14.76 -19.32 -30.09
N THR A 952 15.27 -20.16 -29.18
CA THR A 952 14.55 -20.45 -27.95
C THR A 952 14.44 -19.22 -27.07
N LEU A 953 15.49 -18.41 -27.00
CA LEU A 953 15.43 -17.20 -26.19
C LEU A 953 14.37 -16.22 -26.71
N GLN A 954 14.29 -16.05 -28.03
CA GLN A 954 13.25 -15.20 -28.60
C GLN A 954 11.86 -15.78 -28.42
N SER A 955 11.72 -17.10 -28.58
CA SER A 955 10.44 -17.74 -28.34
C SER A 955 9.95 -17.50 -26.92
N LEU A 956 10.84 -17.64 -25.94
CA LEU A 956 10.46 -17.43 -24.55
C LEU A 956 10.29 -15.96 -24.20
N PHE A 957 10.92 -15.05 -24.95
CA PHE A 957 10.62 -13.64 -24.75
C PHE A 957 9.23 -13.29 -25.25
N TRP A 958 8.88 -13.75 -26.45
CA TRP A 958 7.62 -13.38 -27.05
C TRP A 958 6.42 -14.08 -26.41
N SER A 959 6.64 -15.00 -25.48
CA SER A 959 5.53 -15.64 -24.79
C SER A 959 5.09 -14.86 -23.56
N VAL A 960 5.89 -13.89 -23.10
CA VAL A 960 5.48 -13.01 -22.03
C VAL A 960 4.28 -12.18 -22.46
N PHE A 961 4.17 -11.90 -23.76
CA PHE A 961 3.12 -11.05 -24.30
C PHE A 961 2.03 -11.83 -25.00
N GLY A 962 2.13 -13.15 -25.05
CA GLY A 962 1.10 -13.98 -25.65
C GLY A 962 1.18 -14.09 -27.15
N LEU A 963 2.35 -13.84 -27.74
CA LEU A 963 2.52 -13.85 -29.19
C LEU A 963 3.14 -15.13 -29.70
N LEU A 964 3.19 -16.18 -28.88
CA LEU A 964 3.70 -17.48 -29.29
C LEU A 964 2.58 -18.51 -29.14
N ASN A 965 2.22 -19.15 -30.24
CA ASN A 965 1.10 -20.07 -30.27
C ASN A 965 1.51 -21.42 -29.70
N LEU A 966 0.51 -22.15 -29.18
CA LEU A 966 0.79 -23.38 -28.46
C LEU A 966 1.19 -24.52 -29.39
N TYR A 967 0.70 -24.50 -30.63
CA TYR A 967 1.00 -25.59 -31.56
C TYR A 967 2.48 -25.68 -31.92
N VAL A 968 3.30 -24.70 -31.51
CA VAL A 968 4.74 -24.81 -31.71
C VAL A 968 5.37 -25.85 -30.81
N THR A 969 4.58 -26.47 -29.93
CA THR A 969 5.10 -27.53 -29.07
C THR A 969 5.14 -28.88 -29.78
N ASN A 970 4.38 -29.03 -30.85
CA ASN A 970 4.31 -30.30 -31.56
C ASN A 970 5.53 -30.50 -32.47
N VAL A 971 5.67 -31.74 -32.94
CA VAL A 971 6.69 -32.10 -33.93
C VAL A 971 6.01 -32.95 -35.00
N LYS A 972 6.73 -33.13 -36.12
CA LYS A 972 6.15 -33.88 -37.23
C LYS A 972 6.04 -35.37 -36.91
N ALA A 973 7.16 -36.00 -36.56
CA ALA A 973 7.16 -37.39 -36.12
C ALA A 973 6.60 -37.41 -34.71
N ARG A 974 5.28 -37.32 -34.60
CA ARG A 974 4.65 -36.99 -33.32
C ARG A 974 4.99 -38.01 -32.25
N HIS A 975 5.80 -37.57 -31.28
CA HIS A 975 6.12 -38.34 -30.09
C HIS A 975 5.36 -37.71 -28.94
N GLU A 976 4.44 -38.48 -28.36
CA GLU A 976 3.49 -37.91 -27.41
C GLU A 976 4.02 -37.86 -25.98
N PHE A 977 5.24 -38.33 -25.74
CA PHE A 977 5.87 -38.15 -24.44
C PHE A 977 6.79 -36.93 -24.42
N THR A 978 7.53 -36.69 -25.50
CA THR A 978 8.40 -35.53 -25.56
C THR A 978 7.63 -34.24 -25.82
N GLU A 979 6.54 -34.31 -26.57
CA GLU A 979 5.68 -33.14 -26.76
C GLU A 979 5.03 -32.71 -25.45
N PHE A 980 4.62 -33.67 -24.63
CA PHE A 980 4.02 -33.33 -23.34
C PHE A 980 5.05 -32.75 -22.38
N VAL A 981 6.26 -33.29 -22.35
CA VAL A 981 7.30 -32.72 -21.50
C VAL A 981 7.66 -31.31 -21.98
N GLY A 982 7.74 -31.12 -23.29
CA GLY A 982 8.03 -29.80 -23.82
C GLY A 982 6.92 -28.78 -23.60
N ALA A 983 5.67 -29.22 -23.55
CA ALA A 983 4.58 -28.35 -23.19
C ALA A 983 4.53 -28.05 -21.70
N THR A 984 4.92 -29.00 -20.85
CA THR A 984 4.97 -28.77 -19.42
C THR A 984 6.11 -27.85 -19.00
N MET A 985 7.26 -27.92 -19.65
CA MET A 985 8.31 -26.95 -19.40
C MET A 985 7.89 -25.54 -19.80
N PHE A 986 7.22 -25.40 -20.94
CA PHE A 986 6.68 -24.12 -21.37
C PHE A 986 5.62 -23.62 -20.39
N GLY A 987 4.80 -24.52 -19.87
CA GLY A 987 3.76 -24.12 -18.93
C GLY A 987 4.32 -23.66 -17.59
N THR A 988 5.32 -24.37 -17.07
CA THR A 988 5.94 -23.93 -15.82
C THR A 988 6.71 -22.64 -16.01
N TYR A 989 7.33 -22.44 -17.18
CA TYR A 989 7.92 -21.13 -17.47
C TYR A 989 6.86 -20.05 -17.41
N ASN A 990 5.70 -20.30 -18.03
CA ASN A 990 4.64 -19.30 -18.03
C ASN A 990 4.16 -19.01 -16.62
N VAL A 991 4.05 -20.02 -15.77
CA VAL A 991 3.60 -19.80 -14.39
C VAL A 991 4.63 -18.98 -13.62
N ILE A 992 5.90 -19.33 -13.75
CA ILE A 992 6.94 -18.63 -12.99
C ILE A 992 7.07 -17.18 -13.46
N SER A 993 6.92 -16.93 -14.76
CA SER A 993 7.19 -15.61 -15.27
C SER A 993 5.98 -14.68 -15.28
N LEU A 994 4.78 -15.19 -15.46
CA LEU A 994 3.61 -14.34 -15.65
C LEU A 994 2.65 -14.34 -14.46
N VAL A 995 2.90 -15.16 -13.45
CA VAL A 995 2.01 -15.22 -12.29
C VAL A 995 2.82 -14.95 -11.03
N VAL A 996 4.11 -15.27 -11.07
CA VAL A 996 4.95 -15.15 -9.88
C VAL A 996 5.85 -13.94 -10.02
N LEU A 997 6.75 -13.95 -11.01
CA LEU A 997 7.76 -12.91 -11.13
C LEU A 997 7.20 -11.59 -11.62
N LEU A 998 5.98 -11.56 -12.14
CA LEU A 998 5.39 -10.32 -12.63
C LEU A 998 4.55 -9.62 -11.59
N ASN A 999 3.90 -10.37 -10.70
CA ASN A 999 3.21 -9.77 -9.57
C ASN A 999 4.17 -9.32 -8.48
N MET A 1000 5.32 -9.99 -8.34
CA MET A 1000 6.36 -9.53 -7.43
C MET A 1000 6.90 -8.17 -7.83
N LEU A 1001 7.05 -7.92 -9.14
CA LEU A 1001 7.52 -6.62 -9.59
C LEU A 1001 6.53 -5.51 -9.24
N ILE A 1002 5.24 -5.77 -9.38
CA ILE A 1002 4.23 -4.80 -8.95
C ILE A 1002 4.30 -4.60 -7.44
N ALA A 1003 4.48 -5.69 -6.69
CA ALA A 1003 4.57 -5.58 -5.24
C ALA A 1003 5.75 -4.72 -4.82
N MET A 1004 6.87 -4.82 -5.53
CA MET A 1004 8.02 -3.98 -5.20
C MET A 1004 7.82 -2.54 -5.65
N MET A 1005 7.23 -2.32 -6.82
CA MET A 1005 7.03 -0.96 -7.29
C MET A 1005 6.01 -0.21 -6.43
N ASN A 1006 5.06 -0.92 -5.84
CA ASN A 1006 4.11 -0.26 -4.94
C ASN A 1006 4.80 0.23 -3.69
N ASN A 1007 5.70 -0.57 -3.13
CA ASN A 1007 6.41 -0.19 -1.91
C ASN A 1007 7.49 0.85 -2.18
N SER A 1008 8.10 0.79 -3.36
CA SER A 1008 9.16 1.74 -3.71
C SER A 1008 8.62 3.10 -4.07
N TYR A 1009 7.37 3.18 -4.52
CA TYR A 1009 6.75 4.45 -4.88
C TYR A 1009 6.17 5.18 -3.69
N GLN A 1010 5.78 4.47 -2.63
CA GLN A 1010 5.28 5.11 -1.42
C GLN A 1010 6.39 5.81 -0.65
N LEU A 1011 7.59 5.25 -0.63
CA LEU A 1011 8.74 5.86 0.01
C LEU A 1011 9.36 6.96 -0.83
N ILE A 1012 8.99 7.06 -2.10
CA ILE A 1012 9.50 8.08 -2.99
C ILE A 1012 8.64 9.34 -2.99
N ALA A 1013 7.33 9.21 -2.95
CA ALA A 1013 6.42 10.35 -3.03
C ALA A 1013 6.55 11.31 -1.86
N ASP A 1014 7.35 10.98 -0.85
CA ASP A 1014 7.60 11.94 0.22
C ASP A 1014 8.57 13.03 -0.23
N HIS A 1015 9.69 12.62 -0.82
CA HIS A 1015 10.71 13.54 -1.29
C HIS A 1015 10.50 13.96 -2.74
N ALA A 1016 9.32 13.70 -3.29
CA ALA A 1016 9.09 13.94 -4.71
C ALA A 1016 9.15 15.42 -5.08
N ASP A 1017 8.96 16.32 -4.11
CA ASP A 1017 8.98 17.74 -4.41
C ASP A 1017 10.36 18.37 -4.21
N ILE A 1018 11.19 17.78 -3.34
CA ILE A 1018 12.55 18.27 -3.16
C ILE A 1018 13.47 17.79 -4.27
N GLU A 1019 13.35 16.53 -4.69
CA GLU A 1019 14.13 16.03 -5.81
C GLU A 1019 13.79 16.72 -7.12
N TRP A 1020 12.51 16.99 -7.36
CA TRP A 1020 12.12 17.70 -8.58
C TRP A 1020 12.69 19.11 -8.60
N LYS A 1021 12.65 19.81 -7.47
CA LYS A 1021 13.19 21.16 -7.44
C LYS A 1021 14.71 21.16 -7.58
N PHE A 1022 15.39 20.18 -6.97
CA PHE A 1022 16.83 20.03 -7.19
C PHE A 1022 17.16 19.76 -8.65
N ALA A 1023 16.33 18.98 -9.36
CA ALA A 1023 16.59 18.70 -10.77
C ALA A 1023 16.27 19.89 -11.67
N ARG A 1024 15.16 20.58 -11.40
CA ARG A 1024 14.81 21.78 -12.13
C ARG A 1024 15.83 22.90 -11.92
N THR A 1025 16.43 23.00 -10.74
CA THR A 1025 17.48 23.98 -10.52
C THR A 1025 18.69 23.70 -11.40
N LYS A 1026 19.07 22.42 -11.56
CA LYS A 1026 20.19 22.10 -12.44
C LYS A 1026 19.83 22.28 -13.90
N LEU A 1027 18.58 22.06 -14.27
CA LEU A 1027 18.15 22.36 -15.63
C LEU A 1027 18.17 23.85 -15.89
N TRP A 1028 17.86 24.66 -14.88
CA TRP A 1028 17.88 26.11 -15.04
C TRP A 1028 19.31 26.64 -15.12
N MET A 1029 20.19 26.15 -14.25
CA MET A 1029 21.56 26.65 -14.20
C MET A 1029 22.33 26.38 -15.48
N SER A 1030 21.83 25.51 -16.35
CA SER A 1030 22.52 25.22 -17.61
C SER A 1030 22.22 26.24 -18.69
N TYR A 1031 21.22 27.10 -18.49
CA TYR A 1031 20.92 28.18 -19.43
C TYR A 1031 21.31 29.54 -18.89
N PHE A 1032 22.09 29.59 -17.82
CA PHE A 1032 22.49 30.86 -17.22
C PHE A 1032 23.77 31.42 -17.82
N ASP A 1033 24.64 30.55 -18.32
CA ASP A 1033 25.94 30.97 -18.84
C ASP A 1033 25.78 31.53 -20.26
N GLU A 1034 26.89 31.75 -20.94
CA GLU A 1034 26.88 32.30 -22.28
C GLU A 1034 27.47 31.38 -23.33
N GLY A 1035 28.18 30.33 -22.93
CA GLY A 1035 28.83 29.42 -23.85
C GLY A 1035 27.95 28.86 -24.95
N GLY A 1036 26.98 28.02 -24.58
CA GLY A 1036 26.09 27.42 -25.56
C GLY A 1036 24.81 28.20 -25.74
N THR A 1037 24.92 29.51 -25.97
CA THR A 1037 23.73 30.35 -26.08
C THR A 1037 22.94 30.04 -27.33
N LEU A 1038 23.60 29.59 -28.39
CA LEU A 1038 22.99 29.57 -29.71
C LEU A 1038 22.62 28.14 -30.09
N PRO A 1039 21.41 27.92 -30.59
CA PRO A 1039 20.90 26.54 -30.78
C PRO A 1039 21.77 25.75 -31.76
N PRO A 1040 21.58 24.42 -31.81
CA PRO A 1040 22.49 23.55 -32.58
C PRO A 1040 22.53 23.87 -34.07
N PRO A 1041 21.41 24.24 -34.72
CA PRO A 1041 21.52 24.59 -36.15
C PRO A 1041 22.52 25.70 -36.42
N PHE A 1042 22.49 26.76 -35.62
CA PHE A 1042 23.45 27.86 -35.75
C PHE A 1042 24.68 27.67 -34.88
N ASN A 1043 24.77 26.56 -34.13
CA ASN A 1043 25.91 26.32 -33.26
C ASN A 1043 27.21 26.24 -34.05
N ILE A 1044 27.16 25.75 -35.29
CA ILE A 1044 28.36 25.51 -36.07
C ILE A 1044 28.64 26.61 -37.09
N ILE A 1045 27.73 27.57 -37.26
CA ILE A 1045 27.92 28.66 -38.21
C ILE A 1045 29.00 29.61 -37.72
N ASN A 1084 42.57 41.48 -5.59
CA ASN A 1084 42.09 41.18 -4.24
C ASN A 1084 41.53 42.42 -3.57
N ALA A 1085 41.26 43.45 -4.36
CA ALA A 1085 40.68 44.67 -3.81
C ALA A 1085 39.23 44.43 -3.37
N ASP A 1086 38.46 43.73 -4.19
CA ASP A 1086 37.09 43.39 -3.83
C ASP A 1086 36.98 42.02 -3.16
N SER A 1087 37.98 41.16 -3.33
CA SER A 1087 37.99 39.81 -2.75
C SER A 1087 38.16 39.83 -1.25
N LEU A 1088 38.25 40.98 -0.62
CA LEU A 1088 38.25 41.08 0.84
C LEU A 1088 37.01 41.74 1.41
N ILE A 1089 36.46 42.76 0.73
CA ILE A 1089 35.17 43.30 1.14
C ILE A 1089 34.07 42.27 0.91
N GLN A 1090 34.15 41.55 -0.21
CA GLN A 1090 33.19 40.48 -0.50
C GLN A 1090 33.28 39.38 0.53
N ASN A 1091 34.47 39.15 1.09
CA ASN A 1091 34.65 38.14 2.13
C ASN A 1091 34.31 38.66 3.52
N GLN A 1092 34.34 39.98 3.71
CA GLN A 1092 34.02 40.60 4.99
C GLN A 1092 32.52 40.74 5.19
N HIS A 1093 31.77 41.05 4.14
CA HIS A 1093 30.31 41.09 4.26
C HIS A 1093 29.71 39.72 4.55
N TYR A 1094 30.27 38.67 3.93
CA TYR A 1094 29.80 37.32 4.20
C TYR A 1094 29.98 36.95 5.66
N GLN A 1095 31.07 37.39 6.28
CA GLN A 1095 31.30 37.05 7.68
C GLN A 1095 30.29 37.73 8.60
N GLU A 1096 29.90 38.97 8.31
CA GLU A 1096 28.85 39.62 9.09
C GLU A 1096 27.51 38.91 8.92
N VAL A 1097 27.17 38.54 7.68
CA VAL A 1097 25.93 37.83 7.45
C VAL A 1097 25.92 36.50 8.19
N ILE A 1098 27.06 35.79 8.18
CA ILE A 1098 27.15 34.52 8.89
C ILE A 1098 27.04 34.72 10.39
N ARG A 1099 27.66 35.76 10.92
CA ARG A 1099 27.54 36.07 12.35
C ARG A 1099 26.09 36.25 12.74
N ASN A 1100 25.35 37.05 11.97
CA ASN A 1100 23.95 37.30 12.28
C ASN A 1100 23.12 36.02 12.17
N LEU A 1101 23.34 35.25 11.10
CA LEU A 1101 22.58 34.01 10.91
C LEU A 1101 22.82 33.03 12.05
N VAL A 1102 24.08 32.84 12.43
CA VAL A 1102 24.39 31.90 13.50
C VAL A 1102 23.82 32.38 14.83
N LYS A 1103 23.90 33.69 15.10
CA LYS A 1103 23.33 34.22 16.33
C LYS A 1103 21.85 33.94 16.42
N ARG A 1104 21.09 34.30 15.39
CA ARG A 1104 19.65 34.12 15.49
C ARG A 1104 19.23 32.65 15.36
N TYR A 1105 20.03 31.80 14.71
CA TYR A 1105 19.72 30.38 14.69
C TYR A 1105 19.95 29.74 16.05
N VAL A 1106 21.04 30.12 16.73
CA VAL A 1106 21.27 29.63 18.09
C VAL A 1106 20.14 30.10 19.00
N ALA A 1107 19.76 31.37 18.91
CA ALA A 1107 18.66 31.88 19.73
C ALA A 1107 17.37 31.15 19.45
N ALA A 1108 17.14 30.76 18.19
CA ALA A 1108 15.92 30.04 17.85
C ALA A 1108 15.96 28.57 18.25
N MET A 1109 17.14 27.98 18.36
CA MET A 1109 17.24 26.58 18.77
C MET A 1109 17.26 26.41 20.28
N ILE A 1110 17.75 27.40 21.03
CA ILE A 1110 17.72 27.32 22.48
C ILE A 1110 16.29 27.45 22.98
N ARG A 1111 15.58 28.48 22.52
CA ARG A 1111 14.21 28.70 22.96
C ARG A 1111 13.33 27.51 22.61
N ASN A 1112 13.57 26.88 21.46
CA ASN A 1112 12.72 25.79 20.98
C ASN A 1112 12.96 24.48 21.71
N SER A 1113 13.95 24.42 22.61
CA SER A 1113 14.24 23.20 23.36
C SER A 1113 13.32 23.07 24.57
N LYS A 1114 12.01 23.13 24.33
CA LYS A 1114 11.02 23.02 25.39
C LYS A 1114 9.94 22.01 25.02
N ARG B 398 -39.28 5.54 31.83
CA ARG B 398 -37.95 5.74 32.38
C ARG B 398 -37.28 4.40 32.69
N ILE B 399 -35.99 4.44 33.03
CA ILE B 399 -35.26 3.25 33.47
C ILE B 399 -34.63 3.55 34.83
N PRO B 400 -35.23 3.09 35.93
CA PRO B 400 -34.69 3.41 37.24
C PRO B 400 -33.34 2.74 37.46
N LEU B 401 -32.37 3.54 37.91
CA LEU B 401 -31.02 3.07 38.18
C LEU B 401 -30.84 2.88 39.68
N GLN B 402 -30.39 1.70 40.08
CA GLN B 402 -30.22 1.38 41.49
C GLN B 402 -29.11 0.34 41.61
N ILE B 403 -28.31 0.45 42.67
CA ILE B 403 -27.15 -0.41 42.82
C ILE B 403 -27.58 -1.85 43.02
N VAL B 404 -27.37 -2.66 42.00
CA VAL B 404 -27.61 -4.10 42.06
C VAL B 404 -26.40 -4.72 42.74
N ARG B 405 -26.61 -5.89 43.37
CA ARG B 405 -25.59 -6.61 44.15
C ARG B 405 -24.75 -5.63 44.99
N ALA B 406 -25.44 -4.95 45.90
CA ALA B 406 -24.84 -3.89 46.68
C ALA B 406 -23.79 -4.43 47.65
N GLU B 407 -22.88 -3.54 48.04
CA GLU B 407 -21.76 -3.89 48.91
C GLU B 407 -22.19 -3.75 50.37
N THR B 408 -21.25 -3.95 51.30
CA THR B 408 -21.53 -3.76 52.71
C THR B 408 -20.82 -2.50 53.20
N GLU B 409 -21.49 -1.80 54.13
CA GLU B 409 -20.97 -0.57 54.72
C GLU B 409 -21.07 -0.60 56.25
N LEU B 410 -20.50 -1.62 56.89
CA LEU B 410 -20.72 -2.05 58.28
C LEU B 410 -20.90 -0.83 59.19
N SER B 411 -19.94 0.10 59.25
CA SER B 411 -20.00 1.17 60.23
C SER B 411 -19.68 2.52 59.59
N ALA B 412 -19.71 3.59 60.38
CA ALA B 412 -19.44 4.95 59.91
C ALA B 412 -18.23 5.56 60.61
N GLU B 413 -17.98 5.17 61.86
CA GLU B 413 -16.76 5.59 62.54
C GLU B 413 -15.53 4.97 61.89
N GLU B 414 -15.70 3.81 61.26
CA GLU B 414 -14.62 3.16 60.54
C GLU B 414 -14.29 3.85 59.23
N LYS B 415 -15.15 4.75 58.76
CA LYS B 415 -14.89 5.52 57.55
C LYS B 415 -13.71 6.47 57.68
N ALA B 416 -13.32 6.83 58.91
CA ALA B 416 -12.24 7.77 59.16
C ALA B 416 -11.21 7.05 60.03
N PHE B 417 -10.17 6.53 59.40
CA PHE B 417 -9.14 5.78 60.10
C PHE B 417 -7.86 6.59 60.20
N VAL B 442 -14.19 -0.98 66.64
CA VAL B 442 -13.52 -0.65 65.39
C VAL B 442 -12.69 -1.84 64.91
N ASN B 443 -12.52 -1.96 63.60
CA ASN B 443 -11.72 -3.03 63.03
C ASN B 443 -10.59 -2.41 62.22
N ILE B 444 -9.37 -2.92 62.40
CA ILE B 444 -8.23 -2.37 61.69
C ILE B 444 -8.20 -2.84 60.24
N ASN B 445 -8.97 -3.88 59.92
CA ASN B 445 -9.02 -4.41 58.55
C ASN B 445 -10.18 -3.75 57.78
N CYS B 446 -10.02 -2.46 57.55
CA CYS B 446 -11.06 -1.63 56.92
C CYS B 446 -10.99 -1.81 55.40
N MET B 447 -11.73 -2.80 54.92
CA MET B 447 -11.83 -3.02 53.49
C MET B 447 -12.82 -2.02 52.88
N ASP B 448 -12.32 -1.16 52.00
CA ASP B 448 -13.15 -0.13 51.39
C ASP B 448 -13.96 -0.73 50.25
N PRO B 449 -14.79 0.05 49.53
CA PRO B 449 -15.48 -0.52 48.37
C PRO B 449 -14.55 -1.13 47.33
N LEU B 450 -13.38 -0.54 47.11
CA LEU B 450 -12.41 -1.09 46.16
C LEU B 450 -11.50 -2.13 46.79
N GLY B 451 -11.81 -2.63 47.98
CA GLY B 451 -11.01 -3.65 48.63
C GLY B 451 -9.64 -3.19 49.05
N ARG B 452 -9.51 -1.91 49.39
CA ARG B 452 -8.23 -1.32 49.78
C ARG B 452 -8.19 -1.26 51.31
N SER B 453 -7.44 -2.18 51.91
CA SER B 453 -7.28 -2.17 53.35
C SER B 453 -6.37 -1.03 53.79
N ALA B 454 -6.06 -1.01 55.09
CA ALA B 454 -5.19 0.03 55.63
C ALA B 454 -3.80 -0.03 55.02
N LEU B 455 -3.22 -1.23 54.94
CA LEU B 455 -1.88 -1.37 54.39
C LEU B 455 -1.83 -1.01 52.91
N LEU B 456 -2.92 -1.28 52.18
CA LEU B 456 -2.93 -0.92 50.76
C LEU B 456 -2.87 0.60 50.58
N ILE B 457 -3.57 1.34 51.44
CA ILE B 457 -3.52 2.79 51.37
C ILE B 457 -2.17 3.31 51.88
N ALA B 458 -1.59 2.66 52.88
CA ALA B 458 -0.28 3.06 53.38
C ALA B 458 0.85 2.65 52.46
N ILE B 459 0.58 1.81 51.46
CA ILE B 459 1.58 1.44 50.47
C ILE B 459 1.43 2.29 49.20
N GLU B 460 0.20 2.48 48.72
CA GLU B 460 0.00 3.35 47.57
C GLU B 460 0.49 4.76 47.83
N ASN B 461 0.25 5.28 49.02
CA ASN B 461 0.88 6.50 49.51
C ASN B 461 2.08 6.10 50.36
N GLU B 462 3.28 6.49 49.92
CA GLU B 462 4.52 6.02 50.55
C GLU B 462 4.65 6.65 51.93
N ASN B 463 3.85 6.13 52.87
CA ASN B 463 3.82 6.66 54.26
C ASN B 463 4.81 5.90 55.15
N LEU B 464 5.33 4.78 54.65
CA LEU B 464 6.30 3.94 55.40
C LEU B 464 5.76 3.67 56.81
N TYR B 476 -2.87 -7.68 60.12
CA TYR B 476 -3.02 -8.64 59.03
C TYR B 476 -2.45 -8.07 57.73
N VAL B 477 -1.42 -8.75 57.20
CA VAL B 477 -0.74 -8.30 55.99
C VAL B 477 -1.35 -8.92 54.74
N GLY B 478 -1.65 -10.22 54.79
CA GLY B 478 -2.16 -10.91 53.63
C GLY B 478 -1.15 -11.00 52.51
N ASP B 479 -1.40 -10.29 51.42
CA ASP B 479 -0.45 -10.23 50.30
C ASP B 479 -0.14 -8.79 49.95
N ALA B 480 0.16 -7.97 50.97
CA ALA B 480 0.53 -6.58 50.74
C ALA B 480 1.93 -6.44 50.15
N LEU B 481 2.74 -7.49 50.19
CA LEU B 481 4.05 -7.45 49.54
C LEU B 481 3.91 -7.39 48.02
N LEU B 482 2.90 -8.02 47.46
CA LEU B 482 2.69 -7.98 46.02
C LEU B 482 2.25 -6.59 45.56
N TYR B 483 1.62 -5.82 46.44
CA TYR B 483 1.25 -4.45 46.10
C TYR B 483 2.42 -3.48 46.25
N ALA B 484 3.45 -3.85 47.01
CA ALA B 484 4.65 -3.04 47.14
C ALA B 484 5.66 -3.34 46.05
N ILE B 485 5.82 -4.63 45.70
CA ILE B 485 6.75 -5.01 44.63
C ILE B 485 6.33 -4.40 43.31
N ARG B 486 5.04 -4.11 43.15
CA ARG B 486 4.48 -3.70 41.87
C ARG B 486 4.54 -2.19 41.64
N LYS B 487 5.10 -1.44 42.58
CA LYS B 487 5.12 0.01 42.41
C LYS B 487 6.53 0.58 42.56
N GLU B 488 7.28 0.09 43.56
CA GLU B 488 8.56 0.70 43.92
C GLU B 488 9.24 -0.03 45.07
N VAL B 489 10.46 0.40 45.42
CA VAL B 489 11.20 -0.22 46.52
C VAL B 489 11.60 0.83 47.54
N VAL B 490 10.75 1.02 48.53
CA VAL B 490 11.08 1.72 49.77
C VAL B 490 10.64 0.84 50.93
N GLY B 491 9.38 0.43 50.91
CA GLY B 491 8.83 -0.42 51.95
C GLY B 491 8.95 -1.89 51.67
N ALA B 492 9.46 -2.24 50.48
CA ALA B 492 9.67 -3.65 50.16
C ALA B 492 10.68 -4.29 51.09
N VAL B 493 11.69 -3.53 51.51
CA VAL B 493 12.64 -4.04 52.49
C VAL B 493 12.01 -4.10 53.88
N GLU B 494 10.97 -3.30 54.13
CA GLU B 494 10.31 -3.31 55.42
C GLU B 494 9.39 -4.52 55.58
N LEU B 495 8.56 -4.79 54.57
CA LEU B 495 7.68 -5.95 54.58
C LEU B 495 8.44 -7.27 54.47
N LEU B 496 9.70 -7.24 54.07
CA LEU B 496 10.49 -8.45 53.91
C LEU B 496 11.12 -8.93 55.21
N LEU B 497 11.07 -8.13 56.27
CA LEU B 497 11.58 -8.53 57.57
C LEU B 497 10.51 -8.64 58.64
N SER B 498 9.43 -7.88 58.53
CA SER B 498 8.34 -7.95 59.51
C SER B 498 7.62 -9.29 59.44
N GLN B 516 -11.98 -12.15 50.99
CA GLN B 516 -10.64 -12.24 50.42
C GLN B 516 -10.67 -11.86 48.94
N PHE B 517 -10.35 -10.60 48.66
CA PHE B 517 -10.27 -10.10 47.28
C PHE B 517 -8.88 -9.53 47.06
N SER B 518 -8.10 -10.19 46.20
CA SER B 518 -6.80 -9.71 45.79
C SER B 518 -6.82 -9.38 44.30
N GLU B 519 -5.98 -8.43 43.92
CA GLU B 519 -5.81 -8.04 42.53
C GLU B 519 -4.79 -8.91 41.81
N PHE B 520 -4.42 -10.05 42.40
CA PHE B 520 -3.45 -10.97 41.82
C PHE B 520 -4.02 -12.38 41.88
N THR B 521 -3.71 -13.16 40.85
CA THR B 521 -4.15 -14.55 40.79
C THR B 521 -3.54 -15.35 41.93
N PRO B 522 -4.17 -16.46 42.33
CA PRO B 522 -3.68 -17.21 43.50
C PRO B 522 -2.41 -17.99 43.25
N ASP B 523 -1.76 -17.79 42.11
CA ASP B 523 -0.54 -18.50 41.77
C ASP B 523 0.70 -17.61 41.77
N ILE B 524 0.55 -16.30 41.82
CA ILE B 524 1.70 -15.41 41.68
C ILE B 524 2.52 -15.41 42.96
N THR B 525 3.81 -15.64 42.82
CA THR B 525 4.80 -15.59 43.87
C THR B 525 5.48 -14.23 43.87
N PRO B 526 5.95 -13.74 45.03
CA PRO B 526 6.69 -12.47 45.04
C PRO B 526 7.83 -12.38 44.03
N ILE B 527 8.63 -13.44 43.88
CA ILE B 527 9.73 -13.38 42.92
C ILE B 527 9.20 -13.37 41.50
N MET B 528 8.09 -14.06 41.24
CA MET B 528 7.50 -14.05 39.90
C MET B 528 7.04 -12.65 39.52
N LEU B 529 6.35 -11.95 40.42
CA LEU B 529 5.91 -10.60 40.13
C LEU B 529 7.07 -9.61 40.07
N ALA B 530 8.10 -9.81 40.89
CA ALA B 530 9.29 -8.97 40.79
C ALA B 530 9.99 -9.15 39.46
N ALA B 531 9.94 -10.37 38.89
CA ALA B 531 10.49 -10.59 37.56
C ALA B 531 9.59 -10.05 36.47
N HIS B 532 8.28 -10.08 36.66
CA HIS B 532 7.37 -9.46 35.70
C HIS B 532 7.59 -7.95 35.63
N THR B 533 7.81 -7.32 36.78
CA THR B 533 8.03 -5.87 36.80
C THR B 533 9.38 -5.48 36.23
N ASN B 534 10.37 -6.37 36.29
CA ASN B 534 11.70 -6.14 35.72
C ASN B 534 12.37 -4.92 36.37
N ASN B 535 12.47 -4.95 37.69
CA ASN B 535 13.21 -3.97 38.46
C ASN B 535 14.42 -4.67 39.06
N TYR B 536 15.61 -4.12 38.84
CA TYR B 536 16.83 -4.82 39.22
C TYR B 536 17.01 -4.85 40.74
N GLU B 537 16.72 -3.73 41.41
CA GLU B 537 16.98 -3.65 42.84
C GLU B 537 16.01 -4.51 43.66
N ILE B 538 14.78 -4.67 43.19
CA ILE B 538 13.83 -5.52 43.89
C ILE B 538 14.12 -7.00 43.66
N ILE B 539 14.42 -7.39 42.41
CA ILE B 539 14.79 -8.77 42.15
C ILE B 539 16.06 -9.15 42.92
N LYS B 540 17.02 -8.22 43.03
CA LYS B 540 18.22 -8.50 43.81
C LYS B 540 17.88 -8.74 45.27
N LEU B 541 17.10 -7.85 45.87
CA LEU B 541 16.69 -8.01 47.26
C LEU B 541 15.99 -9.34 47.48
N LEU B 542 15.11 -9.73 46.56
CA LEU B 542 14.37 -10.97 46.74
C LEU B 542 15.22 -12.20 46.45
N VAL B 543 16.28 -12.07 45.65
CA VAL B 543 17.10 -13.24 45.33
C VAL B 543 18.25 -13.41 46.32
N GLN B 544 18.56 -12.38 47.11
CA GLN B 544 19.53 -12.57 48.19
C GLN B 544 19.10 -13.67 49.14
N LYS B 545 17.79 -13.85 49.32
CA LYS B 545 17.26 -14.90 50.17
C LYS B 545 17.02 -16.18 49.37
N ARG B 546 16.34 -17.14 50.01
CA ARG B 546 16.10 -18.43 49.38
C ARG B 546 14.76 -18.47 48.67
N VAL B 547 14.75 -18.12 47.38
CA VAL B 547 13.56 -18.18 46.55
C VAL B 547 13.79 -19.17 45.41
N THR B 548 12.68 -19.73 44.92
CA THR B 548 12.73 -20.70 43.84
C THR B 548 11.60 -20.41 42.85
N ILE B 549 11.71 -20.99 41.66
CA ILE B 549 10.67 -20.91 40.65
C ILE B 549 10.37 -22.32 40.15
N PRO B 550 9.10 -22.71 40.03
CA PRO B 550 8.79 -24.06 39.54
C PRO B 550 9.19 -24.26 38.09
N ARG B 551 10.05 -25.24 37.83
CA ARG B 551 10.50 -25.51 36.48
C ARG B 551 9.36 -26.08 35.63
N PRO B 552 9.06 -25.49 34.48
CA PRO B 552 8.03 -26.07 33.61
C PRO B 552 8.53 -27.38 33.01
N HIS B 553 7.63 -28.36 32.93
CA HIS B 553 8.04 -29.73 32.61
C HIS B 553 8.70 -29.83 31.24
N GLN B 554 7.93 -29.59 30.18
CA GLN B 554 8.44 -29.57 28.81
C GLN B 554 7.25 -29.28 27.90
N ILE B 555 7.54 -28.95 26.65
CA ILE B 555 6.50 -28.54 25.71
C ILE B 555 5.42 -29.61 25.63
N ARG B 556 5.79 -30.80 25.17
CA ARG B 556 4.85 -31.91 25.04
C ARG B 556 5.03 -32.90 26.20
N CYS B 557 4.48 -32.51 27.36
CA CYS B 557 4.51 -33.33 28.56
C CYS B 557 3.17 -34.04 28.70
N ASN B 558 3.20 -35.36 28.83
CA ASN B 558 2.01 -36.17 29.05
C ASN B 558 2.11 -37.02 30.31
N CYS B 559 2.75 -36.50 31.34
CA CYS B 559 2.91 -37.24 32.59
C CYS B 559 1.61 -37.20 33.39
N VAL B 560 1.69 -37.67 34.64
CA VAL B 560 0.49 -37.83 35.45
C VAL B 560 -0.15 -36.49 35.77
N GLU B 561 0.65 -35.44 35.99
CA GLU B 561 0.08 -34.17 36.43
C GLU B 561 -0.01 -33.17 35.28
N CYS B 562 0.79 -33.35 34.23
CA CYS B 562 0.60 -32.58 33.01
C CYS B 562 -0.74 -32.88 32.33
N VAL B 563 -1.41 -33.96 32.71
CA VAL B 563 -2.70 -34.32 32.16
C VAL B 563 -3.83 -34.17 33.18
N SER B 564 -3.55 -34.43 34.45
CA SER B 564 -4.56 -34.33 35.50
C SER B 564 -4.67 -32.93 36.09
N SER B 565 -3.84 -31.99 35.63
CA SER B 565 -4.04 -30.59 35.95
C SER B 565 -4.71 -29.81 34.83
N SER B 566 -4.44 -30.19 33.58
CA SER B 566 -5.11 -29.60 32.42
C SER B 566 -6.44 -30.26 32.13
N GLU B 567 -6.87 -31.21 32.97
CA GLU B 567 -8.19 -31.82 32.84
C GLU B 567 -9.10 -31.40 33.99
N VAL B 568 -8.60 -30.62 34.94
CA VAL B 568 -9.42 -30.09 36.02
C VAL B 568 -9.75 -28.64 35.69
N ASP B 569 -8.73 -27.80 35.58
CA ASP B 569 -8.96 -26.41 35.19
C ASP B 569 -8.64 -26.14 33.73
N SER B 570 -7.40 -26.36 33.31
CA SER B 570 -6.92 -26.05 31.97
C SER B 570 -6.90 -24.55 31.70
N LEU B 571 -7.40 -23.76 32.67
CA LEU B 571 -7.25 -22.32 32.59
C LEU B 571 -6.21 -21.83 33.60
N ARG B 572 -6.35 -22.29 34.85
CA ARG B 572 -5.33 -22.01 35.86
C ARG B 572 -3.99 -22.61 35.45
N HIS B 573 -3.99 -23.78 34.84
CA HIS B 573 -2.74 -24.41 34.41
C HIS B 573 -2.03 -23.56 33.36
N SER B 574 -2.77 -23.16 32.32
CA SER B 574 -2.19 -22.34 31.26
C SER B 574 -1.72 -20.99 31.79
N ARG B 575 -2.51 -20.36 32.67
CA ARG B 575 -2.12 -19.08 33.23
C ARG B 575 -0.86 -19.22 34.09
N SER B 576 -0.78 -20.27 34.91
CA SER B 576 0.40 -20.49 35.73
C SER B 576 1.64 -20.70 34.88
N ARG B 577 1.51 -21.52 33.83
CA ARG B 577 2.62 -21.75 32.91
C ARG B 577 3.08 -20.46 32.23
N LEU B 578 2.14 -19.65 31.73
CA LEU B 578 2.50 -18.38 31.13
C LEU B 578 3.17 -17.43 32.10
N ASN B 579 2.71 -17.39 33.35
CA ASN B 579 3.35 -16.52 34.34
C ASN B 579 4.75 -16.99 34.69
N ILE B 580 4.95 -18.30 34.80
CA ILE B 580 6.31 -18.82 35.04
C ILE B 580 7.23 -18.46 33.89
N TYR B 581 6.77 -18.62 32.64
CA TYR B 581 7.63 -18.30 31.52
C TYR B 581 7.85 -16.80 31.36
N LYS B 582 6.88 -15.99 31.81
CA LYS B 582 7.07 -14.54 31.78
C LYS B 582 8.04 -14.09 32.86
N ALA B 583 8.12 -14.82 33.97
CA ALA B 583 9.10 -14.50 34.99
C ALA B 583 10.50 -14.96 34.57
N LEU B 584 10.61 -16.15 33.99
CA LEU B 584 11.92 -16.66 33.59
C LEU B 584 12.54 -15.83 32.46
N ALA B 585 11.70 -15.31 31.56
CA ALA B 585 12.18 -14.52 30.42
C ALA B 585 12.33 -13.05 30.78
N SER B 586 13.05 -12.77 31.88
CA SER B 586 13.25 -11.42 32.37
C SER B 586 14.71 -11.04 32.24
N PRO B 587 15.05 -9.99 31.50
CA PRO B 587 16.47 -9.61 31.35
C PRO B 587 17.18 -9.34 32.67
N SER B 588 16.45 -9.08 33.75
CA SER B 588 17.07 -8.84 35.05
C SER B 588 17.19 -10.10 35.90
N LEU B 589 16.29 -11.07 35.72
CA LEU B 589 16.44 -12.37 36.36
C LEU B 589 17.42 -13.28 35.62
N ILE B 590 17.76 -12.94 34.37
CA ILE B 590 18.81 -13.65 33.66
C ILE B 590 20.18 -13.02 33.88
N ALA B 591 20.25 -11.69 34.09
CA ALA B 591 21.51 -11.02 34.36
C ALA B 591 22.17 -11.61 35.60
N LEU B 592 21.51 -11.48 36.74
CA LEU B 592 21.89 -12.21 37.94
C LEU B 592 21.22 -13.57 37.95
N SER B 593 21.87 -14.54 38.58
CA SER B 593 21.38 -15.93 38.66
C SER B 593 21.33 -16.58 37.28
N SER B 594 22.49 -16.57 36.62
CA SER B 594 22.71 -17.32 35.39
C SER B 594 24.20 -17.42 35.10
N GLU B 595 24.70 -18.62 34.84
CA GLU B 595 26.12 -18.80 34.58
C GLU B 595 26.54 -18.09 33.30
N ASP B 596 25.81 -18.30 32.22
CA ASP B 596 25.98 -17.52 31.00
C ASP B 596 24.61 -17.05 30.54
N PRO B 597 24.35 -15.74 30.56
CA PRO B 597 23.02 -15.25 30.18
C PRO B 597 22.76 -15.27 28.68
N ILE B 598 23.76 -15.58 27.85
CA ILE B 598 23.55 -15.61 26.41
C ILE B 598 22.98 -16.94 25.95
N LEU B 599 23.49 -18.06 26.47
CA LEU B 599 22.95 -19.36 26.11
C LEU B 599 21.58 -19.59 26.73
N THR B 600 21.35 -19.09 27.94
CA THR B 600 20.03 -19.15 28.55
C THR B 600 19.00 -18.38 27.74
N ALA B 601 19.37 -17.20 27.25
CA ALA B 601 18.48 -16.43 26.37
C ALA B 601 18.21 -17.14 25.06
N PHE B 602 19.21 -17.79 24.47
CA PHE B 602 18.97 -18.58 23.26
C PHE B 602 17.97 -19.70 23.52
N ARG B 603 18.19 -20.48 24.56
CA ARG B 603 17.30 -21.60 24.86
C ARG B 603 15.90 -21.11 25.20
N LEU B 604 15.78 -20.00 25.93
CA LEU B 604 14.46 -19.49 26.26
C LEU B 604 13.73 -18.95 25.04
N GLY B 605 14.43 -18.22 24.17
CA GLY B 605 13.81 -17.77 22.93
C GLY B 605 13.32 -18.94 22.09
N TRP B 606 14.13 -19.99 21.98
CA TRP B 606 13.72 -21.17 21.23
C TRP B 606 12.49 -21.83 21.86
N GLU B 607 12.51 -22.03 23.18
CA GLU B 607 11.40 -22.69 23.85
C GLU B 607 10.11 -21.89 23.70
N LEU B 608 10.20 -20.57 23.81
CA LEU B 608 9.00 -19.74 23.70
C LEU B 608 8.49 -19.68 22.26
N LYS B 609 9.39 -19.64 21.28
CA LYS B 609 8.95 -19.69 19.89
C LYS B 609 8.30 -21.02 19.56
N GLU B 610 8.80 -22.12 20.12
CA GLU B 610 8.20 -23.43 19.92
C GLU B 610 6.90 -23.60 20.68
N LEU B 611 6.74 -22.91 21.80
CA LEU B 611 5.50 -22.95 22.57
C LEU B 611 4.40 -22.06 22.00
N SER B 612 4.78 -21.01 21.28
CA SER B 612 3.77 -20.18 20.61
C SER B 612 3.01 -20.93 19.53
N LYS B 613 3.53 -22.08 19.07
CA LYS B 613 2.88 -22.90 18.06
C LYS B 613 1.99 -23.97 18.68
N VAL B 614 2.51 -24.67 19.69
CA VAL B 614 1.72 -25.71 20.36
C VAL B 614 0.53 -25.10 21.07
N GLU B 615 0.77 -24.04 21.84
CA GLU B 615 -0.33 -23.28 22.43
C GLU B 615 -0.98 -22.45 21.34
N ASN B 616 -2.02 -23.00 20.70
CA ASN B 616 -2.68 -22.34 19.59
C ASN B 616 -3.19 -20.97 20.00
N GLU B 617 -3.81 -20.90 21.17
CA GLU B 617 -4.16 -19.62 21.77
C GLU B 617 -2.98 -19.11 22.59
N PHE B 618 -3.10 -17.86 23.04
CA PHE B 618 -2.02 -17.16 23.75
C PHE B 618 -0.77 -17.07 22.86
N LYS B 619 -0.99 -17.15 21.54
CA LYS B 619 0.10 -17.05 20.58
C LYS B 619 0.69 -15.65 20.51
N ALA B 620 0.02 -14.65 21.08
CA ALA B 620 0.52 -13.29 21.01
C ALA B 620 1.47 -12.95 22.17
N GLU B 621 1.39 -13.67 23.28
CA GLU B 621 2.27 -13.41 24.41
C GLU B 621 3.57 -14.19 24.35
N TYR B 622 3.55 -15.42 23.87
CA TYR B 622 4.77 -16.19 23.73
C TYR B 622 5.72 -15.60 22.70
N GLU B 623 5.21 -15.03 21.62
CA GLU B 623 6.09 -14.38 20.65
C GLU B 623 6.70 -13.10 21.20
N GLU B 624 5.95 -12.34 22.00
CA GLU B 624 6.55 -11.14 22.59
C GLU B 624 7.58 -11.51 23.65
N LEU B 625 7.35 -12.60 24.39
CA LEU B 625 8.38 -13.07 25.32
C LEU B 625 9.63 -13.55 24.59
N SER B 626 9.45 -14.27 23.48
CA SER B 626 10.60 -14.70 22.70
C SER B 626 11.35 -13.53 22.10
N GLN B 627 10.64 -12.52 21.61
CA GLN B 627 11.27 -11.31 21.11
C GLN B 627 11.92 -10.48 22.22
N GLN B 628 11.47 -10.64 23.46
CA GLN B 628 12.11 -10.02 24.60
C GLN B 628 13.42 -10.70 24.97
N CYS B 629 13.48 -12.03 24.87
CA CYS B 629 14.75 -12.73 25.06
C CYS B 629 15.73 -12.47 23.92
N LYS B 630 15.25 -12.49 22.68
CA LYS B 630 16.11 -12.27 21.53
C LYS B 630 16.69 -10.86 21.53
N LEU B 631 15.96 -9.89 22.07
CA LEU B 631 16.43 -8.52 22.16
C LEU B 631 17.37 -8.30 23.34
N PHE B 632 17.28 -9.14 24.37
CA PHE B 632 18.21 -9.08 25.50
C PHE B 632 19.55 -9.71 25.16
N ALA B 633 19.54 -10.84 24.46
CA ALA B 633 20.79 -11.49 24.08
C ALA B 633 21.60 -10.66 23.11
N LYS B 634 20.97 -9.75 22.36
CA LYS B 634 21.68 -8.88 21.43
C LYS B 634 22.14 -7.58 22.08
N ASP B 635 21.32 -7.00 22.97
CA ASP B 635 21.69 -5.79 23.68
C ASP B 635 22.80 -6.01 24.69
N LEU B 636 23.17 -7.27 24.96
CA LEU B 636 24.31 -7.57 25.79
C LEU B 636 25.61 -7.64 25.01
N LEU B 637 25.54 -8.07 23.75
CA LEU B 637 26.69 -8.05 22.85
C LEU B 637 26.99 -6.65 22.35
N ASP B 638 26.02 -5.74 22.44
CA ASP B 638 26.24 -4.33 22.09
C ASP B 638 27.18 -3.61 23.04
N GLN B 639 27.48 -4.21 24.20
CA GLN B 639 28.28 -3.55 25.21
C GLN B 639 29.76 -3.94 25.16
N ALA B 640 30.17 -4.74 24.19
CA ALA B 640 31.59 -5.07 24.05
C ALA B 640 32.36 -3.83 23.62
N ARG B 641 33.43 -3.52 24.34
CA ARG B 641 34.21 -2.33 24.08
C ARG B 641 35.45 -2.59 23.24
N SER B 642 36.06 -3.75 23.36
CA SER B 642 37.22 -4.12 22.57
C SER B 642 36.92 -5.35 21.73
N SER B 643 37.83 -5.64 20.81
CA SER B 643 37.72 -6.83 19.98
C SER B 643 38.29 -8.07 20.63
N ARG B 644 39.11 -7.91 21.67
CA ARG B 644 39.60 -9.06 22.41
C ARG B 644 38.49 -9.72 23.21
N GLU B 645 37.52 -8.96 23.68
CA GLU B 645 36.39 -9.50 24.42
C GLU B 645 35.16 -9.71 23.54
N LEU B 646 35.30 -9.56 22.22
CA LEU B 646 34.28 -9.99 21.29
C LEU B 646 34.58 -11.35 20.69
N GLU B 647 35.86 -11.73 20.61
CA GLU B 647 36.24 -13.07 20.19
C GLU B 647 36.23 -14.07 21.33
N ILE B 648 36.17 -13.60 22.58
CA ILE B 648 35.98 -14.51 23.70
C ILE B 648 34.54 -15.00 23.74
N ILE B 649 33.58 -14.13 23.44
CA ILE B 649 32.18 -14.51 23.48
C ILE B 649 31.83 -15.43 22.30
N LEU B 650 32.30 -15.09 21.10
CA LEU B 650 31.91 -15.82 19.90
C LEU B 650 32.63 -17.15 19.74
N ASN B 651 33.69 -17.40 20.52
CA ASN B 651 34.47 -18.63 20.41
C ASN B 651 34.29 -19.55 21.61
N HIS B 652 33.28 -19.30 22.45
CA HIS B 652 33.16 -20.04 23.70
C HIS B 652 32.65 -21.45 23.46
N ARG B 653 33.33 -22.42 24.07
CA ARG B 653 32.98 -23.84 24.01
C ARG B 653 32.96 -24.36 22.58
N ASP B 667 37.41 -21.47 15.48
CA ASP B 667 36.08 -22.06 15.65
C ASP B 667 35.15 -21.10 16.37
N LEU B 668 34.10 -20.66 15.68
CA LEU B 668 33.11 -19.74 16.24
C LEU B 668 31.98 -20.57 16.83
N ALA B 669 32.24 -21.14 18.00
CA ALA B 669 31.38 -22.16 18.58
C ALA B 669 30.11 -21.60 19.20
N LYS B 670 30.03 -20.29 19.45
CA LYS B 670 28.80 -19.69 19.92
C LYS B 670 27.99 -19.05 18.80
N LEU B 671 28.64 -18.56 17.75
CA LEU B 671 27.92 -18.10 16.58
C LEU B 671 27.15 -19.24 15.91
N LYS B 672 27.69 -20.47 15.95
CA LYS B 672 26.97 -21.60 15.41
C LYS B 672 25.75 -21.96 16.25
N VAL B 673 25.86 -21.84 17.57
CA VAL B 673 24.72 -22.08 18.44
C VAL B 673 23.67 -21.00 18.25
N ALA B 674 24.11 -19.78 17.92
CA ALA B 674 23.15 -18.72 17.60
C ALA B 674 22.47 -18.99 16.27
N ILE B 675 23.19 -19.54 15.31
CA ILE B 675 22.59 -19.84 14.00
C ILE B 675 21.60 -20.99 14.12
N LYS B 676 21.92 -22.00 14.93
CA LYS B 676 21.02 -23.15 15.07
C LYS B 676 19.78 -22.84 15.90
N TYR B 677 19.73 -21.69 16.57
CA TYR B 677 18.55 -21.26 17.30
C TYR B 677 17.81 -20.13 16.60
N HIS B 678 18.26 -19.75 15.40
CA HIS B 678 17.62 -18.71 14.60
C HIS B 678 17.61 -17.37 15.34
N GLN B 679 18.77 -17.00 15.88
CA GLN B 679 18.94 -15.72 16.56
C GLN B 679 19.42 -14.70 15.52
N LYS B 680 18.46 -14.23 14.72
CA LYS B 680 18.77 -13.35 13.60
C LYS B 680 19.25 -11.97 14.02
N GLU B 681 19.06 -11.57 15.27
CA GLU B 681 19.52 -10.29 15.76
C GLU B 681 20.85 -10.36 16.50
N PHE B 682 21.17 -11.49 17.12
CA PHE B 682 22.52 -11.69 17.63
C PHE B 682 23.53 -11.70 16.49
N VAL B 683 23.33 -12.59 15.53
CA VAL B 683 23.94 -12.43 14.21
C VAL B 683 23.38 -11.15 13.59
N ALA B 684 24.10 -10.61 12.61
CA ALA B 684 23.77 -9.35 11.95
C ALA B 684 23.96 -8.14 12.86
N GLN B 685 24.58 -8.32 14.01
CA GLN B 685 25.01 -7.19 14.83
C GLN B 685 26.26 -6.60 14.20
N PRO B 686 26.36 -5.27 14.08
CA PRO B 686 27.45 -4.68 13.28
C PRO B 686 28.84 -5.16 13.66
N ASN B 687 29.12 -5.33 14.95
CA ASN B 687 30.43 -5.78 15.40
C ASN B 687 30.63 -7.27 15.19
N CYS B 688 29.55 -8.05 15.14
CA CYS B 688 29.65 -9.46 14.80
C CYS B 688 29.85 -9.71 13.31
N GLN B 689 29.33 -8.83 12.46
CA GLN B 689 29.54 -8.94 11.02
C GLN B 689 30.87 -8.35 10.58
N GLN B 690 31.32 -7.29 11.26
CA GLN B 690 32.65 -6.74 10.96
C GLN B 690 33.76 -7.71 11.34
N LEU B 691 33.49 -8.67 12.21
CA LEU B 691 34.45 -9.71 12.54
C LEU B 691 34.41 -10.86 11.55
N LEU B 692 33.24 -11.20 11.03
CA LEU B 692 33.14 -12.26 10.02
C LEU B 692 33.68 -11.79 8.67
N ALA B 693 33.53 -10.51 8.35
CA ALA B 693 34.02 -9.99 7.08
C ALA B 693 35.53 -9.95 7.00
N THR B 694 36.24 -10.14 8.11
CA THR B 694 37.69 -10.24 8.08
C THR B 694 38.18 -11.68 8.01
N LEU B 695 37.35 -12.65 8.41
CA LEU B 695 37.66 -14.05 8.15
C LEU B 695 37.27 -14.43 6.73
N TRP B 696 36.26 -13.77 6.16
CA TRP B 696 35.85 -14.04 4.79
C TRP B 696 36.93 -13.57 3.81
N TYR B 697 37.26 -12.28 3.83
CA TYR B 697 38.34 -11.74 3.01
C TYR B 697 39.67 -11.99 3.72
N ASP B 698 40.05 -13.27 3.79
CA ASP B 698 41.22 -13.65 4.57
C ASP B 698 42.50 -13.22 3.89
N GLY B 699 42.47 -12.99 2.58
CA GLY B 699 43.66 -12.59 1.86
C GLY B 699 43.49 -11.28 1.11
N PHE B 700 42.43 -10.55 1.41
CA PHE B 700 42.16 -9.26 0.77
C PHE B 700 42.00 -8.19 1.85
N PRO B 701 43.10 -7.77 2.49
CA PRO B 701 43.00 -6.66 3.44
C PRO B 701 42.52 -5.39 2.76
N GLY B 702 41.33 -4.93 3.13
CA GLY B 702 40.77 -3.75 2.51
C GLY B 702 40.02 -4.00 1.22
N TRP B 703 39.23 -5.07 1.17
CA TRP B 703 38.45 -5.37 -0.02
C TRP B 703 37.21 -4.47 -0.06
N ARG B 704 37.09 -3.57 0.90
CA ARG B 704 35.97 -2.63 0.96
C ARG B 704 36.33 -1.24 0.47
N ARG B 705 37.61 -0.93 0.29
CA ARG B 705 38.06 0.36 -0.23
C ARG B 705 38.21 0.35 -1.75
N LYS B 706 38.16 -0.82 -2.38
CA LYS B 706 38.47 -0.95 -3.79
C LYS B 706 37.30 -0.48 -4.66
N HIS B 707 37.61 -0.28 -5.95
CA HIS B 707 36.62 0.10 -6.93
C HIS B 707 35.92 -1.13 -7.50
N TRP B 708 34.70 -0.95 -7.99
CA TRP B 708 33.91 -2.07 -8.47
C TRP B 708 34.54 -2.74 -9.69
N VAL B 709 35.22 -1.98 -10.55
CA VAL B 709 35.92 -2.58 -11.68
C VAL B 709 37.16 -3.36 -11.24
N VAL B 710 37.93 -2.84 -10.27
CA VAL B 710 39.06 -3.59 -9.74
C VAL B 710 38.59 -4.82 -8.99
N LYS B 711 37.37 -4.81 -8.44
CA LYS B 711 36.79 -6.00 -7.84
C LYS B 711 36.39 -7.02 -8.90
N LEU B 712 35.72 -6.56 -9.96
CA LEU B 712 35.29 -7.48 -11.01
C LEU B 712 36.48 -8.15 -11.69
N LEU B 713 37.50 -7.36 -12.05
CA LEU B 713 38.62 -7.92 -12.77
C LEU B 713 39.55 -8.73 -11.88
N THR B 714 39.44 -8.59 -10.56
CA THR B 714 40.16 -9.47 -9.66
C THR B 714 39.38 -10.75 -9.38
N CYS B 715 38.05 -10.68 -9.42
CA CYS B 715 37.22 -11.87 -9.22
C CYS B 715 37.25 -12.78 -10.44
N MET B 716 37.21 -12.22 -11.65
CA MET B 716 37.30 -13.05 -12.84
C MET B 716 38.70 -13.60 -13.04
N THR B 717 39.72 -12.90 -12.52
CA THR B 717 41.08 -13.43 -12.60
C THR B 717 41.24 -14.67 -11.75
N ILE B 718 40.59 -14.71 -10.59
CA ILE B 718 40.58 -15.93 -9.78
C ILE B 718 39.66 -16.98 -10.37
N GLY B 719 38.56 -16.57 -11.03
CA GLY B 719 37.69 -17.54 -11.67
C GLY B 719 38.36 -18.32 -12.78
N PHE B 720 39.20 -17.66 -13.56
CA PHE B 720 39.90 -18.30 -14.68
C PHE B 720 41.11 -19.11 -14.25
N LEU B 721 41.33 -19.28 -12.95
CA LEU B 721 42.49 -19.99 -12.41
C LEU B 721 42.07 -21.09 -11.46
N PHE B 722 40.81 -21.52 -11.52
CA PHE B 722 40.30 -22.51 -10.58
C PHE B 722 40.90 -23.91 -10.79
N PRO B 723 41.25 -24.35 -12.01
CA PRO B 723 41.89 -25.66 -12.13
C PRO B 723 43.34 -25.67 -11.71
N MET B 724 43.99 -24.51 -11.63
CA MET B 724 45.36 -24.43 -11.17
C MET B 724 45.45 -24.33 -9.66
N LEU B 725 44.61 -23.50 -9.04
CA LEU B 725 44.56 -23.45 -7.58
C LEU B 725 44.04 -24.74 -6.98
N SER B 726 43.34 -25.56 -7.76
CA SER B 726 42.79 -26.81 -7.26
C SER B 726 43.69 -28.02 -7.55
N ILE B 727 44.63 -27.89 -8.49
CA ILE B 727 45.57 -28.98 -8.70
C ILE B 727 46.64 -28.97 -7.61
N ALA B 728 47.02 -27.79 -7.14
CA ALA B 728 47.66 -27.67 -5.84
C ALA B 728 46.65 -28.04 -4.76
N TYR B 729 47.14 -28.16 -3.52
CA TYR B 729 46.34 -28.68 -2.41
C TYR B 729 46.03 -30.17 -2.61
N LEU B 730 46.47 -30.71 -3.76
CA LEU B 730 46.35 -32.12 -4.07
C LEU B 730 47.75 -32.68 -4.32
N ILE B 731 48.64 -31.82 -4.83
CA ILE B 731 50.04 -32.15 -5.02
C ILE B 731 50.95 -31.24 -4.18
N SER B 732 50.37 -30.29 -3.46
CA SER B 732 51.14 -29.38 -2.62
C SER B 732 50.25 -28.79 -1.52
N PRO B 733 49.72 -29.62 -0.61
CA PRO B 733 48.75 -29.11 0.37
C PRO B 733 49.34 -28.13 1.37
N ARG B 734 50.66 -28.04 1.49
CA ARG B 734 51.28 -27.12 2.44
C ARG B 734 52.30 -26.23 1.76
N SER B 735 52.01 -25.77 0.55
CA SER B 735 52.87 -24.87 -0.20
C SER B 735 52.29 -23.47 -0.15
N ASN B 736 52.94 -22.54 -0.86
CA ASN B 736 52.42 -21.19 -0.93
C ASN B 736 51.15 -21.13 -1.78
N LEU B 737 51.19 -21.71 -2.98
CA LEU B 737 50.03 -21.69 -3.85
C LEU B 737 48.96 -22.66 -3.37
N GLY B 738 49.35 -23.69 -2.61
CA GLY B 738 48.37 -24.65 -2.14
C GLY B 738 47.48 -24.12 -1.04
N LEU B 739 47.92 -23.09 -0.34
CA LEU B 739 47.13 -22.48 0.73
C LEU B 739 46.23 -21.36 0.24
N PHE B 740 46.32 -21.00 -1.04
CA PHE B 740 45.55 -19.87 -1.55
C PHE B 740 44.11 -20.24 -1.83
N ILE B 741 43.75 -21.52 -1.75
CA ILE B 741 42.39 -21.96 -1.98
C ILE B 741 41.83 -22.52 -0.68
N LYS B 742 42.36 -22.04 0.44
CA LYS B 742 41.76 -22.29 1.74
C LYS B 742 41.12 -21.06 2.36
N LYS B 743 41.46 -19.87 1.86
CA LYS B 743 40.75 -18.66 2.24
C LYS B 743 39.32 -18.75 1.74
N PRO B 744 38.33 -18.40 2.56
CA PRO B 744 36.93 -18.69 2.19
C PRO B 744 36.46 -17.98 0.94
N PHE B 745 36.93 -16.75 0.71
CA PHE B 745 36.49 -16.02 -0.48
C PHE B 745 37.02 -16.66 -1.76
N ILE B 746 38.28 -17.10 -1.75
CA ILE B 746 38.84 -17.75 -2.94
C ILE B 746 38.19 -19.10 -3.15
N LYS B 747 37.92 -19.83 -2.07
CA LYS B 747 37.20 -21.09 -2.18
C LYS B 747 35.83 -20.87 -2.79
N PHE B 748 35.16 -19.80 -2.40
CA PHE B 748 33.85 -19.45 -2.98
C PHE B 748 33.98 -19.17 -4.47
N ILE B 749 34.94 -18.31 -4.85
CA ILE B 749 35.10 -17.95 -6.25
C ILE B 749 35.46 -19.16 -7.10
N CYS B 750 36.20 -20.12 -6.53
CA CYS B 750 36.55 -21.33 -7.26
C CYS B 750 35.41 -22.32 -7.33
N HIS B 751 34.55 -22.38 -6.32
CA HIS B 751 33.38 -23.24 -6.38
C HIS B 751 32.29 -22.71 -7.30
N THR B 752 32.16 -21.40 -7.44
CA THR B 752 31.15 -20.83 -8.34
C THR B 752 31.69 -20.56 -9.74
N ALA B 753 32.99 -20.68 -9.97
CA ALA B 753 33.53 -20.68 -11.32
C ALA B 753 33.72 -22.09 -11.85
N SER B 754 33.55 -23.10 -11.01
CA SER B 754 33.49 -24.49 -11.45
C SER B 754 32.07 -24.92 -11.77
N TYR B 755 31.08 -24.26 -11.19
CA TYR B 755 29.68 -24.51 -11.54
C TYR B 755 29.27 -23.77 -12.79
N LEU B 756 29.98 -22.69 -13.15
CA LEU B 756 29.74 -21.99 -14.40
C LEU B 756 30.46 -22.63 -15.58
N THR B 757 31.35 -23.57 -15.32
CA THR B 757 31.95 -24.40 -16.36
C THR B 757 31.13 -25.66 -16.62
N PHE B 758 30.31 -26.08 -15.66
CA PHE B 758 29.40 -27.20 -15.84
C PHE B 758 28.14 -26.79 -16.58
N LEU B 759 27.75 -25.52 -16.49
CA LEU B 759 26.56 -25.05 -17.19
C LEU B 759 26.88 -24.50 -18.58
N PHE B 760 28.08 -23.95 -18.77
CA PHE B 760 28.51 -23.61 -20.11
C PHE B 760 28.79 -24.84 -20.94
N MET B 761 29.10 -25.97 -20.30
CA MET B 761 29.28 -27.24 -20.97
C MET B 761 27.96 -27.95 -21.25
N LEU B 762 26.90 -27.58 -20.55
CA LEU B 762 25.56 -28.09 -20.85
C LEU B 762 24.90 -27.35 -22.00
N LEU B 763 25.28 -26.09 -22.23
CA LEU B 763 24.80 -25.36 -23.39
C LEU B 763 25.47 -25.81 -24.68
N LEU B 764 26.61 -26.49 -24.58
CA LEU B 764 27.34 -26.98 -25.73
C LEU B 764 26.89 -28.36 -26.19
N ALA B 765 25.99 -28.99 -25.43
CA ALA B 765 25.52 -30.33 -25.76
C ALA B 765 24.47 -30.33 -26.85
N SER B 766 24.31 -29.21 -27.57
CA SER B 766 23.33 -29.10 -28.64
C SER B 766 23.96 -28.68 -29.96
N GLN B 767 25.20 -28.21 -29.95
CA GLN B 767 25.87 -27.81 -31.18
C GLN B 767 26.67 -28.96 -31.77
N ASP B 773 23.26 -38.67 -37.48
CA ASP B 773 23.70 -39.56 -36.41
C ASP B 773 22.71 -39.56 -35.26
N LEU B 774 21.48 -39.13 -35.54
CA LEU B 774 20.42 -39.09 -34.55
C LEU B 774 19.40 -40.22 -34.71
N HIS B 775 19.65 -41.15 -35.64
CA HIS B 775 18.75 -42.28 -35.84
C HIS B 775 19.21 -43.54 -35.11
N VAL B 776 20.43 -43.54 -34.56
CA VAL B 776 20.93 -44.67 -33.78
C VAL B 776 20.02 -44.86 -32.57
N GLN B 777 19.46 -46.06 -32.41
CA GLN B 777 18.53 -46.32 -31.33
C GLN B 777 19.23 -46.21 -29.98
N GLY B 778 20.39 -46.82 -29.84
CA GLY B 778 21.23 -46.61 -28.68
C GLY B 778 22.60 -46.11 -29.08
N PRO B 779 22.88 -44.84 -28.81
CA PRO B 779 24.17 -44.27 -29.20
C PRO B 779 25.18 -44.37 -28.05
N PRO B 780 26.46 -44.24 -28.35
CA PRO B 780 27.46 -44.13 -27.29
C PRO B 780 27.53 -42.70 -26.77
N PRO B 781 28.09 -42.50 -25.58
CA PRO B 781 28.18 -41.14 -25.04
C PRO B 781 29.01 -40.23 -25.93
N THR B 782 28.56 -38.98 -26.04
CA THR B 782 29.24 -37.99 -26.86
C THR B 782 30.45 -37.43 -26.10
N VAL B 783 31.16 -36.49 -26.73
CA VAL B 783 32.32 -35.89 -26.10
C VAL B 783 31.91 -35.09 -24.87
N VAL B 784 30.85 -34.29 -25.01
CA VAL B 784 30.42 -33.46 -23.88
C VAL B 784 29.83 -34.33 -22.77
N GLU B 785 29.19 -35.44 -23.10
CA GLU B 785 28.67 -36.31 -22.06
C GLU B 785 29.76 -37.12 -21.38
N TRP B 786 30.93 -37.24 -22.00
CA TRP B 786 32.09 -37.75 -21.28
C TRP B 786 32.69 -36.66 -20.40
N MET B 787 32.65 -35.41 -20.86
CA MET B 787 33.22 -34.29 -20.13
C MET B 787 32.32 -33.75 -19.02
N ILE B 788 31.17 -34.40 -18.78
CA ILE B 788 30.23 -33.94 -17.76
C ILE B 788 30.18 -34.96 -16.63
N LEU B 789 30.45 -36.22 -16.95
CA LEU B 789 30.34 -37.29 -15.97
C LEU B 789 31.15 -37.06 -14.70
N PRO B 790 32.37 -36.52 -14.73
CA PRO B 790 33.03 -36.20 -13.45
C PRO B 790 32.28 -35.19 -12.61
N TRP B 791 31.74 -34.13 -13.21
CA TRP B 791 30.90 -33.18 -12.47
C TRP B 791 29.68 -33.86 -11.86
N VAL B 792 29.01 -34.72 -12.63
CA VAL B 792 27.80 -35.37 -12.12
C VAL B 792 28.14 -36.29 -10.97
N LEU B 793 29.21 -37.08 -11.09
CA LEU B 793 29.61 -37.96 -10.00
C LEU B 793 30.04 -37.17 -8.78
N GLY B 794 30.77 -36.06 -8.97
CA GLY B 794 31.12 -35.21 -7.85
C GLY B 794 29.95 -34.57 -7.16
N PHE B 795 28.91 -34.19 -7.90
CA PHE B 795 27.69 -33.65 -7.30
C PHE B 795 26.88 -34.71 -6.56
N ILE B 796 26.85 -35.94 -7.08
CA ILE B 796 26.15 -37.01 -6.38
C ILE B 796 26.92 -37.39 -5.12
N TRP B 797 28.25 -37.33 -5.15
CA TRP B 797 29.05 -37.68 -3.97
C TRP B 797 28.99 -36.58 -2.92
N GLY B 798 29.16 -35.32 -3.32
CA GLY B 798 29.17 -34.22 -2.37
C GLY B 798 27.85 -33.96 -1.68
N GLU B 799 26.76 -34.53 -2.20
CA GLU B 799 25.46 -34.44 -1.56
C GLU B 799 25.15 -35.63 -0.67
N ILE B 800 25.93 -36.72 -0.78
CA ILE B 800 25.78 -37.83 0.14
C ILE B 800 26.35 -37.48 1.50
N LYS B 801 27.53 -36.85 1.53
CA LYS B 801 28.16 -36.47 2.79
C LYS B 801 27.33 -35.49 3.58
N GLU B 802 26.78 -34.45 2.92
CA GLU B 802 26.08 -33.39 3.63
C GLU B 802 24.81 -33.89 4.30
N MET B 803 24.06 -34.79 3.65
CA MET B 803 22.91 -35.42 4.26
C MET B 803 23.29 -36.59 5.16
N TRP B 804 24.58 -36.94 5.22
CA TRP B 804 25.10 -37.91 6.18
C TRP B 804 25.67 -37.25 7.42
N ASP B 805 26.25 -36.06 7.30
CA ASP B 805 26.73 -35.30 8.46
C ASP B 805 25.59 -34.47 9.03
N GLY B 806 24.51 -35.14 9.36
CA GLY B 806 23.32 -34.49 9.86
C GLY B 806 22.10 -35.35 9.58
N GLY B 807 20.94 -34.70 9.66
CA GLY B 807 19.67 -35.36 9.45
C GLY B 807 19.50 -35.99 8.08
N TYR B 811 17.84 -31.42 7.13
CA TYR B 811 18.23 -31.45 5.72
C TYR B 811 17.13 -30.89 4.83
N ILE B 812 15.87 -31.23 5.14
CA ILE B 812 14.74 -30.80 4.34
C ILE B 812 14.29 -29.38 4.66
N HIS B 813 14.86 -28.75 5.69
CA HIS B 813 14.46 -27.39 6.03
C HIS B 813 15.07 -26.38 5.05
N ASP B 814 16.14 -26.77 4.37
CA ASP B 814 16.70 -25.95 3.30
C ASP B 814 16.00 -26.30 2.00
N TRP B 815 15.24 -25.34 1.45
CA TRP B 815 14.49 -25.58 0.22
C TRP B 815 15.41 -25.77 -0.99
N TRP B 816 16.71 -25.57 -0.84
CA TRP B 816 17.66 -25.81 -1.91
C TRP B 816 18.21 -27.23 -1.91
N ASN B 817 17.93 -28.01 -0.87
CA ASN B 817 18.36 -29.40 -0.82
C ASN B 817 17.35 -30.34 -1.47
N LEU B 818 16.18 -29.84 -1.84
CA LEU B 818 15.23 -30.62 -2.63
C LEU B 818 15.49 -30.46 -4.12
N MET B 819 15.74 -29.23 -4.58
CA MET B 819 16.17 -29.01 -5.96
C MET B 819 17.52 -29.65 -6.23
N ASP B 820 18.33 -29.87 -5.19
CA ASP B 820 19.64 -30.50 -5.35
C ASP B 820 19.57 -32.01 -5.21
N PHE B 821 18.53 -32.53 -4.56
CA PHE B 821 18.32 -33.98 -4.48
C PHE B 821 17.53 -34.51 -5.66
N ALA B 822 16.70 -33.68 -6.29
CA ALA B 822 15.93 -34.10 -7.46
C ALA B 822 16.71 -33.95 -8.76
N MET B 823 17.65 -33.01 -8.83
CA MET B 823 18.47 -32.86 -10.02
C MET B 823 19.57 -33.89 -10.11
N ASN B 824 19.83 -34.63 -9.03
CA ASN B 824 20.81 -35.71 -9.04
C ASN B 824 20.16 -37.07 -9.24
N SER B 825 18.89 -37.22 -8.88
CA SER B 825 18.15 -38.43 -9.21
C SER B 825 17.82 -38.51 -10.69
N LEU B 826 17.57 -37.37 -11.34
CA LEU B 826 17.32 -37.36 -12.78
C LEU B 826 18.57 -37.68 -13.59
N TYR B 827 19.75 -37.30 -13.13
CA TYR B 827 20.98 -37.73 -13.77
C TYR B 827 21.20 -39.23 -13.62
N LEU B 828 20.91 -39.79 -12.45
CA LEU B 828 20.98 -41.23 -12.27
C LEU B 828 20.02 -41.94 -13.23
N ALA B 829 18.77 -41.46 -13.29
CA ALA B 829 17.80 -42.06 -14.21
C ALA B 829 18.18 -41.84 -15.66
N THR B 830 18.98 -40.83 -15.96
CA THR B 830 19.44 -40.62 -17.33
C THR B 830 20.54 -41.61 -17.69
N ILE B 831 21.52 -41.81 -16.80
CA ILE B 831 22.55 -42.82 -17.06
C ILE B 831 22.02 -44.23 -16.96
N SER B 832 21.01 -44.47 -16.11
CA SER B 832 20.39 -45.77 -15.99
C SER B 832 19.51 -46.13 -17.18
N LEU B 833 19.25 -45.17 -18.07
CA LEU B 833 18.44 -45.40 -19.26
C LEU B 833 19.23 -45.34 -20.55
N LYS B 834 20.33 -44.60 -20.57
CA LYS B 834 21.22 -44.59 -21.73
C LYS B 834 22.17 -45.77 -21.72
N ILE B 835 22.23 -46.52 -20.64
CA ILE B 835 22.94 -47.79 -20.60
C ILE B 835 22.03 -48.94 -21.00
N MET B 836 20.81 -48.95 -20.45
CA MET B 836 19.79 -49.92 -20.87
C MET B 836 19.57 -49.88 -22.37
N ALA B 837 19.76 -48.71 -22.97
CA ALA B 837 19.55 -48.55 -24.41
C ALA B 837 20.83 -48.75 -25.22
N TYR B 838 22.00 -48.80 -24.58
CA TYR B 838 23.22 -49.12 -25.29
C TYR B 838 23.35 -50.61 -25.52
N VAL B 839 23.08 -51.42 -24.50
CA VAL B 839 22.80 -52.84 -24.69
C VAL B 839 21.33 -52.92 -25.11
N LYS B 840 20.91 -54.08 -25.60
CA LYS B 840 19.50 -54.38 -25.86
C LYS B 840 18.99 -53.64 -27.10
N TYR B 841 19.82 -52.75 -27.63
CA TYR B 841 19.50 -51.99 -28.84
C TYR B 841 20.69 -51.92 -29.79
N ASN B 842 20.61 -52.65 -30.89
CA ASN B 842 21.61 -52.62 -31.94
C ASN B 842 20.99 -52.18 -33.26
N GLY B 843 21.71 -51.34 -33.99
CA GLY B 843 21.24 -50.84 -35.26
C GLY B 843 20.77 -49.39 -35.17
N SER B 844 20.21 -48.91 -36.27
CA SER B 844 19.78 -47.53 -36.36
C SER B 844 18.57 -47.37 -37.28
N ARG B 845 17.36 -47.34 -36.70
CA ARG B 845 16.22 -47.13 -37.55
C ARG B 845 15.75 -45.68 -37.47
N PRO B 846 15.00 -45.19 -38.48
CA PRO B 846 14.58 -43.79 -38.46
C PRO B 846 13.85 -43.42 -37.18
N ARG B 847 14.18 -42.24 -36.65
CA ARG B 847 13.53 -41.74 -35.44
C ARG B 847 12.04 -41.47 -35.66
N GLU B 848 11.62 -41.36 -36.92
CA GLU B 848 10.22 -41.10 -37.24
C GLU B 848 9.29 -42.21 -36.78
N GLU B 849 9.81 -43.43 -36.60
CA GLU B 849 8.97 -44.59 -36.32
C GLU B 849 9.29 -45.27 -34.99
N TRP B 850 9.96 -44.57 -34.07
CA TRP B 850 10.18 -45.12 -32.74
C TRP B 850 8.87 -45.11 -31.95
N GLU B 851 8.82 -45.98 -30.95
CA GLU B 851 7.72 -45.93 -29.99
C GLU B 851 7.85 -44.69 -29.12
N MET B 852 6.75 -44.32 -28.47
CA MET B 852 6.78 -43.13 -27.61
C MET B 852 7.50 -43.40 -26.30
N TRP B 853 7.37 -44.61 -25.78
CA TRP B 853 8.10 -45.01 -24.56
C TRP B 853 9.41 -45.69 -24.90
N HIS B 854 10.21 -45.05 -25.73
CA HIS B 854 11.53 -45.52 -26.08
C HIS B 854 12.54 -44.99 -25.06
N PRO B 855 13.47 -45.84 -24.59
CA PRO B 855 14.43 -45.37 -23.57
C PRO B 855 15.24 -44.17 -24.00
N THR B 856 15.63 -44.09 -25.27
CA THR B 856 16.36 -42.93 -25.77
C THR B 856 15.50 -41.67 -25.80
N LEU B 857 14.18 -41.80 -25.86
CA LEU B 857 13.30 -40.64 -25.82
C LEU B 857 12.97 -40.21 -24.39
N ILE B 858 13.11 -41.10 -23.42
CA ILE B 858 12.89 -40.73 -22.03
C ILE B 858 14.16 -40.19 -21.38
N ALA B 859 15.33 -40.75 -21.73
CA ALA B 859 16.59 -40.22 -21.21
C ALA B 859 16.82 -38.79 -21.66
N GLU B 860 16.53 -38.47 -22.93
CA GLU B 860 16.70 -37.12 -23.45
C GLU B 860 15.68 -36.15 -22.90
N ALA B 861 14.59 -36.63 -22.31
CA ALA B 861 13.64 -35.78 -21.62
C ALA B 861 14.05 -35.52 -20.18
N LEU B 862 14.48 -36.55 -19.45
CA LEU B 862 14.99 -36.36 -18.10
C LEU B 862 16.25 -35.51 -18.08
N PHE B 863 17.09 -35.61 -19.10
CA PHE B 863 18.29 -34.77 -19.15
C PHE B 863 17.92 -33.30 -19.24
N ALA B 864 16.88 -32.96 -20.00
CA ALA B 864 16.46 -31.56 -20.09
C ALA B 864 15.77 -31.10 -18.82
N ILE B 865 14.92 -31.96 -18.25
CA ILE B 865 14.26 -31.61 -17.00
C ILE B 865 15.29 -31.32 -15.91
N SER B 866 16.41 -32.03 -15.94
CA SER B 866 17.47 -31.76 -14.97
C SER B 866 18.38 -30.60 -15.38
N ASN B 867 18.50 -30.32 -16.68
CA ASN B 867 19.22 -29.13 -17.13
C ASN B 867 18.53 -27.85 -16.69
N ILE B 868 17.21 -27.88 -16.53
CA ILE B 868 16.53 -26.69 -16.00
C ILE B 868 16.91 -26.49 -14.52
N LEU B 869 16.87 -27.56 -13.73
CA LEU B 869 17.14 -27.43 -12.30
C LEU B 869 18.60 -27.13 -12.03
N SER B 870 19.52 -27.62 -12.86
CA SER B 870 20.94 -27.35 -12.67
C SER B 870 21.27 -25.86 -12.76
N SER B 871 20.52 -25.12 -13.57
CA SER B 871 20.79 -23.70 -13.75
C SER B 871 19.81 -22.82 -12.99
N LEU B 872 18.69 -23.36 -12.50
CA LEU B 872 17.91 -22.61 -11.53
C LEU B 872 18.59 -22.55 -10.17
N ARG B 873 19.71 -23.25 -10.00
CA ARG B 873 20.41 -23.30 -8.72
C ARG B 873 21.35 -22.11 -8.54
N LEU B 874 21.72 -21.42 -9.62
CA LEU B 874 22.54 -20.22 -9.52
C LEU B 874 21.83 -19.08 -8.80
N ILE B 875 20.56 -19.25 -8.41
CA ILE B 875 19.86 -18.21 -7.68
C ILE B 875 20.22 -18.23 -6.20
N SER B 876 20.68 -19.37 -5.68
CA SER B 876 21.14 -19.43 -4.30
C SER B 876 22.40 -18.60 -4.07
N LEU B 877 23.09 -18.23 -5.13
CA LEU B 877 24.31 -17.43 -5.06
C LEU B 877 24.03 -15.95 -4.99
N PHE B 878 22.77 -15.55 -4.78
CA PHE B 878 22.43 -14.14 -4.75
C PHE B 878 22.64 -13.53 -3.37
N THR B 879 22.55 -14.34 -2.31
CA THR B 879 22.74 -13.82 -0.95
C THR B 879 24.13 -13.24 -0.74
N ALA B 880 25.10 -13.61 -1.57
CA ALA B 880 26.46 -13.09 -1.43
C ALA B 880 26.59 -11.63 -1.87
N ASN B 881 25.59 -11.09 -2.54
CA ASN B 881 25.66 -9.74 -3.09
C ASN B 881 24.81 -8.79 -2.25
N SER B 882 25.25 -7.53 -2.17
CA SER B 882 24.57 -6.55 -1.34
C SER B 882 23.31 -6.00 -1.98
N HIS B 883 23.20 -6.07 -3.31
CA HIS B 883 22.06 -5.52 -4.03
C HIS B 883 20.99 -6.56 -4.34
N LEU B 884 21.39 -7.73 -4.82
CA LEU B 884 20.45 -8.77 -5.19
C LEU B 884 20.17 -9.75 -4.07
N GLY B 885 20.84 -9.64 -2.94
CA GLY B 885 20.64 -10.53 -1.82
C GLY B 885 19.34 -10.29 -1.08
N PRO B 886 19.09 -9.04 -0.67
CA PRO B 886 17.80 -8.74 -0.01
C PRO B 886 16.59 -9.03 -0.86
N LEU B 887 16.66 -8.87 -2.19
CA LEU B 887 15.57 -9.32 -3.05
C LEU B 887 15.35 -10.82 -2.92
N GLN B 888 16.36 -11.61 -3.29
CA GLN B 888 16.23 -13.06 -3.27
C GLN B 888 15.76 -13.57 -1.92
N ILE B 889 16.12 -12.90 -0.83
CA ILE B 889 15.61 -13.29 0.47
C ILE B 889 14.17 -12.84 0.68
N SER B 890 13.80 -11.66 0.18
CA SER B 890 12.45 -11.15 0.33
C SER B 890 11.46 -11.74 -0.67
N LEU B 891 11.94 -12.24 -1.81
CA LEU B 891 11.08 -12.91 -2.76
C LEU B 891 10.80 -14.35 -2.38
N GLY B 892 11.67 -14.98 -1.59
CA GLY B 892 11.44 -16.33 -1.11
C GLY B 892 10.54 -16.41 0.10
N ARG B 893 10.28 -15.28 0.76
CA ARG B 893 9.31 -15.21 1.84
C ARG B 893 7.93 -14.83 1.34
N MET B 894 7.82 -14.32 0.12
CA MET B 894 6.55 -14.10 -0.56
C MET B 894 6.06 -15.35 -1.28
N LEU B 895 6.78 -16.45 -1.16
CA LEU B 895 6.43 -17.69 -1.84
C LEU B 895 5.59 -18.63 -0.99
N LEU B 896 5.64 -18.50 0.33
CA LEU B 896 4.84 -19.38 1.17
C LEU B 896 3.40 -18.91 1.26
N ASP B 897 3.13 -17.67 0.85
CA ASP B 897 1.77 -17.17 0.73
C ASP B 897 1.22 -17.29 -0.68
N ILE B 898 2.05 -17.64 -1.66
CA ILE B 898 1.57 -18.03 -2.97
C ILE B 898 1.12 -19.48 -2.96
N LEU B 899 1.88 -20.35 -2.29
CA LEU B 899 1.58 -21.77 -2.29
C LEU B 899 0.25 -22.07 -1.62
N LYS B 900 -0.18 -21.23 -0.69
CA LYS B 900 -1.50 -21.41 -0.10
C LYS B 900 -2.59 -20.71 -0.90
N PHE B 901 -2.23 -19.87 -1.87
CA PHE B 901 -3.19 -19.34 -2.82
C PHE B 901 -3.38 -20.25 -4.02
N LEU B 902 -2.34 -21.01 -4.40
CA LEU B 902 -2.46 -22.03 -5.43
C LEU B 902 -3.11 -23.30 -4.91
N PHE B 903 -3.72 -23.22 -3.73
CA PHE B 903 -4.58 -24.26 -3.20
C PHE B 903 -6.05 -23.90 -3.32
N ILE B 904 -6.36 -22.61 -3.35
CA ILE B 904 -7.72 -22.16 -3.63
C ILE B 904 -8.03 -22.28 -5.12
N TYR B 905 -7.04 -21.98 -5.96
CA TYR B 905 -7.23 -22.05 -7.40
C TYR B 905 -7.42 -23.48 -7.88
N CYS B 906 -6.89 -24.46 -7.16
CA CYS B 906 -7.08 -25.86 -7.57
C CYS B 906 -8.53 -26.30 -7.41
N LEU B 907 -9.22 -25.81 -6.39
CA LEU B 907 -10.64 -26.12 -6.23
C LEU B 907 -11.45 -25.56 -7.40
N VAL B 908 -11.15 -24.33 -7.82
CA VAL B 908 -11.86 -23.72 -8.93
C VAL B 908 -11.57 -24.48 -10.22
N LEU B 909 -10.28 -24.78 -10.46
CA LEU B 909 -9.90 -25.55 -11.64
C LEU B 909 -10.63 -26.88 -11.69
N LEU B 910 -10.66 -27.60 -10.57
CA LEU B 910 -11.27 -28.93 -10.56
C LEU B 910 -12.79 -28.86 -10.72
N ALA B 911 -13.44 -27.91 -10.05
CA ALA B 911 -14.88 -27.75 -10.19
C ALA B 911 -15.26 -27.45 -11.63
N PHE B 912 -14.58 -26.48 -12.25
CA PHE B 912 -14.96 -26.10 -13.60
C PHE B 912 -14.54 -27.13 -14.62
N ALA B 913 -13.48 -27.91 -14.36
CA ALA B 913 -13.13 -29.00 -15.26
C ALA B 913 -14.16 -30.12 -15.20
N ASN B 914 -14.61 -30.47 -14.00
CA ASN B 914 -15.71 -31.42 -13.85
C ASN B 914 -16.94 -30.95 -14.63
N GLY B 915 -17.32 -29.68 -14.44
CA GLY B 915 -18.50 -29.18 -15.12
C GLY B 915 -18.36 -29.13 -16.63
N LEU B 916 -17.16 -28.77 -17.13
CA LEU B 916 -16.96 -28.64 -18.56
C LEU B 916 -16.77 -29.98 -19.25
N ASN B 917 -16.31 -31.00 -18.53
CA ASN B 917 -16.22 -32.33 -19.11
C ASN B 917 -17.53 -33.10 -19.04
N GLN B 918 -18.34 -32.88 -18.00
CA GLN B 918 -19.65 -33.51 -17.94
C GLN B 918 -20.56 -33.12 -19.10
N LEU B 919 -20.28 -32.00 -19.77
CA LEU B 919 -21.11 -31.51 -20.85
C LEU B 919 -20.60 -31.85 -22.24
N TYR B 920 -19.30 -32.13 -22.39
CA TYR B 920 -18.69 -32.23 -23.71
C TYR B 920 -18.11 -33.58 -24.04
N PHE B 921 -18.37 -34.62 -23.23
CA PHE B 921 -17.73 -35.90 -23.47
C PHE B 921 -18.51 -36.78 -24.44
N TYR B 922 -19.72 -36.38 -24.83
CA TYR B 922 -20.46 -37.11 -25.85
C TYR B 922 -19.96 -36.83 -27.25
N TYR B 923 -19.30 -35.70 -27.47
CA TYR B 923 -18.90 -35.25 -28.80
C TYR B 923 -17.41 -35.47 -29.05
N GLU B 924 -16.80 -36.44 -28.37
CA GLU B 924 -15.38 -36.72 -28.56
C GLU B 924 -15.18 -37.44 -29.88
N THR B 925 -14.45 -36.81 -30.80
CA THR B 925 -14.16 -37.40 -32.09
C THR B 925 -12.85 -38.19 -32.00
N ARG B 926 -12.40 -38.73 -33.13
CA ARG B 926 -11.17 -39.51 -33.18
C ARG B 926 -10.06 -38.67 -33.79
N ALA B 927 -8.84 -39.16 -33.65
CA ALA B 927 -7.67 -38.49 -34.21
C ALA B 927 -7.63 -38.54 -35.73
N ILE B 928 -8.50 -39.33 -36.35
CA ILE B 928 -8.55 -39.44 -37.81
C ILE B 928 -9.61 -38.55 -38.42
N ASP B 929 -10.73 -38.31 -37.72
CA ASP B 929 -11.79 -37.44 -38.20
C ASP B 929 -11.37 -35.98 -38.30
N GLU B 930 -10.18 -35.62 -37.77
CA GLU B 930 -9.72 -34.25 -37.66
C GLU B 930 -8.64 -33.95 -38.69
N PRO B 931 -8.55 -32.70 -39.15
CA PRO B 931 -7.55 -32.35 -40.16
C PRO B 931 -6.14 -32.59 -39.67
N ASN B 932 -5.27 -32.97 -40.61
CA ASN B 932 -3.87 -33.28 -40.40
C ASN B 932 -3.67 -34.50 -39.50
N ASN B 933 -4.74 -35.24 -39.21
CA ASN B 933 -4.69 -36.43 -38.37
C ASN B 933 -4.01 -36.11 -37.04
N CYS B 934 -4.64 -35.22 -36.28
CA CYS B 934 -4.05 -34.73 -35.04
C CYS B 934 -5.18 -34.29 -34.12
N LYS B 935 -5.04 -34.57 -32.83
CA LYS B 935 -6.11 -34.39 -31.86
C LYS B 935 -5.56 -33.73 -30.61
N GLY B 936 -6.30 -32.75 -30.08
CA GLY B 936 -5.95 -32.08 -28.85
C GLY B 936 -5.89 -30.58 -29.05
N ILE B 937 -5.31 -29.89 -28.06
CA ILE B 937 -5.22 -28.43 -28.10
C ILE B 937 -3.85 -27.93 -28.54
N ARG B 938 -2.86 -28.81 -28.66
CA ARG B 938 -1.56 -28.43 -29.21
C ARG B 938 -1.51 -28.62 -30.72
N CYS B 939 -2.66 -28.55 -31.38
CA CYS B 939 -2.79 -28.61 -32.82
C CYS B 939 -2.89 -27.20 -33.37
N GLU B 940 -2.73 -27.06 -34.69
CA GLU B 940 -2.90 -25.75 -35.31
C GLU B 940 -4.34 -25.28 -35.22
N LYS B 941 -5.29 -26.18 -35.48
CA LYS B 941 -6.70 -25.94 -35.20
C LYS B 941 -7.07 -26.77 -33.98
N GLN B 942 -7.24 -26.11 -32.83
CA GLN B 942 -7.48 -26.81 -31.58
C GLN B 942 -8.84 -27.49 -31.60
N ASN B 943 -8.87 -28.73 -31.11
CA ASN B 943 -10.09 -29.52 -31.11
C ASN B 943 -10.06 -30.45 -29.90
N ASN B 944 -11.22 -31.00 -29.59
CA ASN B 944 -11.39 -31.91 -28.45
C ASN B 944 -10.79 -31.32 -27.18
N ALA B 945 -11.22 -30.10 -26.85
CA ALA B 945 -10.63 -29.39 -25.72
C ALA B 945 -11.20 -29.84 -24.39
N PHE B 946 -12.47 -30.26 -24.36
CA PHE B 946 -13.16 -30.61 -23.12
C PHE B 946 -13.72 -32.02 -23.16
N SER B 947 -13.05 -32.93 -23.89
CA SER B 947 -13.57 -34.28 -24.10
C SER B 947 -13.05 -35.29 -23.11
N THR B 948 -11.91 -35.01 -22.47
CA THR B 948 -11.36 -35.85 -21.41
C THR B 948 -11.08 -34.95 -20.22
N LEU B 949 -11.03 -35.55 -19.03
CA LEU B 949 -10.73 -34.76 -17.84
C LEU B 949 -9.28 -34.30 -17.83
N PHE B 950 -8.37 -35.20 -18.22
CA PHE B 950 -6.96 -34.83 -18.33
C PHE B 950 -6.75 -33.75 -19.38
N GLU B 951 -7.62 -33.69 -20.38
CA GLU B 951 -7.55 -32.67 -21.41
C GLU B 951 -8.29 -31.40 -21.02
N THR B 952 -9.37 -31.52 -20.24
CA THR B 952 -10.06 -30.34 -19.73
C THR B 952 -9.18 -29.56 -18.77
N LEU B 953 -8.42 -30.26 -17.92
CA LEU B 953 -7.54 -29.56 -16.99
C LEU B 953 -6.47 -28.76 -17.73
N GLN B 954 -5.87 -29.33 -18.77
CA GLN B 954 -4.90 -28.60 -19.57
C GLN B 954 -5.53 -27.44 -20.33
N SER B 955 -6.73 -27.66 -20.88
CA SER B 955 -7.44 -26.58 -21.57
C SER B 955 -7.67 -25.40 -20.64
N LEU B 956 -8.11 -25.67 -19.40
CA LEU B 956 -8.37 -24.60 -18.46
C LEU B 956 -7.09 -24.01 -17.88
N PHE B 957 -5.98 -24.75 -17.89
CA PHE B 957 -4.71 -24.12 -17.51
C PHE B 957 -4.24 -23.15 -18.59
N TRP B 958 -4.30 -23.56 -19.85
CA TRP B 958 -3.77 -22.73 -20.92
C TRP B 958 -4.65 -21.54 -21.25
N SER B 959 -5.83 -21.41 -20.63
CA SER B 959 -6.67 -20.25 -20.85
C SER B 959 -6.34 -19.11 -19.91
N VAL B 960 -5.56 -19.36 -18.85
CA VAL B 960 -5.08 -18.29 -17.99
C VAL B 960 -4.16 -17.36 -18.76
N PHE B 961 -3.49 -17.89 -19.79
CA PHE B 961 -2.53 -17.12 -20.56
C PHE B 961 -3.06 -16.71 -21.92
N GLY B 962 -4.30 -17.06 -22.25
CA GLY B 962 -4.89 -16.67 -23.51
C GLY B 962 -4.49 -17.51 -24.69
N LEU B 963 -4.07 -18.76 -24.46
CA LEU B 963 -3.60 -19.63 -25.53
C LEU B 963 -4.65 -20.67 -25.93
N LEU B 964 -5.89 -20.49 -25.53
CA LEU B 964 -6.99 -21.37 -25.92
C LEU B 964 -8.02 -20.55 -26.67
N ASN B 965 -8.27 -20.93 -27.93
CA ASN B 965 -9.15 -20.18 -28.80
C ASN B 965 -10.62 -20.48 -28.49
N LEU B 966 -11.48 -19.52 -28.81
CA LEU B 966 -12.88 -19.62 -28.40
C LEU B 966 -13.64 -20.64 -29.23
N TYR B 967 -13.23 -20.86 -30.48
CA TYR B 967 -13.95 -21.79 -31.34
C TYR B 967 -13.91 -23.23 -30.83
N VAL B 968 -13.10 -23.53 -29.81
CA VAL B 968 -13.11 -24.86 -29.22
C VAL B 968 -14.38 -25.12 -28.44
N THR B 969 -15.26 -24.13 -28.33
CA THR B 969 -16.53 -24.32 -27.63
C THR B 969 -17.58 -24.98 -28.53
N ASN B 970 -17.39 -24.91 -29.85
CA ASN B 970 -18.36 -25.45 -30.78
C ASN B 970 -18.24 -26.97 -30.90
N VAL B 971 -19.26 -27.58 -31.52
CA VAL B 971 -19.26 -28.99 -31.85
C VAL B 971 -19.72 -29.14 -33.29
N LYS B 972 -19.51 -30.34 -33.85
CA LYS B 972 -19.88 -30.58 -35.24
C LYS B 972 -21.39 -30.59 -35.44
N ALA B 973 -22.08 -31.48 -34.72
CA ALA B 973 -23.54 -31.52 -34.73
C ALA B 973 -24.03 -30.34 -33.92
N ARG B 974 -24.00 -29.16 -34.52
CA ARG B 974 -24.12 -27.92 -33.77
C ARG B 974 -25.42 -27.85 -32.99
N HIS B 975 -25.31 -27.95 -31.67
CA HIS B 975 -26.41 -27.75 -30.75
C HIS B 975 -26.21 -26.40 -30.08
N GLU B 976 -27.13 -25.47 -30.32
CA GLU B 976 -26.91 -24.08 -29.93
C GLU B 976 -27.32 -23.79 -28.50
N PHE B 977 -27.83 -24.78 -27.76
CA PHE B 977 -28.06 -24.60 -26.34
C PHE B 977 -26.91 -25.14 -25.50
N THR B 978 -26.32 -26.26 -25.89
CA THR B 978 -25.19 -26.80 -25.16
C THR B 978 -23.90 -26.05 -25.45
N GLU B 979 -23.73 -25.53 -26.66
CA GLU B 979 -22.58 -24.70 -26.96
C GLU B 979 -22.61 -23.40 -26.16
N PHE B 980 -23.79 -22.81 -25.98
CA PHE B 980 -23.90 -21.59 -25.20
C PHE B 980 -23.64 -21.84 -23.72
N VAL B 981 -24.15 -22.94 -23.17
CA VAL B 981 -23.87 -23.28 -21.78
C VAL B 981 -22.37 -23.56 -21.59
N GLY B 982 -21.76 -24.26 -22.54
CA GLY B 982 -20.34 -24.52 -22.47
C GLY B 982 -19.47 -23.30 -22.62
N ALA B 983 -19.92 -22.30 -23.38
CA ALA B 983 -19.23 -21.03 -23.46
C ALA B 983 -19.43 -20.18 -22.22
N THR B 984 -20.60 -20.26 -21.58
CA THR B 984 -20.85 -19.52 -20.35
C THR B 984 -20.09 -20.08 -19.16
N MET B 985 -19.92 -21.40 -19.07
CA MET B 985 -19.07 -21.96 -18.03
C MET B 985 -17.62 -21.55 -18.21
N PHE B 986 -17.13 -21.54 -19.45
CA PHE B 986 -15.79 -21.06 -19.74
C PHE B 986 -15.64 -19.59 -19.41
N GLY B 987 -16.68 -18.79 -19.68
CA GLY B 987 -16.62 -17.37 -19.38
C GLY B 987 -16.62 -17.07 -17.90
N THR B 988 -17.44 -17.78 -17.13
CA THR B 988 -17.42 -17.57 -15.68
C THR B 988 -16.12 -18.07 -15.07
N TYR B 989 -15.55 -19.16 -15.61
CA TYR B 989 -14.20 -19.56 -15.18
C TYR B 989 -13.21 -18.43 -15.42
N ASN B 990 -13.27 -17.82 -16.60
CA ASN B 990 -12.34 -16.74 -16.93
C ASN B 990 -12.52 -15.56 -15.98
N VAL B 991 -13.76 -15.23 -15.64
CA VAL B 991 -14.01 -14.11 -14.73
C VAL B 991 -13.46 -14.42 -13.34
N ILE B 992 -13.74 -15.62 -12.83
CA ILE B 992 -13.30 -15.97 -11.49
C ILE B 992 -11.78 -16.04 -11.40
N SER B 993 -11.13 -16.53 -12.45
CA SER B 993 -9.70 -16.79 -12.36
C SER B 993 -8.83 -15.61 -12.79
N LEU B 994 -9.28 -14.77 -13.71
CA LEU B 994 -8.45 -13.73 -14.28
C LEU B 994 -8.84 -12.32 -13.85
N VAL B 995 -9.93 -12.16 -13.13
CA VAL B 995 -10.38 -10.84 -12.71
C VAL B 995 -10.52 -10.82 -11.20
N VAL B 996 -10.79 -11.98 -10.60
CA VAL B 996 -11.05 -12.06 -9.17
C VAL B 996 -9.85 -12.67 -8.46
N LEU B 997 -9.52 -13.92 -8.77
CA LEU B 997 -8.48 -14.63 -8.03
C LEU B 997 -7.07 -14.18 -8.39
N LEU B 998 -6.90 -13.40 -9.46
CA LEU B 998 -5.58 -12.93 -9.83
C LEU B 998 -5.27 -11.54 -9.28
N ASN B 999 -6.29 -10.69 -9.13
CA ASN B 999 -6.10 -9.42 -8.45
C ASN B 999 -6.00 -9.58 -6.94
N MET B 1000 -6.65 -10.60 -6.39
CA MET B 1000 -6.50 -10.92 -4.98
C MET B 1000 -5.08 -11.33 -4.64
N LEU B 1001 -4.42 -12.07 -5.53
CA LEU B 1001 -3.03 -12.45 -5.29
C LEU B 1001 -2.11 -11.23 -5.26
N ILE B 1002 -2.34 -10.26 -6.14
CA ILE B 1002 -1.57 -9.03 -6.11
C ILE B 1002 -1.86 -8.26 -4.82
N ALA B 1003 -3.12 -8.21 -4.41
CA ALA B 1003 -3.48 -7.50 -3.19
C ALA B 1003 -2.80 -8.11 -1.98
N MET B 1004 -2.66 -9.45 -1.97
CA MET B 1004 -1.95 -10.09 -0.87
C MET B 1004 -0.45 -9.89 -0.93
N MET B 1005 0.14 -9.96 -2.12
CA MET B 1005 1.59 -9.79 -2.22
C MET B 1005 2.00 -8.36 -1.90
N ASN B 1006 1.15 -7.39 -2.18
CA ASN B 1006 1.45 -6.01 -1.80
C ASN B 1006 1.51 -5.86 -0.28
N ASN B 1007 0.58 -6.48 0.43
CA ASN B 1007 0.55 -6.38 1.88
C ASN B 1007 1.63 -7.22 2.53
N SER B 1008 1.97 -8.37 1.93
CA SER B 1008 2.99 -9.24 2.49
C SER B 1008 4.39 -8.70 2.27
N TYR B 1009 4.60 -7.89 1.24
CA TYR B 1009 5.91 -7.31 0.96
C TYR B 1009 6.20 -6.07 1.79
N GLN B 1010 5.17 -5.35 2.23
CA GLN B 1010 5.38 -4.19 3.09
C GLN B 1010 5.80 -4.59 4.50
N LEU B 1011 5.28 -5.69 5.01
CA LEU B 1011 5.67 -6.21 6.31
C LEU B 1011 6.99 -6.95 6.28
N ILE B 1012 7.49 -7.28 5.09
CA ILE B 1012 8.76 -7.97 4.93
C ILE B 1012 9.94 -7.02 4.79
N ALA B 1013 9.78 -5.91 4.07
CA ALA B 1013 10.87 -4.98 3.82
C ALA B 1013 11.40 -4.31 5.07
N ASP B 1014 10.77 -4.51 6.23
CA ASP B 1014 11.34 -4.01 7.47
C ASP B 1014 12.52 -4.85 7.93
N HIS B 1015 12.34 -6.17 7.95
CA HIS B 1015 13.39 -7.09 8.38
C HIS B 1015 14.24 -7.58 7.23
N ALA B 1016 14.17 -6.91 6.07
CA ALA B 1016 14.85 -7.39 4.89
C ALA B 1016 16.37 -7.36 5.02
N ASP B 1017 16.91 -6.53 5.91
CA ASP B 1017 18.35 -6.43 6.06
C ASP B 1017 18.90 -7.38 7.13
N ILE B 1018 18.08 -7.73 8.12
CA ILE B 1018 18.50 -8.68 9.14
C ILE B 1018 18.42 -10.13 8.63
N GLU B 1019 17.36 -10.48 7.90
CA GLU B 1019 17.26 -11.80 7.30
C GLU B 1019 18.33 -12.05 6.26
N TRP B 1020 18.64 -11.04 5.44
CA TRP B 1020 19.70 -11.21 4.45
C TRP B 1020 21.05 -11.43 5.11
N LYS B 1021 21.35 -10.69 6.18
CA LYS B 1021 22.63 -10.87 6.85
C LYS B 1021 22.69 -12.21 7.56
N PHE B 1022 21.59 -12.66 8.16
CA PHE B 1022 21.53 -14.00 8.73
C PHE B 1022 21.76 -15.09 7.68
N ALA B 1023 21.24 -14.90 6.46
CA ALA B 1023 21.43 -15.88 5.40
C ALA B 1023 22.84 -15.85 4.82
N ARG B 1024 23.38 -14.65 4.62
CA ARG B 1024 24.76 -14.51 4.16
C ARG B 1024 25.77 -15.05 5.18
N THR B 1025 25.47 -14.93 6.47
CA THR B 1025 26.36 -15.51 7.47
C THR B 1025 26.39 -17.03 7.36
N LYS B 1026 25.26 -17.67 7.11
CA LYS B 1026 25.25 -19.12 6.93
C LYS B 1026 25.88 -19.53 5.62
N LEU B 1027 25.77 -18.71 4.58
CA LEU B 1027 26.49 -18.99 3.34
C LEU B 1027 27.99 -18.86 3.54
N TRP B 1028 28.42 -17.93 4.40
CA TRP B 1028 29.85 -17.75 4.67
C TRP B 1028 30.39 -18.89 5.51
N MET B 1029 29.66 -19.28 6.55
CA MET B 1029 30.13 -20.31 7.47
C MET B 1029 30.31 -21.66 6.81
N SER B 1030 29.76 -21.85 5.60
CA SER B 1030 29.90 -23.12 4.91
C SER B 1030 31.21 -23.23 4.15
N TYR B 1031 31.95 -22.13 3.99
CA TYR B 1031 33.27 -22.15 3.36
C TYR B 1031 34.39 -21.96 4.38
N PHE B 1032 34.10 -22.05 5.66
CA PHE B 1032 35.11 -21.84 6.70
C PHE B 1032 35.85 -23.11 7.06
N ASP B 1033 35.21 -24.27 6.91
CA ASP B 1033 35.79 -25.54 7.31
C ASP B 1033 36.78 -26.02 6.24
N GLU B 1034 37.23 -27.26 6.36
CA GLU B 1034 38.18 -27.83 5.42
C GLU B 1034 37.66 -29.05 4.68
N GLY B 1035 36.53 -29.62 5.10
CA GLY B 1035 35.99 -30.82 4.48
C GLY B 1035 35.80 -30.74 2.98
N GLY B 1036 34.88 -29.91 2.52
CA GLY B 1036 34.62 -29.77 1.10
C GLY B 1036 35.39 -28.64 0.46
N THR B 1037 36.71 -28.60 0.69
CA THR B 1037 37.52 -27.50 0.18
C THR B 1037 37.63 -27.54 -1.33
N LEU B 1038 37.56 -28.71 -1.94
CA LEU B 1038 37.95 -28.88 -3.32
C LEU B 1038 36.72 -29.04 -4.21
N PRO B 1039 36.65 -28.32 -5.32
CA PRO B 1039 35.40 -28.25 -6.11
C PRO B 1039 34.98 -29.62 -6.63
N PRO B 1040 33.74 -29.74 -7.12
CA PRO B 1040 33.18 -31.07 -7.47
C PRO B 1040 33.97 -31.80 -8.55
N PRO B 1041 34.50 -31.12 -9.58
CA PRO B 1041 35.30 -31.88 -10.57
C PRO B 1041 36.46 -32.65 -9.95
N PHE B 1042 37.20 -32.01 -9.04
CA PHE B 1042 38.30 -32.68 -8.34
C PHE B 1042 37.86 -33.30 -7.02
N ASN B 1043 36.57 -33.20 -6.67
CA ASN B 1043 36.08 -33.76 -5.42
C ASN B 1043 36.28 -35.27 -5.36
N ILE B 1044 36.21 -35.95 -6.51
CA ILE B 1044 36.25 -37.41 -6.54
C ILE B 1044 37.63 -37.95 -6.90
N ILE B 1045 38.58 -37.09 -7.27
CA ILE B 1045 39.92 -37.53 -7.64
C ILE B 1045 40.68 -38.00 -6.41
N ASN B 1084 41.66 -30.75 29.71
CA ASN B 1084 40.95 -29.72 30.44
C ASN B 1084 41.90 -28.67 31.01
N ALA B 1085 43.13 -28.66 30.49
CA ALA B 1085 44.09 -27.66 30.94
C ALA B 1085 43.69 -26.26 30.45
N ASP B 1086 43.31 -26.15 29.18
CA ASP B 1086 42.85 -24.89 28.63
C ASP B 1086 41.34 -24.71 28.75
N SER B 1087 40.59 -25.80 28.94
CA SER B 1087 39.14 -25.76 29.06
C SER B 1087 38.67 -25.15 30.37
N LEU B 1088 39.56 -24.67 31.22
CA LEU B 1088 39.18 -23.93 32.41
C LEU B 1088 39.60 -22.46 32.36
N ILE B 1089 40.75 -22.15 31.77
CA ILE B 1089 41.10 -20.75 31.53
C ILE B 1089 40.19 -20.15 30.48
N GLN B 1090 39.88 -20.93 29.44
CA GLN B 1090 38.97 -20.49 28.39
C GLN B 1090 37.57 -20.22 28.96
N ASN B 1091 37.18 -20.97 29.99
CA ASN B 1091 35.90 -20.78 30.65
C ASN B 1091 35.95 -19.68 31.71
N GLN B 1092 37.13 -19.38 32.24
CA GLN B 1092 37.29 -18.32 33.24
C GLN B 1092 37.34 -16.94 32.62
N HIS B 1093 37.96 -16.80 31.44
CA HIS B 1093 37.94 -15.51 30.76
C HIS B 1093 36.54 -15.12 30.30
N TYR B 1094 35.76 -16.10 29.84
CA TYR B 1094 34.39 -15.82 29.42
C TYR B 1094 33.56 -15.29 30.59
N GLN B 1095 33.80 -15.80 31.80
CA GLN B 1095 33.03 -15.34 32.95
C GLN B 1095 33.36 -13.90 33.31
N GLU B 1096 34.62 -13.49 33.20
CA GLU B 1096 34.97 -12.09 33.41
C GLU B 1096 34.34 -11.19 32.37
N VAL B 1097 34.39 -11.61 31.09
CA VAL B 1097 33.77 -10.82 30.03
C VAL B 1097 32.27 -10.67 30.28
N ILE B 1098 31.62 -11.77 30.70
CA ILE B 1098 30.19 -11.72 30.98
C ILE B 1098 29.89 -10.82 32.17
N ARG B 1099 30.73 -10.88 33.20
CA ARG B 1099 30.54 -9.99 34.36
C ARG B 1099 30.56 -8.54 33.93
N ASN B 1100 31.57 -8.16 33.12
CA ASN B 1100 31.67 -6.78 32.67
C ASN B 1100 30.49 -6.39 31.79
N LEU B 1101 30.11 -7.27 30.86
CA LEU B 1101 29.00 -6.96 29.96
C LEU B 1101 27.70 -6.76 30.73
N VAL B 1102 27.41 -7.66 31.68
CA VAL B 1102 26.18 -7.55 32.46
C VAL B 1102 26.20 -6.30 33.32
N LYS B 1103 27.35 -5.98 33.92
CA LYS B 1103 27.45 -4.77 34.73
C LYS B 1103 27.13 -3.53 33.92
N ARG B 1104 27.81 -3.35 32.79
CA ARG B 1104 27.59 -2.13 32.02
C ARG B 1104 26.24 -2.12 31.31
N TYR B 1105 25.66 -3.29 30.99
CA TYR B 1105 24.32 -3.31 30.44
C TYR B 1105 23.28 -2.92 31.48
N VAL B 1106 23.41 -3.42 32.70
CA VAL B 1106 22.52 -3.01 33.78
C VAL B 1106 22.64 -1.51 34.02
N ALA B 1107 23.88 -1.00 34.03
CA ALA B 1107 24.07 0.44 34.23
C ALA B 1107 23.42 1.25 33.12
N ALA B 1108 23.61 0.85 31.86
CA ALA B 1108 23.03 1.57 30.74
C ALA B 1108 21.52 1.38 30.62
N MET B 1109 20.97 0.37 31.29
CA MET B 1109 19.53 0.13 31.25
C MET B 1109 18.80 0.84 32.39
N ILE B 1110 19.44 0.95 33.56
CA ILE B 1110 18.82 1.69 34.66
C ILE B 1110 18.73 3.17 34.33
N ARG B 1111 19.84 3.75 33.86
CA ARG B 1111 19.86 5.17 33.53
C ARG B 1111 18.89 5.48 32.39
N ASN B 1112 18.82 4.60 31.40
CA ASN B 1112 17.99 4.83 30.21
C ASN B 1112 16.51 4.92 30.53
N SER B 1113 16.08 4.45 31.69
CA SER B 1113 14.66 4.45 32.04
C SER B 1113 14.19 5.83 32.47
N LYS B 1114 14.37 6.80 31.58
CA LYS B 1114 13.96 8.18 31.84
C LYS B 1114 13.22 8.76 30.64
N ARG C 398 -5.78 50.17 5.49
CA ARG C 398 -5.69 49.40 6.72
C ARG C 398 -7.01 48.69 7.05
N ILE C 399 -6.95 47.76 8.00
CA ILE C 399 -8.15 47.09 8.49
C ILE C 399 -8.33 47.48 9.95
N PRO C 400 -9.20 48.43 10.26
CA PRO C 400 -9.42 48.80 11.67
C PRO C 400 -10.09 47.66 12.43
N LEU C 401 -9.45 47.23 13.50
CA LEU C 401 -9.94 46.14 14.33
C LEU C 401 -10.60 46.72 15.57
N GLN C 402 -11.83 46.30 15.84
CA GLN C 402 -12.61 46.82 16.95
C GLN C 402 -13.60 45.74 17.38
N ILE C 403 -13.84 45.65 18.69
CA ILE C 403 -14.68 44.58 19.21
C ILE C 403 -16.11 44.77 18.75
N VAL C 404 -16.56 43.92 17.84
CA VAL C 404 -17.93 43.88 17.38
C VAL C 404 -18.73 43.08 18.42
N ARG C 405 -20.02 43.36 18.49
CA ARG C 405 -20.94 42.76 19.49
C ARG C 405 -20.28 42.68 20.87
N ALA C 406 -19.95 43.85 21.39
CA ALA C 406 -19.19 43.94 22.63
C ALA C 406 -20.03 43.48 23.83
N GLU C 407 -19.32 43.11 24.90
CA GLU C 407 -19.94 42.59 26.11
C GLU C 407 -20.32 43.75 27.03
N THR C 408 -20.88 43.44 28.20
CA THR C 408 -21.12 44.45 29.22
C THR C 408 -20.09 44.27 30.33
N GLU C 409 -19.68 45.40 30.90
CA GLU C 409 -18.68 45.45 31.97
C GLU C 409 -19.15 46.30 33.15
N LEU C 410 -20.31 45.96 33.71
CA LEU C 410 -21.15 46.81 34.60
C LEU C 410 -20.27 47.63 35.54
N SER C 411 -19.39 47.03 36.33
CA SER C 411 -18.69 47.78 37.37
C SER C 411 -17.20 47.41 37.38
N ALA C 412 -16.43 48.05 38.27
CA ALA C 412 -15.00 47.81 38.40
C ALA C 412 -14.65 47.28 39.79
N GLU C 413 -15.42 47.65 40.82
CA GLU C 413 -15.23 47.05 42.14
C GLU C 413 -15.59 45.57 42.12
N GLU C 414 -16.51 45.17 41.23
CA GLU C 414 -16.89 43.77 41.08
C GLU C 414 -15.81 42.96 40.39
N LYS C 415 -14.82 43.61 39.77
CA LYS C 415 -13.72 42.91 39.13
C LYS C 415 -12.81 42.20 40.13
N ALA C 416 -12.86 42.58 41.41
CA ALA C 416 -12.03 41.99 42.45
C ALA C 416 -12.97 41.43 43.52
N PHE C 417 -13.24 40.13 43.45
CA PHE C 417 -14.16 39.48 44.37
C PHE C 417 -13.40 38.61 45.36
N VAL C 442 -22.76 45.76 45.06
CA VAL C 442 -22.03 44.62 44.52
C VAL C 442 -23.00 43.47 44.28
N ASN C 443 -22.68 42.62 43.29
CA ASN C 443 -23.48 41.46 43.00
C ASN C 443 -22.62 40.21 43.13
N ILE C 444 -23.15 39.19 43.80
CA ILE C 444 -22.37 37.97 44.00
C ILE C 444 -22.36 37.11 42.75
N ASN C 445 -23.23 37.41 41.78
CA ASN C 445 -23.28 36.67 40.52
C ASN C 445 -22.43 37.36 39.45
N CYS C 446 -21.12 37.36 39.69
CA CYS C 446 -20.17 38.06 38.84
C CYS C 446 -19.83 37.18 37.63
N MET C 447 -20.60 37.37 36.56
CA MET C 447 -20.33 36.67 35.32
C MET C 447 -19.19 37.36 34.58
N ASP C 448 -18.08 36.64 34.40
CA ASP C 448 -16.90 37.21 33.76
C ASP C 448 -17.07 37.21 32.25
N PRO C 449 -16.09 37.67 31.47
CA PRO C 449 -16.25 37.56 30.00
C PRO C 449 -16.51 36.14 29.50
N LEU C 450 -15.89 35.13 30.12
CA LEU C 450 -16.14 33.75 29.73
C LEU C 450 -17.33 33.12 30.43
N GLY C 451 -18.16 33.93 31.10
CA GLY C 451 -19.34 33.43 31.76
C GLY C 451 -19.04 32.57 32.97
N ARG C 452 -17.93 32.84 33.65
CA ARG C 452 -17.50 32.07 34.82
C ARG C 452 -17.94 32.82 36.07
N SER C 453 -18.99 32.34 36.70
CA SER C 453 -19.46 32.95 37.94
C SER C 453 -18.51 32.62 39.09
N ALA C 454 -18.90 33.03 40.30
CA ALA C 454 -18.09 32.78 41.48
C ALA C 454 -17.92 31.28 41.73
N LEU C 455 -19.03 30.53 41.67
CA LEU C 455 -18.95 29.10 41.92
C LEU C 455 -18.13 28.37 40.86
N LEU C 456 -18.17 28.86 39.62
CA LEU C 456 -17.36 28.22 38.58
C LEU C 456 -15.87 28.36 38.86
N ILE C 457 -15.46 29.53 39.37
CA ILE C 457 -14.06 29.73 39.72
C ILE C 457 -13.70 28.97 40.99
N ALA C 458 -14.65 28.85 41.93
CA ALA C 458 -14.40 28.08 43.14
C ALA C 458 -14.48 26.58 42.92
N ILE C 459 -14.96 26.15 41.76
CA ILE C 459 -14.97 24.73 41.41
C ILE C 459 -13.76 24.37 40.55
N GLU C 460 -13.44 25.19 39.55
CA GLU C 460 -12.25 24.93 38.75
C GLU C 460 -10.99 24.91 39.61
N ASN C 461 -10.89 25.83 40.57
CA ASN C 461 -9.88 25.77 41.61
C ASN C 461 -10.52 25.13 42.83
N GLU C 462 -9.99 23.98 43.25
CA GLU C 462 -10.63 23.18 44.30
C GLU C 462 -10.48 23.90 45.64
N ASN C 463 -11.29 24.95 45.82
CA ASN C 463 -11.25 25.79 47.04
C ASN C 463 -12.24 25.27 48.08
N LEU C 464 -13.13 24.36 47.68
CA LEU C 464 -14.15 23.77 48.59
C LEU C 464 -14.88 24.90 49.34
N TYR C 476 -26.82 31.67 44.28
CA TYR C 476 -27.36 31.06 43.07
C TYR C 476 -26.40 30.03 42.50
N VAL C 477 -26.84 28.77 42.45
CA VAL C 477 -26.01 27.66 41.98
C VAL C 477 -26.21 27.42 40.49
N GLY C 478 -27.46 27.45 40.02
CA GLY C 478 -27.75 27.16 38.63
C GLY C 478 -27.45 25.72 38.27
N ASP C 479 -26.43 25.50 37.45
CA ASP C 479 -26.00 24.16 37.11
C ASP C 479 -24.52 23.98 37.37
N ALA C 480 -24.07 24.40 38.56
CA ALA C 480 -22.67 24.24 38.95
C ALA C 480 -22.32 22.79 39.28
N LEU C 481 -23.32 21.93 39.47
CA LEU C 481 -23.05 20.51 39.67
C LEU C 481 -22.50 19.86 38.41
N LEU C 482 -22.94 20.31 37.24
CA LEU C 482 -22.43 19.75 35.99
C LEU C 482 -20.97 20.14 35.75
N TYR C 483 -20.54 21.27 36.31
CA TYR C 483 -19.14 21.67 36.21
C TYR C 483 -18.26 20.95 37.22
N ALA C 484 -18.84 20.40 38.28
CA ALA C 484 -18.10 19.62 39.26
C ALA C 484 -18.01 18.15 38.85
N ILE C 485 -19.11 17.59 38.33
CA ILE C 485 -19.11 16.20 37.89
C ILE C 485 -18.11 15.99 36.75
N ARG C 486 -17.80 17.04 36.01
CA ARG C 486 -17.01 16.94 34.78
C ARG C 486 -15.51 17.03 35.04
N LYS C 487 -15.10 17.19 36.30
CA LYS C 487 -13.67 17.35 36.57
C LYS C 487 -13.18 16.35 37.61
N GLU C 488 -13.95 16.16 38.69
CA GLU C 488 -13.48 15.37 39.83
C GLU C 488 -14.53 15.28 40.93
N VAL C 489 -14.23 14.51 41.98
CA VAL C 489 -15.16 14.35 43.11
C VAL C 489 -14.48 14.75 44.41
N VAL C 490 -14.64 16.02 44.76
CA VAL C 490 -14.39 16.51 46.12
C VAL C 490 -15.61 17.32 46.55
N GLY C 491 -16.00 18.28 45.72
CA GLY C 491 -17.15 19.12 46.00
C GLY C 491 -18.45 18.56 45.47
N ALA C 492 -18.37 17.46 44.73
CA ALA C 492 -19.59 16.82 44.22
C ALA C 492 -20.47 16.34 45.35
N VAL C 493 -19.87 15.85 46.44
CA VAL C 493 -20.66 15.46 47.60
C VAL C 493 -21.16 16.68 48.35
N GLU C 494 -20.50 17.83 48.18
CA GLU C 494 -20.94 19.05 48.85
C GLU C 494 -22.15 19.66 48.15
N LEU C 495 -22.09 19.79 46.83
CA LEU C 495 -23.22 20.32 46.06
C LEU C 495 -24.42 19.38 46.04
N LEU C 496 -24.24 18.13 46.41
CA LEU C 496 -25.32 17.15 46.39
C LEU C 496 -26.18 17.20 47.65
N LEU C 497 -25.77 17.94 48.68
CA LEU C 497 -26.56 18.09 49.89
C LEU C 497 -27.03 19.51 50.12
N SER C 498 -26.29 20.51 49.65
CA SER C 498 -26.69 21.91 49.82
C SER C 498 -27.95 22.23 49.02
N GLN C 516 -28.21 33.81 30.86
CA GLN C 516 -28.08 32.37 31.11
C GLN C 516 -27.25 31.72 30.03
N PHE C 517 -25.96 31.54 30.30
CA PHE C 517 -25.05 30.87 29.38
C PHE C 517 -24.41 29.69 30.11
N SER C 518 -24.75 28.48 29.67
CA SER C 518 -24.14 27.27 30.19
C SER C 518 -23.34 26.59 29.09
N GLU C 519 -22.31 25.86 29.49
CA GLU C 519 -21.48 25.09 28.58
C GLU C 519 -22.06 23.70 28.32
N PHE C 520 -23.32 23.47 28.70
CA PHE C 520 -23.99 22.20 28.51
C PHE C 520 -25.35 22.43 27.88
N THR C 521 -25.75 21.50 27.02
CA THR C 521 -27.05 21.58 26.37
C THR C 521 -28.17 21.50 27.40
N PRO C 522 -29.36 22.02 27.08
CA PRO C 522 -30.44 22.07 28.08
C PRO C 522 -31.08 20.73 28.37
N ASP C 523 -30.51 19.64 27.86
CA ASP C 523 -31.05 18.31 28.08
C ASP C 523 -30.19 17.43 28.98
N ILE C 524 -28.96 17.83 29.29
CA ILE C 524 -28.07 16.97 30.03
C ILE C 524 -28.47 16.93 31.51
N THR C 525 -28.62 15.73 32.03
CA THR C 525 -28.90 15.45 33.42
C THR C 525 -27.60 15.14 34.15
N PRO C 526 -27.51 15.42 35.46
CA PRO C 526 -26.29 15.04 36.21
C PRO C 526 -25.86 13.59 36.04
N ILE C 527 -26.81 12.65 36.09
CA ILE C 527 -26.43 11.24 35.93
C ILE C 527 -25.96 10.96 34.51
N MET C 528 -26.55 11.64 33.52
CA MET C 528 -26.11 11.45 32.14
C MET C 528 -24.67 11.90 31.95
N LEU C 529 -24.32 13.07 32.48
CA LEU C 529 -22.95 13.55 32.37
C LEU C 529 -21.98 12.73 33.21
N ALA C 530 -22.42 12.25 34.37
CA ALA C 530 -21.57 11.36 35.16
C ALA C 530 -21.30 10.06 34.43
N ALA C 531 -22.26 9.58 33.64
CA ALA C 531 -22.04 8.40 32.82
C ALA C 531 -21.19 8.69 31.60
N HIS C 532 -21.29 9.89 31.03
CA HIS C 532 -20.41 10.28 29.93
C HIS C 532 -18.96 10.34 30.40
N THR C 533 -18.73 10.86 31.60
CA THR C 533 -17.37 10.96 32.11
C THR C 533 -16.79 9.61 32.50
N ASN C 534 -17.63 8.65 32.86
CA ASN C 534 -17.21 7.28 33.20
C ASN C 534 -16.26 7.27 34.40
N ASN C 535 -16.73 7.87 35.48
CA ASN C 535 -16.02 7.81 36.77
C ASN C 535 -16.87 6.98 37.73
N TYR C 536 -16.26 5.97 38.33
CA TYR C 536 -17.03 5.02 39.12
C TYR C 536 -17.54 5.64 40.41
N GLU C 537 -16.71 6.43 41.09
CA GLU C 537 -17.09 6.95 42.39
C GLU C 537 -18.18 8.02 42.29
N ILE C 538 -18.20 8.79 41.20
CA ILE C 538 -19.25 9.78 41.02
C ILE C 538 -20.56 9.15 40.60
N ILE C 539 -20.52 8.19 39.67
CA ILE C 539 -21.74 7.48 39.30
C ILE C 539 -22.32 6.74 40.49
N LYS C 540 -21.47 6.16 41.35
CA LYS C 540 -21.98 5.50 42.54
C LYS C 540 -22.68 6.49 43.47
N LEU C 541 -22.04 7.62 43.76
CA LEU C 541 -22.64 8.64 44.60
C LEU C 541 -23.99 9.09 44.04
N LEU C 542 -24.07 9.29 42.73
CA LEU C 542 -25.32 9.76 42.14
C LEU C 542 -26.37 8.66 42.04
N VAL C 543 -25.97 7.40 42.01
CA VAL C 543 -26.97 6.33 41.89
C VAL C 543 -27.43 5.84 43.26
N GLN C 544 -26.71 6.17 44.33
CA GLN C 544 -27.22 5.87 45.67
C GLN C 544 -28.59 6.52 45.90
N LYS C 545 -28.82 7.69 45.30
CA LYS C 545 -30.09 8.38 45.42
C LYS C 545 -31.05 7.91 44.33
N ARG C 546 -32.17 8.62 44.20
CA ARG C 546 -33.20 8.26 43.23
C ARG C 546 -33.02 9.02 41.92
N VAL C 547 -32.28 8.43 40.99
CA VAL C 547 -32.09 9.01 39.66
C VAL C 547 -32.65 8.05 38.63
N THR C 548 -33.04 8.63 37.48
CA THR C 548 -33.61 7.86 36.39
C THR C 548 -33.04 8.36 35.07
N ILE C 549 -33.24 7.58 34.02
CA ILE C 549 -32.85 7.95 32.66
C ILE C 549 -34.04 7.72 31.75
N PRO C 550 -34.33 8.62 30.81
CA PRO C 550 -35.45 8.39 29.88
C PRO C 550 -35.17 7.27 28.90
N ARG C 551 -35.98 6.22 28.93
CA ARG C 551 -35.79 5.08 28.04
C ARG C 551 -36.07 5.47 26.60
N PRO C 552 -35.15 5.23 25.68
CA PRO C 552 -35.43 5.52 24.26
C PRO C 552 -36.46 4.55 23.71
N HIS C 553 -37.37 5.07 22.89
CA HIS C 553 -38.55 4.31 22.48
C HIS C 553 -38.18 3.05 21.72
N GLN C 554 -37.63 3.21 20.52
CA GLN C 554 -37.16 2.09 19.70
C GLN C 554 -36.59 2.68 18.42
N ILE C 555 -35.91 1.83 17.65
CA ILE C 555 -35.24 2.29 16.44
C ILE C 555 -36.25 2.96 15.50
N ARG C 556 -37.23 2.19 15.04
CA ARG C 556 -38.27 2.70 14.14
C ARG C 556 -39.56 2.97 14.91
N CYS C 557 -39.56 4.09 15.62
CA CYS C 557 -40.73 4.53 16.39
C CYS C 557 -41.47 5.60 15.59
N ASN C 558 -42.76 5.38 15.36
CA ASN C 558 -43.61 6.34 14.66
C ASN C 558 -44.82 6.74 15.50
N CYS C 559 -44.65 6.84 16.82
CA CYS C 559 -45.75 7.20 17.70
C CYS C 559 -45.99 8.70 17.64
N VAL C 560 -46.84 9.18 18.56
CA VAL C 560 -47.28 10.57 18.51
C VAL C 560 -46.13 11.53 18.77
N GLU C 561 -45.19 11.17 19.64
CA GLU C 561 -44.13 12.11 20.01
C GLU C 561 -42.82 11.78 19.31
N CYS C 562 -42.63 10.54 18.87
CA CYS C 562 -41.51 10.23 17.99
C CYS C 562 -41.60 10.94 16.65
N VAL C 563 -42.75 11.49 16.30
CA VAL C 563 -42.93 12.23 15.05
C VAL C 563 -43.13 13.72 15.31
N SER C 564 -43.80 14.08 16.40
CA SER C 564 -44.05 15.48 16.70
C SER C 564 -42.92 16.14 17.48
N SER C 565 -41.87 15.40 17.82
CA SER C 565 -40.64 15.99 18.34
C SER C 565 -39.56 16.12 17.29
N SER C 566 -39.51 15.19 16.34
CA SER C 566 -38.59 15.26 15.21
C SER C 566 -39.14 16.11 14.08
N GLU C 567 -40.30 16.72 14.26
CA GLU C 567 -40.87 17.65 13.28
C GLU C 567 -40.86 19.08 13.81
N VAL C 568 -40.43 19.29 15.05
CA VAL C 568 -40.28 20.62 15.60
C VAL C 568 -38.82 21.01 15.54
N ASP C 569 -37.96 20.25 16.23
CA ASP C 569 -36.53 20.52 16.16
C ASP C 569 -35.80 19.55 15.24
N SER C 570 -35.85 18.25 15.53
CA SER C 570 -35.12 17.22 14.80
C SER C 570 -33.61 17.35 15.00
N LEU C 571 -33.19 18.41 15.69
CA LEU C 571 -31.79 18.52 16.11
C LEU C 571 -31.65 18.27 17.60
N ARG C 572 -32.48 18.93 18.40
CA ARG C 572 -32.53 18.64 19.83
C ARG C 572 -32.94 17.19 20.08
N HIS C 573 -33.86 16.66 19.27
CA HIS C 573 -34.29 15.27 19.46
C HIS C 573 -33.13 14.30 19.22
N SER C 574 -32.43 14.47 18.10
CA SER C 574 -31.30 13.59 17.79
C SER C 574 -30.19 13.73 18.82
N ARG C 575 -29.89 14.95 19.25
CA ARG C 575 -28.86 15.16 20.26
C ARG C 575 -29.25 14.51 21.59
N SER C 576 -30.51 14.67 22.01
CA SER C 576 -30.96 14.05 23.24
C SER C 576 -30.87 12.54 23.18
N ARG C 577 -31.32 11.95 22.06
CA ARG C 577 -31.20 10.51 21.89
C ARG C 577 -29.76 10.02 21.92
N LEU C 578 -28.85 10.71 21.24
CA LEU C 578 -27.44 10.34 21.28
C LEU C 578 -26.85 10.46 22.68
N ASN C 579 -27.22 11.49 23.44
CA ASN C 579 -26.71 11.62 24.79
C ASN C 579 -27.25 10.55 25.72
N ILE C 580 -28.52 10.17 25.57
CA ILE C 580 -29.07 9.08 26.36
C ILE C 580 -28.34 7.77 26.04
N TYR C 581 -28.10 7.49 24.76
CA TYR C 581 -27.42 6.25 24.41
C TYR C 581 -25.95 6.28 24.81
N LYS C 582 -25.34 7.46 24.84
CA LYS C 582 -23.96 7.58 25.30
C LYS C 582 -23.86 7.40 26.81
N ALA C 583 -24.92 7.76 27.54
CA ALA C 583 -24.94 7.51 28.98
C ALA C 583 -25.20 6.04 29.29
N LEU C 584 -26.13 5.42 28.57
CA LEU C 584 -26.47 4.02 28.83
C LEU C 584 -25.30 3.09 28.48
N ALA C 585 -24.54 3.42 27.44
CA ALA C 585 -23.41 2.58 27.01
C ALA C 585 -22.14 2.93 27.76
N SER C 586 -22.22 2.93 29.10
CA SER C 586 -21.10 3.27 29.95
C SER C 586 -20.68 2.05 30.75
N PRO C 587 -19.43 1.59 30.63
CA PRO C 587 -19.00 0.39 31.39
C PRO C 587 -19.17 0.52 32.89
N SER C 588 -19.29 1.73 33.43
CA SER C 588 -19.47 1.92 34.86
C SER C 588 -20.93 2.02 35.27
N LEU C 589 -21.81 2.49 34.38
CA LEU C 589 -23.24 2.44 34.63
C LEU C 589 -23.84 1.07 34.32
N ILE C 590 -23.12 0.22 33.60
CA ILE C 590 -23.54 -1.16 33.40
C ILE C 590 -22.99 -2.08 34.49
N ALA C 591 -21.81 -1.79 35.03
CA ALA C 591 -21.24 -2.59 36.11
C ALA C 591 -22.19 -2.61 37.30
N LEU C 592 -22.43 -1.45 37.91
CA LEU C 592 -23.48 -1.29 38.89
C LEU C 592 -24.80 -0.96 38.17
N SER C 593 -25.90 -1.38 38.79
CA SER C 593 -27.24 -1.19 38.23
C SER C 593 -27.43 -1.97 36.93
N SER C 594 -27.19 -3.28 37.03
CA SER C 594 -27.51 -4.23 35.97
C SER C 594 -27.49 -5.64 36.53
N GLU C 595 -28.54 -6.42 36.27
CA GLU C 595 -28.60 -7.78 36.79
C GLU C 595 -27.51 -8.66 36.19
N ASP C 596 -27.37 -8.64 34.87
CA ASP C 596 -26.23 -9.26 34.20
C ASP C 596 -25.66 -8.25 33.21
N PRO C 597 -24.43 -7.78 33.42
CA PRO C 597 -23.86 -6.76 32.52
C PRO C 597 -23.40 -7.32 31.18
N ILE C 598 -23.41 -8.62 30.99
CA ILE C 598 -22.97 -9.20 29.72
C ILE C 598 -24.09 -9.20 28.70
N LEU C 599 -25.31 -9.58 29.09
CA LEU C 599 -26.43 -9.55 28.17
C LEU C 599 -26.87 -8.12 27.85
N THR C 600 -26.79 -7.23 28.83
CA THR C 600 -27.07 -5.82 28.58
C THR C 600 -26.09 -5.23 27.57
N ALA C 601 -24.81 -5.57 27.70
CA ALA C 601 -23.82 -5.13 26.72
C ALA C 601 -24.06 -5.70 25.34
N PHE C 602 -24.47 -6.96 25.24
CA PHE C 602 -24.84 -7.53 23.94
C PHE C 602 -25.99 -6.77 23.30
N ARG C 603 -27.07 -6.56 24.04
CA ARG C 603 -28.22 -5.88 23.50
C ARG C 603 -27.90 -4.44 23.14
N LEU C 604 -27.09 -3.76 23.95
CA LEU C 604 -26.73 -2.38 23.63
C LEU C 604 -25.84 -2.30 22.40
N GLY C 605 -24.85 -3.19 22.28
CA GLY C 605 -24.04 -3.21 21.08
C GLY C 605 -24.88 -3.46 19.83
N TRP C 606 -25.83 -4.39 19.91
CA TRP C 606 -26.70 -4.65 18.78
C TRP C 606 -27.54 -3.42 18.44
N GLU C 607 -28.16 -2.81 19.44
CA GLU C 607 -29.02 -1.65 19.19
C GLU C 607 -28.23 -0.50 18.59
N LEU C 608 -27.01 -0.26 19.08
CA LEU C 608 -26.23 0.85 18.55
C LEU C 608 -25.70 0.54 17.15
N LYS C 609 -25.34 -0.71 16.86
CA LYS C 609 -24.93 -1.05 15.51
C LYS C 609 -26.09 -0.95 14.53
N GLU C 610 -27.30 -1.28 14.97
CA GLU C 610 -28.49 -1.13 14.13
C GLU C 610 -28.91 0.33 13.98
N LEU C 611 -28.62 1.18 14.97
CA LEU C 611 -28.93 2.59 14.89
C LEU C 611 -27.92 3.38 14.08
N SER C 612 -26.68 2.90 13.97
CA SER C 612 -25.70 3.55 13.12
C SER C 612 -26.07 3.47 11.64
N LYS C 613 -27.00 2.59 11.26
CA LYS C 613 -27.44 2.45 9.88
C LYS C 613 -28.69 3.29 9.60
N VAL C 614 -29.70 3.17 10.46
CA VAL C 614 -30.93 3.93 10.27
C VAL C 614 -30.65 5.42 10.34
N GLU C 615 -29.95 5.85 11.37
CA GLU C 615 -29.52 7.23 11.48
C GLU C 615 -28.34 7.46 10.55
N ASN C 616 -28.62 7.91 9.32
CA ASN C 616 -27.59 8.00 8.29
C ASN C 616 -26.43 8.88 8.73
N GLU C 617 -26.74 10.04 9.29
CA GLU C 617 -25.72 10.88 9.89
C GLU C 617 -25.42 10.40 11.30
N PHE C 618 -24.40 10.99 11.91
CA PHE C 618 -23.95 10.59 13.25
C PHE C 618 -23.52 9.12 13.26
N LYS C 619 -23.19 8.60 12.09
CA LYS C 619 -22.76 7.22 11.95
C LYS C 619 -21.41 6.95 12.63
N ALA C 620 -20.64 8.00 12.92
CA ALA C 620 -19.33 7.79 13.52
C ALA C 620 -19.40 7.64 15.04
N GLU C 621 -20.45 8.14 15.68
CA GLU C 621 -20.57 8.04 17.12
C GLU C 621 -21.26 6.77 17.58
N TYR C 622 -22.28 6.31 16.84
CA TYR C 622 -22.94 5.07 17.21
C TYR C 622 -22.04 3.86 17.06
N GLU C 623 -21.15 3.84 16.07
CA GLU C 623 -20.21 2.73 15.95
C GLU C 623 -19.16 2.75 17.06
N GLU C 624 -18.71 3.93 17.49
CA GLU C 624 -17.77 3.94 18.60
C GLU C 624 -18.44 3.56 19.91
N LEU C 625 -19.72 3.92 20.09
CA LEU C 625 -20.45 3.44 21.27
C LEU C 625 -20.64 1.93 21.24
N SER C 626 -20.97 1.38 20.07
CA SER C 626 -21.11 -0.06 19.96
C SER C 626 -19.79 -0.78 20.20
N GLN C 627 -18.69 -0.25 19.69
CA GLN C 627 -17.37 -0.80 19.96
C GLN C 627 -16.94 -0.62 21.41
N GLN C 628 -17.50 0.36 22.11
CA GLN C 628 -17.28 0.52 23.53
C GLN C 628 -18.03 -0.52 24.36
N CYS C 629 -19.24 -0.87 23.96
CA CYS C 629 -19.94 -1.97 24.62
C CYS C 629 -19.31 -3.32 24.32
N LYS C 630 -18.94 -3.56 23.06
CA LYS C 630 -18.34 -4.83 22.68
C LYS C 630 -17.00 -5.04 23.36
N LEU C 631 -16.27 -3.97 23.64
CA LEU C 631 -14.99 -4.06 24.34
C LEU C 631 -15.15 -4.21 25.84
N PHE C 632 -16.29 -3.76 26.40
CA PHE C 632 -16.58 -3.96 27.82
C PHE C 632 -17.05 -5.36 28.11
N ALA C 633 -17.89 -5.93 27.24
CA ALA C 633 -18.36 -7.29 27.45
C ALA C 633 -17.25 -8.32 27.34
N LYS C 634 -16.16 -8.00 26.64
CA LYS C 634 -15.02 -8.90 26.52
C LYS C 634 -14.00 -8.71 27.63
N ASP C 635 -13.75 -7.47 28.04
CA ASP C 635 -12.83 -7.18 29.13
C ASP C 635 -13.35 -7.63 30.48
N LEU C 636 -14.61 -8.05 30.57
CA LEU C 636 -15.16 -8.63 31.78
C LEU C 636 -14.95 -10.14 31.83
N LEU C 637 -14.95 -10.81 30.68
CA LEU C 637 -14.62 -12.22 30.59
C LEU C 637 -13.13 -12.47 30.73
N ASP C 638 -12.31 -11.44 30.52
CA ASP C 638 -10.86 -11.54 30.73
C ASP C 638 -10.48 -11.70 32.19
N GLN C 639 -11.40 -11.48 33.11
CA GLN C 639 -11.10 -11.51 34.53
C GLN C 639 -11.43 -12.84 35.19
N ALA C 640 -11.87 -13.84 34.43
CA ALA C 640 -12.11 -15.16 35.00
C ALA C 640 -10.79 -15.79 35.41
N ARG C 641 -10.72 -16.26 36.65
CA ARG C 641 -9.48 -16.83 37.18
C ARG C 641 -9.43 -18.35 37.11
N SER C 642 -10.57 -19.02 37.24
CA SER C 642 -10.65 -20.46 37.15
C SER C 642 -11.54 -20.87 35.99
N SER C 643 -11.50 -22.16 35.67
CA SER C 643 -12.35 -22.71 34.63
C SER C 643 -13.73 -23.09 35.13
N ARG C 644 -13.90 -23.22 36.45
CA ARG C 644 -15.23 -23.47 37.00
C ARG C 644 -16.14 -22.26 36.86
N GLU C 645 -15.57 -21.06 36.91
CA GLU C 645 -16.34 -19.83 36.74
C GLU C 645 -16.28 -19.29 35.32
N LEU C 646 -15.71 -20.05 34.39
CA LEU C 646 -15.84 -19.76 32.97
C LEU C 646 -16.92 -20.57 32.30
N GLU C 647 -17.24 -21.76 32.83
CA GLU C 647 -18.36 -22.54 32.36
C GLU C 647 -19.67 -22.14 33.00
N ILE C 648 -19.63 -21.38 34.08
CA ILE C 648 -20.86 -20.81 34.63
C ILE C 648 -21.36 -19.67 33.75
N ILE C 649 -20.46 -18.85 33.21
CA ILE C 649 -20.86 -17.74 32.37
C ILE C 649 -21.34 -18.22 31.01
N LEU C 650 -20.62 -19.16 30.39
CA LEU C 650 -20.92 -19.58 29.04
C LEU C 650 -22.12 -20.51 28.95
N ASN C 651 -22.61 -21.04 30.08
CA ASN C 651 -23.72 -21.98 30.09
C ASN C 651 -24.98 -21.39 30.71
N HIS C 652 -25.04 -20.08 30.89
CA HIS C 652 -26.14 -19.47 31.62
C HIS C 652 -27.42 -19.44 30.79
N ARG C 653 -28.51 -19.88 31.39
CA ARG C 653 -29.84 -19.88 30.77
C ARG C 653 -29.87 -20.70 29.49
N ASP C 667 -24.76 -27.52 27.01
CA ASP C 667 -25.39 -26.43 26.27
C ASP C 667 -24.73 -25.10 26.59
N LEU C 668 -24.11 -24.48 25.59
CA LEU C 668 -23.43 -23.20 25.74
C LEU C 668 -24.43 -22.10 25.37
N ALA C 669 -25.35 -21.83 26.30
CA ALA C 669 -26.51 -21.00 26.02
C ALA C 669 -26.20 -19.52 25.97
N LYS C 670 -25.04 -19.08 26.47
CA LYS C 670 -24.64 -17.69 26.34
C LYS C 670 -23.69 -17.46 25.17
N LEU C 671 -22.88 -18.45 24.83
CA LEU C 671 -22.08 -18.36 23.62
C LEU C 671 -22.95 -18.27 22.37
N LYS C 672 -24.11 -18.93 22.37
CA LYS C 672 -25.02 -18.82 21.24
C LYS C 672 -25.65 -17.44 21.16
N VAL C 673 -25.96 -16.83 22.30
CA VAL C 673 -26.49 -15.47 22.31
C VAL C 673 -25.42 -14.49 21.87
N ALA C 674 -24.15 -14.79 22.17
CA ALA C 674 -23.07 -13.96 21.68
C ALA C 674 -22.90 -14.11 20.17
N ILE C 675 -23.10 -15.32 19.65
CA ILE C 675 -22.97 -15.54 18.21
C ILE C 675 -24.11 -14.87 17.46
N LYS C 676 -25.32 -14.90 18.02
CA LYS C 676 -26.46 -14.30 17.33
C LYS C 676 -26.46 -12.78 17.39
N TYR C 677 -25.59 -12.17 18.20
CA TYR C 677 -25.44 -10.73 18.26
C TYR C 677 -24.15 -10.25 17.59
N HIS C 678 -23.40 -11.17 16.98
CA HIS C 678 -22.16 -10.85 16.27
C HIS C 678 -21.14 -10.21 17.21
N GLN C 679 -20.95 -10.83 18.37
CA GLN C 679 -19.95 -10.39 19.34
C GLN C 679 -18.65 -11.12 19.05
N LYS C 680 -17.95 -10.65 18.01
CA LYS C 680 -16.75 -11.31 17.52
C LYS C 680 -15.58 -11.24 18.48
N GLU C 681 -15.61 -10.35 19.47
CA GLU C 681 -14.55 -10.25 20.46
C GLU C 681 -14.83 -11.01 21.74
N PHE C 682 -16.10 -11.17 22.12
CA PHE C 682 -16.42 -12.08 23.21
C PHE C 682 -16.06 -13.51 22.85
N VAL C 683 -16.59 -14.01 21.74
CA VAL C 683 -16.00 -15.16 21.06
C VAL C 683 -14.60 -14.77 20.61
N ALA C 684 -13.76 -15.77 20.35
CA ALA C 684 -12.36 -15.59 19.98
C ALA C 684 -11.52 -15.06 21.13
N GLN C 685 -12.05 -15.01 22.34
CA GLN C 685 -11.23 -14.75 23.51
C GLN C 685 -10.45 -16.01 23.86
N PRO C 686 -9.16 -15.90 24.15
CA PRO C 686 -8.32 -17.11 24.28
C PRO C 686 -8.88 -18.18 25.21
N ASN C 687 -9.44 -17.78 26.35
CA ASN C 687 -9.99 -18.74 27.29
C ASN C 687 -11.34 -19.30 26.85
N CYS C 688 -12.07 -18.56 26.01
CA CYS C 688 -13.30 -19.09 25.42
C CYS C 688 -13.04 -20.05 24.28
N GLN C 689 -11.94 -19.90 23.56
CA GLN C 689 -11.58 -20.82 22.50
C GLN C 689 -10.86 -22.06 23.03
N GLN C 690 -10.07 -21.91 24.09
CA GLN C 690 -9.43 -23.05 24.71
C GLN C 690 -10.45 -23.99 25.36
N LEU C 691 -11.65 -23.49 25.66
CA LEU C 691 -12.73 -24.33 26.16
C LEU C 691 -13.51 -25.01 25.05
N LEU C 692 -13.67 -24.35 23.90
CA LEU C 692 -14.34 -24.98 22.78
C LEU C 692 -13.46 -26.03 22.11
N ALA C 693 -12.15 -25.82 22.10
CA ALA C 693 -11.25 -26.79 21.51
C ALA C 693 -11.15 -28.08 22.30
N THR C 694 -11.71 -28.13 23.50
CA THR C 694 -11.78 -29.36 24.27
C THR C 694 -13.08 -30.12 24.07
N LEU C 695 -14.16 -29.41 23.71
CA LEU C 695 -15.38 -30.08 23.29
C LEU C 695 -15.28 -30.55 21.84
N TRP C 696 -14.48 -29.87 21.03
CA TRP C 696 -14.29 -30.27 19.64
C TRP C 696 -13.51 -31.58 19.57
N TYR C 697 -12.30 -31.60 20.10
CA TYR C 697 -11.50 -32.83 20.18
C TYR C 697 -11.94 -33.64 21.40
N ASP C 698 -13.17 -34.15 21.32
CA ASP C 698 -13.77 -34.81 22.47
C ASP C 698 -13.13 -36.15 22.75
N GLY C 699 -12.50 -36.75 21.74
CA GLY C 699 -11.87 -38.04 21.91
C GLY C 699 -10.39 -38.05 21.57
N PHE C 700 -9.81 -36.87 21.44
CA PHE C 700 -8.38 -36.71 21.13
C PHE C 700 -7.73 -35.84 22.20
N PRO C 701 -7.55 -36.36 23.41
CA PRO C 701 -6.82 -35.59 24.42
C PRO C 701 -5.40 -35.29 23.96
N GLY C 702 -5.11 -34.02 23.72
CA GLY C 702 -3.79 -33.65 23.23
C GLY C 702 -3.63 -33.73 21.73
N TRP C 703 -4.62 -33.26 20.98
CA TRP C 703 -4.51 -33.27 19.52
C TRP C 703 -3.63 -32.12 19.06
N ARG C 704 -3.07 -31.38 20.01
CA ARG C 704 -2.13 -30.30 19.72
C ARG C 704 -0.68 -30.69 19.95
N ARG C 705 -0.42 -31.86 20.54
CA ARG C 705 0.93 -32.37 20.75
C ARG C 705 1.46 -33.15 19.56
N LYS C 706 0.58 -33.57 18.66
CA LYS C 706 0.93 -34.53 17.62
C LYS C 706 1.64 -33.85 16.46
N HIS C 707 2.24 -34.68 15.61
CA HIS C 707 2.90 -34.24 14.40
C HIS C 707 1.90 -34.17 13.24
N TRP C 708 2.23 -33.36 12.23
CA TRP C 708 1.30 -33.17 11.12
C TRP C 708 1.07 -34.44 10.32
N VAL C 709 2.07 -35.32 10.21
CA VAL C 709 1.88 -36.60 9.55
C VAL C 709 1.03 -37.55 10.39
N VAL C 710 1.23 -37.58 11.71
CA VAL C 710 0.38 -38.39 12.57
C VAL C 710 -1.05 -37.85 12.59
N LYS C 711 -1.24 -36.56 12.32
CA LYS C 711 -2.57 -35.99 12.17
C LYS C 711 -3.19 -36.39 10.84
N LEU C 712 -2.45 -36.28 9.75
CA LEU C 712 -2.96 -36.63 8.44
C LEU C 712 -3.36 -38.11 8.37
N LEU C 713 -2.50 -38.98 8.86
CA LEU C 713 -2.77 -40.41 8.75
C LEU C 713 -3.82 -40.88 9.75
N THR C 714 -4.09 -40.09 10.80
CA THR C 714 -5.21 -40.40 11.68
C THR C 714 -6.52 -39.84 11.16
N CYS C 715 -6.47 -38.74 10.40
CA CYS C 715 -7.68 -38.18 9.79
C CYS C 715 -8.14 -39.02 8.60
N MET C 716 -7.20 -39.49 7.77
CA MET C 716 -7.59 -40.33 6.64
C MET C 716 -8.03 -41.71 7.10
N THR C 717 -7.55 -42.16 8.26
CA THR C 717 -8.01 -43.44 8.79
C THR C 717 -9.47 -43.36 9.22
N ILE C 718 -9.88 -42.23 9.78
CA ILE C 718 -11.29 -42.03 10.10
C ILE C 718 -12.11 -41.76 8.84
N GLY C 719 -11.52 -41.10 7.83
CA GLY C 719 -12.24 -40.89 6.59
C GLY C 719 -12.60 -42.16 5.86
N PHE C 720 -11.71 -43.16 5.88
CA PHE C 720 -11.95 -44.43 5.21
C PHE C 720 -12.83 -45.37 6.00
N LEU C 721 -13.41 -44.92 7.11
CA LEU C 721 -14.24 -45.76 7.97
C LEU C 721 -15.61 -45.13 8.21
N PHE C 722 -16.00 -44.18 7.37
CA PHE C 722 -17.25 -43.47 7.58
C PHE C 722 -18.50 -44.32 7.36
N PRO C 723 -18.51 -45.33 6.46
CA PRO C 723 -19.72 -46.17 6.38
C PRO C 723 -19.83 -47.18 7.50
N MET C 724 -18.74 -47.46 8.21
CA MET C 724 -18.79 -48.36 9.35
C MET C 724 -19.20 -47.64 10.63
N LEU C 725 -18.62 -46.46 10.88
CA LEU C 725 -19.05 -45.67 12.04
C LEU C 725 -20.47 -45.17 11.89
N SER C 726 -21.00 -45.13 10.67
CA SER C 726 -22.36 -44.65 10.43
C SER C 726 -23.39 -45.78 10.37
N ILE C 727 -22.96 -47.02 10.18
CA ILE C 727 -23.90 -48.13 10.23
C ILE C 727 -24.22 -48.46 11.68
N ALA C 728 -23.25 -48.32 12.58
CA ALA C 728 -23.55 -48.17 13.99
C ALA C 728 -24.27 -46.85 14.21
N TYR C 729 -24.77 -46.65 15.42
CA TYR C 729 -25.65 -45.51 15.74
C TYR C 729 -26.99 -45.63 15.01
N LEU C 730 -27.12 -46.69 14.20
CA LEU C 730 -28.35 -47.01 13.51
C LEU C 730 -28.78 -48.41 13.92
N ILE C 731 -27.80 -49.26 14.23
CA ILE C 731 -28.02 -50.60 14.76
C ILE C 731 -27.42 -50.76 16.15
N SER C 732 -26.76 -49.73 16.67
CA SER C 732 -26.16 -49.77 18.00
C SER C 732 -25.98 -48.35 18.54
N PRO C 733 -27.06 -47.60 18.76
CA PRO C 733 -26.91 -46.19 19.15
C PRO C 733 -26.30 -45.98 20.52
N ARG C 734 -26.22 -47.01 21.36
CA ARG C 734 -25.67 -46.87 22.69
C ARG C 734 -24.58 -47.90 22.95
N SER C 735 -23.78 -48.21 21.93
CA SER C 735 -22.67 -49.14 22.05
C SER C 735 -21.38 -48.37 22.15
N ASN C 736 -20.25 -49.08 22.18
CA ASN C 736 -18.95 -48.42 22.20
C ASN C 736 -18.64 -47.79 20.86
N LEU C 737 -18.80 -48.55 19.77
CA LEU C 737 -18.51 -48.02 18.44
C LEU C 737 -19.60 -47.05 17.99
N GLY C 738 -20.81 -47.19 18.54
CA GLY C 738 -21.90 -46.32 18.14
C GLY C 738 -21.77 -44.90 18.65
N LEU C 739 -21.00 -44.71 19.73
CA LEU C 739 -20.79 -43.39 20.30
C LEU C 739 -19.58 -42.67 19.72
N PHE C 740 -18.82 -43.33 18.86
CA PHE C 740 -17.60 -42.74 18.32
C PHE C 740 -17.88 -41.73 17.21
N ILE C 741 -19.13 -41.65 16.75
CA ILE C 741 -19.49 -40.70 15.70
C ILE C 741 -20.45 -39.67 16.28
N LYS C 742 -20.35 -39.45 17.58
CA LYS C 742 -21.02 -38.33 18.22
C LYS C 742 -20.05 -37.26 18.70
N LYS C 743 -18.77 -37.58 18.80
CA LYS C 743 -17.76 -36.56 19.05
C LYS C 743 -17.70 -35.62 17.84
N PRO C 744 -17.66 -34.30 18.06
CA PRO C 744 -17.83 -33.38 16.91
C PRO C 744 -16.76 -33.49 15.85
N PHE C 745 -15.51 -33.77 16.25
CA PHE C 745 -14.44 -33.86 15.26
C PHE C 745 -14.62 -35.09 14.36
N ILE C 746 -15.02 -36.23 14.93
CA ILE C 746 -15.24 -37.42 14.13
C ILE C 746 -16.46 -37.25 13.24
N LYS C 747 -17.51 -36.60 13.76
CA LYS C 747 -18.68 -36.29 12.95
C LYS C 747 -18.29 -35.41 11.77
N PHE C 748 -17.41 -34.44 12.01
CA PHE C 748 -16.92 -33.58 10.92
C PHE C 748 -16.17 -34.40 9.88
N ILE C 749 -15.23 -35.23 10.33
CA ILE C 749 -14.42 -36.02 9.39
C ILE C 749 -15.29 -36.98 8.60
N CYS C 750 -16.36 -37.50 9.20
CA CYS C 750 -17.26 -38.40 8.50
C CYS C 750 -18.21 -37.66 7.55
N HIS C 751 -18.59 -36.42 7.86
CA HIS C 751 -19.40 -35.64 6.96
C HIS C 751 -18.62 -35.10 5.77
N THR C 752 -17.33 -34.81 5.93
CA THR C 752 -16.53 -34.32 4.82
C THR C 752 -15.80 -35.42 4.06
N ALA C 753 -15.82 -36.66 4.56
CA ALA C 753 -15.38 -37.80 3.78
C ALA C 753 -16.54 -38.50 3.09
N SER C 754 -17.78 -38.12 3.40
CA SER C 754 -18.94 -38.55 2.66
C SER C 754 -19.28 -37.61 1.51
N TYR C 755 -18.85 -36.36 1.60
CA TYR C 755 -19.00 -35.41 0.50
C TYR C 755 -17.89 -35.57 -0.53
N LEU C 756 -16.76 -36.14 -0.14
CA LEU C 756 -15.67 -36.44 -1.07
C LEU C 756 -15.89 -37.77 -1.78
N THR C 757 -16.85 -38.57 -1.35
CA THR C 757 -17.29 -39.76 -2.07
C THR C 757 -18.41 -39.44 -3.05
N PHE C 758 -19.13 -38.34 -2.85
CA PHE C 758 -20.14 -37.88 -3.79
C PHE C 758 -19.54 -37.12 -4.95
N LEU C 759 -18.37 -36.51 -4.76
CA LEU C 759 -17.71 -35.78 -5.84
C LEU C 759 -16.74 -36.65 -6.62
N PHE C 760 -16.15 -37.66 -5.98
CA PHE C 760 -15.38 -38.64 -6.72
C PHE C 760 -16.27 -39.53 -7.55
N MET C 761 -17.55 -39.67 -7.17
CA MET C 761 -18.52 -40.41 -7.94
C MET C 761 -19.12 -39.58 -9.07
N LEU C 762 -19.01 -38.26 -9.00
CA LEU C 762 -19.42 -37.39 -10.10
C LEU C 762 -18.36 -37.29 -11.18
N LEU C 763 -17.09 -37.48 -10.82
CA LEU C 763 -16.03 -37.53 -11.82
C LEU C 763 -16.02 -38.84 -12.60
N LEU C 764 -16.68 -39.88 -12.08
CA LEU C 764 -16.76 -41.17 -12.73
C LEU C 764 -17.93 -41.27 -13.69
N ALA C 765 -18.78 -40.26 -13.75
CA ALA C 765 -19.95 -40.28 -14.63
C ALA C 765 -19.61 -39.96 -16.06
N SER C 766 -18.32 -39.98 -16.43
CA SER C 766 -17.88 -39.69 -17.79
C SER C 766 -17.05 -40.81 -18.39
N GLN C 767 -16.59 -41.76 -17.58
CA GLN C 767 -15.81 -42.88 -18.08
C GLN C 767 -16.69 -44.06 -18.43
N ASP C 773 -24.09 -45.97 -27.37
CA ASP C 773 -25.26 -45.95 -26.50
C ASP C 773 -25.63 -44.52 -26.12
N LEU C 774 -25.14 -43.56 -26.90
CA LEU C 774 -25.45 -42.15 -26.68
C LEU C 774 -26.48 -41.61 -27.66
N HIS C 775 -27.05 -42.46 -28.51
CA HIS C 775 -28.06 -42.03 -29.46
C HIS C 775 -29.48 -42.27 -28.97
N VAL C 776 -29.65 -43.00 -27.87
CA VAL C 776 -30.97 -43.23 -27.30
C VAL C 776 -31.56 -41.90 -26.87
N GLN C 777 -32.75 -41.58 -27.38
CA GLN C 777 -33.36 -40.29 -27.09
C GLN C 777 -33.68 -40.16 -25.61
N GLY C 778 -34.30 -41.20 -25.03
CA GLY C 778 -34.45 -41.26 -23.60
C GLY C 778 -33.84 -42.51 -23.03
N PRO C 779 -32.73 -42.37 -22.32
CA PRO C 779 -32.04 -43.54 -21.78
C PRO C 779 -32.48 -43.82 -20.35
N PRO C 780 -32.25 -45.03 -19.85
CA PRO C 780 -32.47 -45.30 -18.44
C PRO C 780 -31.29 -44.82 -17.60
N PRO C 781 -31.48 -44.65 -16.29
CA PRO C 781 -30.36 -44.19 -15.46
C PRO C 781 -29.20 -45.16 -15.47
N THR C 782 -27.99 -44.62 -15.47
CA THR C 782 -26.78 -45.42 -15.50
C THR C 782 -26.47 -45.93 -14.09
N VAL C 783 -25.38 -46.69 -13.96
CA VAL C 783 -24.99 -47.22 -12.66
C VAL C 783 -24.64 -46.09 -11.70
N VAL C 784 -23.84 -45.13 -12.16
CA VAL C 784 -23.43 -44.03 -11.29
C VAL C 784 -24.61 -43.13 -10.96
N GLU C 785 -25.57 -42.98 -11.87
CA GLU C 785 -26.73 -42.17 -11.56
C GLU C 785 -27.70 -42.88 -10.63
N TRP C 786 -27.61 -44.20 -10.53
CA TRP C 786 -28.30 -44.90 -9.45
C TRP C 786 -27.56 -44.75 -8.14
N MET C 787 -26.23 -44.72 -8.19
CA MET C 787 -25.40 -44.62 -7.00
C MET C 787 -25.26 -43.19 -6.47
N ILE C 788 -25.97 -42.23 -7.06
CA ILE C 788 -25.89 -40.83 -6.64
C ILE C 788 -27.22 -40.40 -6.04
N LEU C 789 -28.30 -41.03 -6.48
CA LEU C 789 -29.64 -40.64 -6.05
C LEU C 789 -29.81 -40.62 -4.53
N PRO C 790 -29.27 -41.56 -3.75
CA PRO C 790 -29.38 -41.40 -2.28
C PRO C 790 -28.71 -40.14 -1.76
N TRP C 791 -27.51 -39.81 -2.25
CA TRP C 791 -26.87 -38.55 -1.87
C TRP C 791 -27.73 -37.34 -2.22
N VAL C 792 -28.31 -37.33 -3.43
CA VAL C 792 -29.10 -36.18 -3.86
C VAL C 792 -30.35 -36.05 -3.00
N LEU C 793 -31.03 -37.16 -2.72
CA LEU C 793 -32.21 -37.11 -1.87
C LEU C 793 -31.86 -36.69 -0.45
N GLY C 794 -30.73 -37.19 0.09
CA GLY C 794 -30.28 -36.75 1.39
C GLY C 794 -29.92 -35.29 1.47
N PHE C 795 -29.34 -34.73 0.41
CA PHE C 795 -29.04 -33.30 0.37
C PHE C 795 -30.30 -32.45 0.24
N ILE C 796 -31.29 -32.92 -0.51
CA ILE C 796 -32.54 -32.17 -0.61
C ILE C 796 -33.30 -32.24 0.70
N TRP C 797 -33.21 -33.37 1.42
CA TRP C 797 -33.91 -33.50 2.70
C TRP C 797 -33.21 -32.70 3.80
N GLY C 798 -31.89 -32.81 3.90
CA GLY C 798 -31.15 -32.13 4.96
C GLY C 798 -31.15 -30.62 4.85
N GLU C 799 -31.54 -30.08 3.70
CA GLU C 799 -31.69 -28.65 3.53
C GLU C 799 -33.11 -28.15 3.75
N ILE C 800 -34.08 -29.07 3.79
CA ILE C 800 -35.44 -28.69 4.15
C ILE C 800 -35.54 -28.40 5.64
N LYS C 801 -34.93 -29.26 6.47
CA LYS C 801 -34.98 -29.07 7.92
C LYS C 801 -34.31 -27.78 8.35
N GLU C 802 -33.13 -27.47 7.80
CA GLU C 802 -32.36 -26.32 8.27
C GLU C 802 -33.08 -25.00 7.97
N MET C 803 -33.72 -24.88 6.82
CA MET C 803 -34.54 -23.72 6.51
C MET C 803 -35.93 -23.80 7.12
N TRP C 804 -36.26 -24.93 7.78
CA TRP C 804 -37.48 -25.04 8.57
C TRP C 804 -37.25 -24.76 10.05
N ASP C 805 -36.08 -25.10 10.59
CA ASP C 805 -35.73 -24.76 11.96
C ASP C 805 -35.14 -23.35 12.02
N GLY C 806 -35.90 -22.40 11.51
CA GLY C 806 -35.47 -21.02 11.43
C GLY C 806 -36.21 -20.30 10.32
N GLY C 807 -35.63 -19.17 9.92
CA GLY C 807 -36.22 -18.33 8.89
C GLY C 807 -36.37 -19.03 7.55
N TYR C 811 -31.76 -17.24 7.08
CA TYR C 811 -31.33 -18.30 6.17
C TYR C 811 -30.52 -17.73 5.01
N ILE C 812 -30.97 -16.58 4.49
CA ILE C 812 -30.31 -15.95 3.34
C ILE C 812 -29.08 -15.14 3.73
N HIS C 813 -28.82 -14.98 5.03
CA HIS C 813 -27.64 -14.21 5.44
C HIS C 813 -26.36 -15.03 5.26
N ASP C 814 -26.50 -16.35 5.19
CA ASP C 814 -25.36 -17.21 4.86
C ASP C 814 -25.28 -17.36 3.35
N TRP C 815 -24.21 -16.82 2.76
CA TRP C 815 -24.05 -16.87 1.31
C TRP C 815 -23.82 -18.29 0.79
N TRP C 816 -23.66 -19.27 1.67
CA TRP C 816 -23.52 -20.66 1.28
C TRP C 816 -24.86 -21.38 1.20
N ASN C 817 -25.94 -20.77 1.68
CA ASN C 817 -27.27 -21.36 1.58
C ASN C 817 -27.96 -21.02 0.26
N LEU C 818 -27.38 -20.14 -0.54
CA LEU C 818 -27.87 -19.89 -1.89
C LEU C 818 -27.24 -20.84 -2.89
N MET C 819 -25.93 -21.06 -2.79
CA MET C 819 -25.26 -22.08 -3.60
C MET C 819 -25.75 -23.47 -3.25
N ASP C 820 -26.29 -23.66 -2.05
CA ASP C 820 -26.81 -24.95 -1.62
C ASP C 820 -28.29 -25.12 -1.95
N PHE C 821 -29.01 -24.01 -2.14
CA PHE C 821 -30.40 -24.07 -2.57
C PHE C 821 -30.54 -24.10 -4.08
N ALA C 822 -29.57 -23.57 -4.81
CA ALA C 822 -29.59 -23.61 -6.27
C ALA C 822 -29.02 -24.89 -6.84
N MET C 823 -28.09 -25.54 -6.14
CA MET C 823 -27.55 -26.81 -6.60
C MET C 823 -28.48 -27.97 -6.35
N ASN C 824 -29.53 -27.78 -5.54
CA ASN C 824 -30.53 -28.81 -5.30
C ASN C 824 -31.76 -28.62 -6.17
N SER C 825 -32.04 -27.40 -6.61
CA SER C 825 -33.09 -27.17 -7.60
C SER C 825 -32.69 -27.68 -8.98
N LEU C 826 -31.41 -27.58 -9.34
CA LEU C 826 -30.93 -28.10 -10.61
C LEU C 826 -30.95 -29.62 -10.66
N TYR C 827 -30.72 -30.31 -9.55
CA TYR C 827 -30.91 -31.75 -9.51
C TYR C 827 -32.37 -32.14 -9.66
N LEU C 828 -33.28 -31.40 -9.04
CA LEU C 828 -34.71 -31.65 -9.25
C LEU C 828 -35.08 -31.46 -10.71
N ALA C 829 -34.63 -30.35 -11.31
CA ALA C 829 -34.91 -30.11 -12.72
C ALA C 829 -34.24 -31.14 -13.62
N THR C 830 -33.15 -31.78 -13.16
CA THR C 830 -32.51 -32.82 -13.94
C THR C 830 -33.32 -34.11 -13.89
N ILE C 831 -33.77 -34.52 -12.71
CA ILE C 831 -34.62 -35.71 -12.61
C ILE C 831 -36.00 -35.48 -13.20
N SER C 832 -36.52 -34.24 -13.13
CA SER C 832 -37.81 -33.91 -13.72
C SER C 832 -37.76 -33.84 -15.24
N LEU C 833 -36.57 -33.90 -15.84
CA LEU C 833 -36.43 -33.86 -17.29
C LEU C 833 -35.93 -35.18 -17.86
N LYS C 834 -35.21 -35.98 -17.09
CA LYS C 834 -34.81 -37.31 -17.51
C LYS C 834 -35.91 -38.33 -17.31
N ILE C 835 -36.98 -37.96 -16.62
CA ILE C 835 -38.18 -38.78 -16.53
C ILE C 835 -39.15 -38.44 -17.65
N MET C 836 -39.36 -37.14 -17.88
CA MET C 836 -40.16 -36.68 -19.02
C MET C 836 -39.63 -37.25 -20.33
N ALA C 837 -38.33 -37.50 -20.41
CA ALA C 837 -37.71 -38.03 -21.61
C ALA C 837 -37.62 -39.55 -21.62
N TYR C 838 -37.84 -40.20 -20.48
CA TYR C 838 -37.90 -41.67 -20.47
C TYR C 838 -39.24 -42.18 -20.99
N VAL C 839 -40.34 -41.58 -20.52
CA VAL C 839 -41.62 -41.70 -21.20
C VAL C 839 -41.58 -40.71 -22.36
N LYS C 840 -42.53 -40.82 -23.28
CA LYS C 840 -42.76 -39.82 -24.34
C LYS C 840 -41.66 -39.90 -25.41
N TYR C 841 -40.64 -40.70 -25.14
CA TYR C 841 -39.54 -40.91 -26.08
C TYR C 841 -39.14 -42.37 -26.16
N ASN C 842 -39.47 -43.02 -27.28
CA ASN C 842 -39.08 -44.39 -27.55
C ASN C 842 -38.25 -44.46 -28.83
N GLY C 843 -37.22 -45.28 -28.80
CA GLY C 843 -36.33 -45.44 -29.92
C GLY C 843 -35.00 -44.74 -29.71
N SER C 844 -34.18 -44.76 -30.75
CA SER C 844 -32.84 -44.18 -30.68
C SER C 844 -32.40 -43.62 -32.02
N ARG C 845 -32.57 -42.31 -32.22
CA ARG C 845 -32.11 -41.75 -33.49
C ARG C 845 -30.77 -41.03 -33.30
N PRO C 846 -29.99 -40.86 -34.36
CA PRO C 846 -28.69 -40.19 -34.23
C PRO C 846 -28.81 -38.83 -33.54
N ARG C 847 -27.87 -38.56 -32.64
CA ARG C 847 -27.85 -37.31 -31.90
C ARG C 847 -27.58 -36.11 -32.82
N GLU C 848 -27.09 -36.35 -34.03
CA GLU C 848 -26.72 -35.28 -34.94
C GLU C 848 -27.91 -34.45 -35.38
N GLU C 849 -29.13 -35.00 -35.34
CA GLU C 849 -30.31 -34.28 -35.82
C GLU C 849 -31.35 -34.02 -34.74
N TRP C 850 -30.98 -34.09 -33.46
CA TRP C 850 -31.92 -33.72 -32.41
C TRP C 850 -32.17 -32.22 -32.44
N GLU C 851 -33.32 -31.81 -31.93
CA GLU C 851 -33.58 -30.39 -31.75
C GLU C 851 -32.70 -29.83 -30.65
N MET C 852 -32.56 -28.52 -30.61
CA MET C 852 -31.72 -27.90 -29.59
C MET C 852 -32.41 -27.91 -28.24
N TRP C 853 -33.73 -27.76 -28.22
CA TRP C 853 -34.50 -27.83 -26.99
C TRP C 853 -35.03 -29.24 -26.75
N HIS C 854 -34.14 -30.22 -26.82
CA HIS C 854 -34.44 -31.59 -26.50
C HIS C 854 -34.25 -31.82 -25.00
N PRO C 855 -35.19 -32.52 -24.34
CA PRO C 855 -35.06 -32.71 -22.89
C PRO C 855 -33.77 -33.39 -22.46
N THR C 856 -33.27 -34.34 -23.25
CA THR C 856 -32.00 -34.99 -22.95
C THR C 856 -30.82 -34.04 -23.11
N LEU C 857 -30.94 -33.00 -23.91
CA LEU C 857 -29.87 -32.01 -24.05
C LEU C 857 -29.93 -30.93 -22.98
N ILE C 858 -31.08 -30.72 -22.36
CA ILE C 858 -31.19 -29.76 -21.27
C ILE C 858 -30.87 -30.39 -19.93
N ALA C 859 -31.26 -31.65 -19.72
CA ALA C 859 -30.91 -32.34 -18.48
C ALA C 859 -29.41 -32.49 -18.33
N GLU C 860 -28.71 -32.84 -19.41
CA GLU C 860 -27.26 -32.99 -19.38
C GLU C 860 -26.53 -31.67 -19.24
N ALA C 861 -27.19 -30.54 -19.50
CA ALA C 861 -26.63 -29.24 -19.23
C ALA C 861 -26.84 -28.80 -17.79
N LEU C 862 -28.05 -28.97 -17.26
CA LEU C 862 -28.29 -28.68 -15.86
C LEU C 862 -27.48 -29.56 -14.92
N PHE C 863 -27.23 -30.81 -15.30
CA PHE C 863 -26.40 -31.68 -14.48
C PHE C 863 -24.98 -31.14 -14.35
N ALA C 864 -24.43 -30.60 -15.44
CA ALA C 864 -23.09 -30.03 -15.37
C ALA C 864 -23.08 -28.71 -14.61
N ILE C 865 -24.09 -27.87 -14.85
CA ILE C 865 -24.18 -26.60 -14.12
C ILE C 865 -24.23 -26.86 -12.62
N SER C 866 -24.88 -27.95 -12.21
CA SER C 866 -24.92 -28.30 -10.79
C SER C 866 -23.68 -29.05 -10.32
N ASN C 867 -22.99 -29.76 -11.21
CA ASN C 867 -21.71 -30.36 -10.87
C ASN C 867 -20.65 -29.32 -10.56
N ILE C 868 -20.75 -28.14 -11.16
CA ILE C 868 -19.81 -27.08 -10.78
C ILE C 868 -20.08 -26.59 -9.37
N LEU C 869 -21.34 -26.35 -9.03
CA LEU C 869 -21.69 -25.84 -7.71
C LEU C 869 -21.48 -26.86 -6.61
N SER C 870 -21.66 -28.15 -6.91
CA SER C 870 -21.44 -29.19 -5.91
C SER C 870 -20.01 -29.23 -5.42
N SER C 871 -19.05 -28.89 -6.27
CA SER C 871 -17.64 -28.93 -5.90
C SER C 871 -17.06 -27.56 -5.58
N LEU C 872 -17.75 -26.47 -5.95
CA LEU C 872 -17.38 -25.17 -5.40
C LEU C 872 -17.76 -25.03 -3.94
N ARG C 873 -18.45 -26.02 -3.37
CA ARG C 873 -18.90 -25.96 -1.98
C ARG C 873 -17.82 -26.44 -1.01
N LEU C 874 -16.82 -27.16 -1.50
CA LEU C 874 -15.70 -27.58 -0.65
C LEU C 874 -14.87 -26.40 -0.16
N ILE C 875 -15.17 -25.17 -0.58
CA ILE C 875 -14.43 -24.02 -0.11
C ILE C 875 -14.93 -23.57 1.26
N SER C 876 -16.16 -23.90 1.62
CA SER C 876 -16.67 -23.59 2.96
C SER C 876 -15.94 -24.37 4.04
N LEU C 877 -15.22 -25.43 3.67
CA LEU C 877 -14.48 -26.26 4.60
C LEU C 877 -13.10 -25.72 4.90
N PHE C 878 -12.81 -24.48 4.49
CA PHE C 878 -11.49 -23.91 4.70
C PHE C 878 -11.36 -23.26 6.07
N THR C 879 -12.47 -22.80 6.65
CA THR C 879 -12.42 -22.17 7.97
C THR C 879 -11.92 -23.11 9.05
N ALA C 880 -11.98 -24.43 8.82
CA ALA C 880 -11.52 -25.39 9.81
C ALA C 880 -10.01 -25.45 9.92
N ASN C 881 -9.27 -24.85 8.98
CA ASN C 881 -7.82 -24.94 8.94
C ASN C 881 -7.20 -23.62 9.39
N SER C 882 -6.05 -23.71 10.05
CA SER C 882 -5.39 -22.53 10.60
C SER C 882 -4.68 -21.70 9.54
N HIS C 883 -4.34 -22.29 8.40
CA HIS C 883 -3.59 -21.62 7.35
C HIS C 883 -4.48 -21.07 6.25
N LEU C 884 -5.43 -21.86 5.77
CA LEU C 884 -6.31 -21.46 4.69
C LEU C 884 -7.61 -20.83 5.17
N GLY C 885 -7.86 -20.80 6.46
CA GLY C 885 -9.06 -20.22 7.01
C GLY C 885 -9.10 -18.71 6.95
N PRO C 886 -8.06 -18.05 7.47
CA PRO C 886 -8.01 -16.59 7.38
C PRO C 886 -8.02 -16.06 5.96
N LEU C 887 -7.44 -16.77 4.99
CA LEU C 887 -7.60 -16.38 3.59
C LEU C 887 -9.06 -16.41 3.18
N GLN C 888 -9.68 -17.59 3.23
CA GLN C 888 -11.06 -17.74 2.78
C GLN C 888 -11.99 -16.75 3.46
N ILE C 889 -11.69 -16.38 4.71
CA ILE C 889 -12.50 -15.36 5.37
C ILE C 889 -12.15 -13.96 4.87
N SER C 890 -10.88 -13.68 4.57
CA SER C 890 -10.48 -12.38 4.09
C SER C 890 -10.72 -12.17 2.60
N LEU C 891 -10.80 -13.26 1.83
CA LEU C 891 -11.16 -13.14 0.42
C LEU C 891 -12.64 -12.98 0.19
N GLY C 892 -13.48 -13.43 1.12
CA GLY C 892 -14.91 -13.24 1.02
C GLY C 892 -15.40 -11.88 1.48
N ARG C 893 -14.55 -11.13 2.17
CA ARG C 893 -14.85 -9.74 2.52
C ARG C 893 -14.35 -8.77 1.46
N MET C 894 -13.47 -9.21 0.56
CA MET C 894 -13.06 -8.44 -0.60
C MET C 894 -14.02 -8.63 -1.77
N LEU C 895 -15.08 -9.39 -1.59
CA LEU C 895 -16.04 -9.69 -2.65
C LEU C 895 -17.21 -8.71 -2.67
N LEU C 896 -17.51 -8.05 -1.56
CA LEU C 896 -18.63 -7.12 -1.55
C LEU C 896 -18.23 -5.78 -2.15
N ASP C 897 -16.94 -5.52 -2.28
CA ASP C 897 -16.46 -4.34 -2.99
C ASP C 897 -16.12 -4.63 -4.45
N ILE C 898 -16.12 -5.90 -4.86
CA ILE C 898 -16.07 -6.24 -6.27
C ILE C 898 -17.45 -6.13 -6.89
N LEU C 899 -18.47 -6.59 -6.17
CA LEU C 899 -19.83 -6.61 -6.71
C LEU C 899 -20.35 -5.21 -6.98
N LYS C 900 -19.86 -4.20 -6.25
CA LYS C 900 -20.24 -2.83 -6.56
C LYS C 900 -19.34 -2.19 -7.60
N PHE C 901 -18.22 -2.84 -7.95
CA PHE C 901 -17.43 -2.41 -9.10
C PHE C 901 -17.91 -3.05 -10.39
N LEU C 902 -18.48 -4.25 -10.32
CA LEU C 902 -19.12 -4.87 -11.48
C LEU C 902 -20.50 -4.29 -11.76
N PHE C 903 -20.81 -3.17 -11.13
CA PHE C 903 -21.98 -2.37 -11.45
C PHE C 903 -21.63 -1.13 -12.25
N ILE C 904 -20.40 -0.64 -12.11
CA ILE C 904 -19.91 0.44 -12.95
C ILE C 904 -19.54 -0.08 -14.33
N TYR C 905 -18.96 -1.29 -14.39
CA TYR C 905 -18.57 -1.88 -15.66
C TYR C 905 -19.76 -2.24 -16.53
N CYS C 906 -20.93 -2.50 -15.91
CA CYS C 906 -22.12 -2.80 -16.71
C CYS C 906 -22.60 -1.59 -17.49
N LEU C 907 -22.49 -0.40 -16.92
CA LEU C 907 -22.85 0.81 -17.65
C LEU C 907 -21.95 1.00 -18.88
N VAL C 908 -20.65 0.77 -18.72
CA VAL C 908 -19.72 0.91 -19.84
C VAL C 908 -20.02 -0.14 -20.90
N LEU C 909 -20.20 -1.39 -20.48
CA LEU C 909 -20.54 -2.46 -21.41
C LEU C 909 -21.80 -2.13 -22.20
N LEU C 910 -22.84 -1.67 -21.51
CA LEU C 910 -24.12 -1.40 -22.18
C LEU C 910 -24.02 -0.21 -23.11
N ALA C 911 -23.35 0.87 -22.69
CA ALA C 911 -23.18 2.03 -23.55
C ALA C 911 -22.43 1.68 -24.82
N PHE C 912 -21.30 0.98 -24.68
CA PHE C 912 -20.50 0.68 -25.87
C PHE C 912 -21.15 -0.40 -26.72
N ALA C 913 -21.95 -1.28 -26.14
CA ALA C 913 -22.68 -2.25 -26.95
C ALA C 913 -23.78 -1.57 -27.76
N ASN C 914 -24.51 -0.65 -27.15
CA ASN C 914 -25.46 0.17 -27.88
C ASN C 914 -24.79 0.89 -29.04
N GLY C 915 -23.66 1.54 -28.77
CA GLY C 915 -22.98 2.28 -29.82
C GLY C 915 -22.45 1.40 -30.93
N LEU C 916 -21.92 0.22 -30.57
CA LEU C 916 -21.33 -0.66 -31.58
C LEU C 916 -22.37 -1.42 -32.38
N ASN C 917 -23.57 -1.64 -31.83
CA ASN C 917 -24.63 -2.26 -32.59
C ASN C 917 -25.42 -1.28 -33.44
N GLN C 918 -25.53 -0.02 -33.00
CA GLN C 918 -26.17 1.00 -33.84
C GLN C 918 -25.44 1.23 -35.15
N LEU C 919 -24.16 0.87 -35.24
CA LEU C 919 -23.35 1.11 -36.42
C LEU C 919 -23.23 -0.10 -37.34
N TYR C 920 -23.43 -1.31 -36.83
CA TYR C 920 -23.08 -2.52 -37.56
C TYR C 920 -24.26 -3.43 -37.86
N PHE C 921 -25.50 -3.00 -37.62
CA PHE C 921 -26.62 -3.91 -37.81
C PHE C 921 -27.15 -3.90 -39.24
N TYR C 922 -26.66 -3.01 -40.10
CA TYR C 922 -27.03 -3.04 -41.51
C TYR C 922 -26.30 -4.13 -42.28
N TYR C 923 -25.15 -4.58 -41.80
CA TYR C 923 -24.29 -5.51 -42.52
C TYR C 923 -24.39 -6.93 -41.97
N GLU C 924 -25.52 -7.27 -41.36
CA GLU C 924 -25.70 -8.62 -40.81
C GLU C 924 -25.95 -9.60 -41.94
N THR C 925 -25.05 -10.56 -42.11
CA THR C 925 -25.18 -11.58 -43.13
C THR C 925 -25.95 -12.79 -42.56
N ARG C 926 -26.08 -13.83 -43.35
CA ARG C 926 -26.78 -15.04 -42.94
C ARG C 926 -25.78 -16.13 -42.59
N ALA C 927 -26.26 -17.18 -41.95
CA ALA C 927 -25.43 -18.31 -41.59
C ALA C 927 -24.99 -19.13 -42.79
N ILE C 928 -25.55 -18.87 -43.97
CA ILE C 928 -25.17 -19.59 -45.17
C ILE C 928 -24.15 -18.84 -46.00
N ASP C 929 -24.17 -17.51 -46.00
CA ASP C 929 -23.21 -16.70 -46.73
C ASP C 929 -21.79 -16.83 -46.18
N GLU C 930 -21.61 -17.48 -45.02
CA GLU C 930 -20.34 -17.55 -44.32
C GLU C 930 -19.71 -18.93 -44.48
N PRO C 931 -18.38 -19.00 -44.46
CA PRO C 931 -17.70 -20.29 -44.63
C PRO C 931 -18.07 -21.27 -43.53
N ASN C 932 -18.10 -22.54 -43.91
CA ASN C 932 -18.44 -23.68 -43.06
C ASN C 932 -19.88 -23.61 -42.56
N ASN C 933 -20.69 -22.70 -43.11
CA ASN C 933 -22.09 -22.55 -42.73
C ASN C 933 -22.21 -22.38 -41.22
N CYS C 934 -21.62 -21.29 -40.71
CA CYS C 934 -21.55 -21.06 -39.28
C CYS C 934 -21.46 -19.56 -39.05
N LYS C 935 -22.12 -19.07 -38.01
CA LYS C 935 -22.30 -17.64 -37.77
C LYS C 935 -22.06 -17.34 -36.31
N GLY C 936 -21.32 -16.26 -36.03
CA GLY C 936 -21.08 -15.81 -34.68
C GLY C 936 -19.60 -15.67 -34.41
N ILE C 937 -19.24 -15.52 -33.13
CA ILE C 937 -17.86 -15.35 -32.72
C ILE C 937 -17.23 -16.62 -32.20
N ARG C 938 -18.01 -17.68 -31.98
CA ARG C 938 -17.45 -18.98 -31.62
C ARG C 938 -17.13 -19.83 -32.84
N CYS C 939 -16.86 -19.19 -33.97
CA CYS C 939 -16.45 -19.83 -35.21
C CYS C 939 -14.93 -19.75 -35.33
N GLU C 940 -14.38 -20.55 -36.25
CA GLU C 940 -12.94 -20.48 -36.49
C GLU C 940 -12.56 -19.13 -37.08
N LYS C 941 -13.34 -18.64 -38.03
CA LYS C 941 -13.22 -17.27 -38.52
C LYS C 941 -14.42 -16.48 -37.97
N GLN C 942 -14.16 -15.64 -36.97
CA GLN C 942 -15.23 -14.93 -36.29
C GLN C 942 -15.89 -13.93 -37.23
N ASN C 943 -17.22 -13.88 -37.18
CA ASN C 943 -17.99 -13.02 -38.05
C ASN C 943 -19.26 -12.59 -37.32
N ASN C 944 -19.90 -11.55 -37.85
CA ASN C 944 -21.13 -11.00 -37.28
C ASN C 944 -20.97 -10.75 -35.79
N ALA C 945 -19.94 -9.99 -35.44
CA ALA C 945 -19.62 -9.77 -34.03
C ALA C 945 -20.48 -8.69 -33.41
N PHE C 946 -20.91 -7.70 -34.18
CA PHE C 946 -21.65 -6.55 -33.65
C PHE C 946 -22.99 -6.37 -34.36
N SER C 947 -23.59 -7.47 -34.82
CA SER C 947 -24.80 -7.40 -35.63
C SER C 947 -26.09 -7.52 -34.82
N THR C 948 -26.02 -8.10 -33.62
CA THR C 948 -27.14 -8.17 -32.70
C THR C 948 -26.67 -7.63 -31.36
N LEU C 949 -27.62 -7.17 -30.54
CA LEU C 949 -27.26 -6.67 -29.22
C LEU C 949 -26.81 -7.81 -28.32
N PHE C 950 -27.52 -8.93 -28.36
CA PHE C 950 -27.11 -10.10 -27.58
C PHE C 950 -25.75 -10.61 -28.02
N GLU C 951 -25.38 -10.37 -29.27
CA GLU C 951 -24.08 -10.77 -29.78
C GLU C 951 -23.01 -9.70 -29.54
N THR C 952 -23.40 -8.43 -29.54
CA THR C 952 -22.46 -7.37 -29.20
C THR C 952 -22.01 -7.46 -27.75
N LEU C 953 -22.94 -7.81 -26.85
CA LEU C 953 -22.57 -7.93 -25.44
C LEU C 953 -21.56 -9.06 -25.23
N GLN C 954 -21.74 -10.20 -25.88
CA GLN C 954 -20.78 -11.28 -25.80
C GLN C 954 -19.45 -10.93 -26.45
N SER C 955 -19.49 -10.24 -27.60
CA SER C 955 -18.26 -9.80 -28.24
C SER C 955 -17.46 -8.90 -27.32
N LEU C 956 -18.12 -7.96 -26.65
CA LEU C 956 -17.42 -7.06 -25.75
C LEU C 956 -17.02 -7.72 -24.44
N PHE C 957 -17.70 -8.80 -24.03
CA PHE C 957 -17.21 -9.55 -22.88
C PHE C 957 -15.94 -10.31 -23.23
N TRP C 958 -15.91 -10.98 -24.37
CA TRP C 958 -14.77 -11.82 -24.72
C TRP C 958 -13.55 -11.02 -25.14
N SER C 959 -13.66 -9.69 -25.25
CA SER C 959 -12.50 -8.88 -25.58
C SER C 959 -11.72 -8.46 -24.35
N VAL C 960 -12.29 -8.62 -23.15
CA VAL C 960 -11.56 -8.38 -21.92
C VAL C 960 -10.41 -9.36 -21.79
N PHE C 961 -10.56 -10.55 -22.38
CA PHE C 961 -9.57 -11.62 -22.27
C PHE C 961 -8.74 -11.79 -23.53
N GLY C 962 -8.99 -10.98 -24.56
CA GLY C 962 -8.22 -11.06 -25.78
C GLY C 962 -8.63 -12.15 -26.72
N LEU C 963 -9.88 -12.62 -26.65
CA LEU C 963 -10.36 -13.72 -27.47
C LEU C 963 -11.21 -13.25 -28.63
N LEU C 964 -11.19 -11.97 -28.95
CA LEU C 964 -11.92 -11.41 -30.08
C LEU C 964 -10.91 -10.78 -31.03
N ASN C 965 -10.87 -11.28 -32.26
CA ASN C 965 -9.89 -10.84 -33.24
C ASN C 965 -10.30 -9.52 -33.86
N LEU C 966 -9.30 -8.77 -34.34
CA LEU C 966 -9.54 -7.41 -34.80
C LEU C 966 -10.26 -7.39 -36.15
N TYR C 967 -10.05 -8.41 -36.98
CA TYR C 967 -10.67 -8.42 -38.30
C TYR C 967 -12.18 -8.47 -38.26
N VAL C 968 -12.79 -8.68 -37.08
CA VAL C 968 -14.24 -8.63 -36.97
C VAL C 968 -14.76 -7.21 -37.10
N THR C 969 -13.87 -6.22 -37.23
CA THR C 969 -14.30 -4.84 -37.42
C THR C 969 -14.64 -4.55 -38.89
N ASN C 970 -14.15 -5.36 -39.81
CA ASN C 970 -14.37 -5.13 -41.23
C ASN C 970 -15.77 -5.58 -41.65
N VAL C 971 -16.16 -5.16 -42.86
CA VAL C 971 -17.39 -5.59 -43.50
C VAL C 971 -17.07 -5.97 -44.94
N LYS C 972 -18.02 -6.64 -45.59
CA LYS C 972 -17.80 -7.09 -46.96
C LYS C 972 -17.78 -5.93 -47.93
N ALA C 973 -18.86 -5.16 -47.98
CA ALA C 973 -18.93 -3.94 -48.80
C ALA C 973 -18.08 -2.89 -48.10
N ARG C 974 -16.75 -3.01 -48.25
CA ARG C 974 -15.83 -2.29 -47.38
C ARG C 974 -16.03 -0.79 -47.46
N HIS C 975 -16.55 -0.23 -46.37
CA HIS C 975 -16.68 1.21 -46.19
C HIS C 975 -15.62 1.63 -45.19
N GLU C 976 -14.67 2.46 -45.63
CA GLU C 976 -13.49 2.73 -44.84
C GLU C 976 -13.68 3.87 -43.84
N PHE C 977 -14.86 4.48 -43.80
CA PHE C 977 -15.17 5.43 -42.74
C PHE C 977 -15.92 4.80 -41.59
N THR C 978 -16.85 3.89 -41.88
CA THR C 978 -17.58 3.21 -40.82
C THR C 978 -16.75 2.13 -40.15
N GLU C 979 -15.87 1.46 -40.89
CA GLU C 979 -14.95 0.50 -40.28
C GLU C 979 -13.99 1.18 -39.32
N PHE C 980 -13.51 2.37 -39.66
CA PHE C 980 -12.62 3.09 -38.77
C PHE C 980 -13.33 3.59 -37.52
N VAL C 981 -14.56 4.08 -37.66
CA VAL C 981 -15.32 4.49 -36.48
C VAL C 981 -15.62 3.28 -35.60
N GLY C 982 -15.98 2.15 -36.21
CA GLY C 982 -16.23 0.95 -35.45
C GLY C 982 -15.00 0.38 -34.77
N ALA C 983 -13.82 0.55 -35.35
CA ALA C 983 -12.58 0.17 -34.70
C ALA C 983 -12.18 1.14 -33.60
N THR C 984 -12.48 2.43 -33.75
CA THR C 984 -12.18 3.40 -32.71
C THR C 984 -13.09 3.27 -31.50
N MET C 985 -14.36 2.93 -31.68
CA MET C 985 -15.22 2.64 -30.54
C MET C 985 -14.75 1.40 -29.79
N PHE C 986 -14.33 0.36 -30.50
CA PHE C 986 -13.77 -0.83 -29.88
C PHE C 986 -12.47 -0.49 -29.14
N GLY C 987 -11.65 0.39 -29.72
CA GLY C 987 -10.40 0.75 -29.07
C GLY C 987 -10.60 1.57 -27.81
N THR C 988 -11.53 2.52 -27.83
CA THR C 988 -11.80 3.27 -26.61
C THR C 988 -12.46 2.41 -25.55
N TYR C 989 -13.30 1.45 -25.95
CA TYR C 989 -13.80 0.47 -24.98
C TYR C 989 -12.64 -0.28 -24.34
N ASN C 990 -11.68 -0.72 -25.15
CA ASN C 990 -10.54 -1.46 -24.62
C ASN C 990 -9.73 -0.60 -23.64
N VAL C 991 -9.55 0.68 -23.97
CA VAL C 991 -8.78 1.56 -23.08
C VAL C 991 -9.52 1.76 -21.76
N ILE C 992 -10.83 2.02 -21.82
CA ILE C 992 -11.59 2.27 -20.60
C ILE C 992 -11.66 1.03 -19.73
N SER C 993 -11.77 -0.15 -20.34
CA SER C 993 -12.02 -1.35 -19.56
C SER C 993 -10.75 -2.07 -19.11
N LEU C 994 -9.67 -2.01 -19.87
CA LEU C 994 -8.48 -2.80 -19.59
C LEU C 994 -7.30 -1.99 -19.09
N VAL C 995 -7.40 -0.67 -19.07
CA VAL C 995 -6.29 0.17 -18.63
C VAL C 995 -6.77 1.06 -17.50
N VAL C 996 -8.06 1.37 -17.48
CA VAL C 996 -8.61 2.30 -16.50
C VAL C 996 -9.39 1.54 -15.44
N LEU C 997 -10.47 0.87 -15.84
CA LEU C 997 -11.36 0.25 -14.88
C LEU C 997 -10.80 -1.03 -14.27
N LEU C 998 -9.72 -1.57 -14.82
CA LEU C 998 -9.13 -2.78 -14.28
C LEU C 998 -7.99 -2.51 -13.32
N ASN C 999 -7.25 -1.41 -13.52
CA ASN C 999 -6.27 -0.98 -12.54
C ASN C 999 -6.91 -0.32 -11.33
N MET C 1000 -8.06 0.31 -11.51
CA MET C 1000 -8.82 0.85 -10.39
C MET C 1000 -9.30 -0.25 -9.45
N LEU C 1001 -9.69 -1.40 -10.00
CA LEU C 1001 -10.11 -2.52 -9.15
C LEU C 1001 -8.96 -3.03 -8.31
N ILE C 1002 -7.76 -3.11 -8.87
CA ILE C 1002 -6.59 -3.49 -8.09
C ILE C 1002 -6.29 -2.44 -7.03
N ALA C 1003 -6.42 -1.16 -7.39
CA ALA C 1003 -6.17 -0.09 -6.43
C ALA C 1003 -7.13 -0.17 -5.25
N MET C 1004 -8.39 -0.55 -5.51
CA MET C 1004 -9.34 -0.70 -4.41
C MET C 1004 -9.09 -1.95 -3.59
N MET C 1005 -8.75 -3.07 -4.24
CA MET C 1005 -8.51 -4.31 -3.50
C MET C 1005 -7.27 -4.22 -2.64
N ASN C 1006 -6.28 -3.42 -3.06
CA ASN C 1006 -5.10 -3.23 -2.22
C ASN C 1006 -5.44 -2.49 -0.93
N ASN C 1007 -6.29 -1.47 -1.02
CA ASN C 1007 -6.66 -0.69 0.15
C ASN C 1007 -7.67 -1.43 1.01
N SER C 1008 -8.52 -2.26 0.40
CA SER C 1008 -9.52 -3.02 1.14
C SER C 1008 -8.91 -4.19 1.89
N TYR C 1009 -7.79 -4.73 1.41
CA TYR C 1009 -7.13 -5.85 2.06
C TYR C 1009 -6.23 -5.43 3.19
N GLN C 1010 -5.71 -4.21 3.18
CA GLN C 1010 -4.89 -3.72 4.28
C GLN C 1010 -5.71 -3.44 5.53
N LEU C 1011 -6.94 -2.95 5.36
CA LEU C 1011 -7.85 -2.70 6.47
C LEU C 1011 -8.51 -3.98 6.97
N ILE C 1012 -8.42 -5.06 6.21
CA ILE C 1012 -9.01 -6.33 6.58
C ILE C 1012 -8.05 -7.21 7.37
N ALA C 1013 -6.76 -7.23 7.00
CA ALA C 1013 -5.78 -8.10 7.64
C ALA C 1013 -5.55 -7.79 9.10
N ASP C 1014 -6.14 -6.71 9.63
CA ASP C 1014 -6.04 -6.45 11.06
C ASP C 1014 -6.97 -7.37 11.85
N HIS C 1015 -8.23 -7.45 11.43
CA HIS C 1015 -9.23 -8.28 12.09
C HIS C 1015 -9.30 -9.68 11.50
N ALA C 1016 -8.29 -10.08 10.72
CA ALA C 1016 -8.36 -11.35 10.03
C ALA C 1016 -8.34 -12.55 10.96
N ASP C 1017 -7.84 -12.39 12.19
CA ASP C 1017 -7.77 -13.51 13.12
C ASP C 1017 -9.00 -13.60 14.02
N ILE C 1018 -9.67 -12.47 14.27
CA ILE C 1018 -10.90 -12.49 15.05
C ILE C 1018 -12.10 -12.94 14.23
N GLU C 1019 -12.21 -12.50 12.98
CA GLU C 1019 -13.27 -12.97 12.10
C GLU C 1019 -13.14 -14.44 11.78
N TRP C 1020 -11.93 -14.94 11.56
CA TRP C 1020 -11.75 -16.37 11.31
C TRP C 1020 -12.15 -17.20 12.51
N LYS C 1021 -11.79 -16.76 13.72
CA LYS C 1021 -12.16 -17.53 14.90
C LYS C 1021 -13.66 -17.47 15.15
N PHE C 1022 -14.29 -16.32 14.90
CA PHE C 1022 -15.74 -16.24 14.97
C PHE C 1022 -16.43 -17.17 13.97
N ALA C 1023 -15.86 -17.32 12.77
CA ALA C 1023 -16.45 -18.20 11.78
C ALA C 1023 -16.21 -19.68 12.09
N ARG C 1024 -15.00 -20.01 12.54
CA ARG C 1024 -14.70 -21.38 12.96
C ARG C 1024 -15.52 -21.80 14.17
N THR C 1025 -15.84 -20.87 15.08
CA THR C 1025 -16.70 -21.21 16.20
C THR C 1025 -18.09 -21.59 15.73
N LYS C 1026 -18.63 -20.88 14.74
CA LYS C 1026 -19.95 -21.23 14.21
C LYS C 1026 -19.90 -22.52 13.41
N LEU C 1027 -18.78 -22.80 12.73
CA LEU C 1027 -18.64 -24.09 12.07
C LEU C 1027 -18.56 -25.22 13.08
N TRP C 1028 -17.95 -24.97 14.24
CA TRP C 1028 -17.85 -26.00 15.27
C TRP C 1028 -19.19 -26.23 15.94
N MET C 1029 -19.91 -25.16 16.27
CA MET C 1029 -21.18 -25.29 16.99
C MET C 1029 -22.24 -26.04 16.20
N SER C 1030 -22.03 -26.21 14.89
CA SER C 1030 -23.00 -26.93 14.07
C SER C 1030 -22.85 -28.44 14.16
N TYR C 1031 -21.75 -28.93 14.73
CA TYR C 1031 -21.54 -30.36 14.94
C TYR C 1031 -21.66 -30.75 16.40
N PHE C 1032 -22.17 -29.87 17.25
CA PHE C 1032 -22.29 -30.16 18.68
C PHE C 1032 -23.61 -30.83 19.03
N ASP C 1033 -24.66 -30.58 18.26
CA ASP C 1033 -25.99 -31.10 18.56
C ASP C 1033 -26.07 -32.57 18.12
N GLU C 1034 -27.28 -33.12 18.13
CA GLU C 1034 -27.50 -34.50 17.76
C GLU C 1034 -28.41 -34.68 16.55
N GLY C 1035 -29.12 -33.63 16.13
CA GLY C 1035 -30.06 -33.71 15.02
C GLY C 1035 -29.50 -34.30 13.74
N GLY C 1036 -28.58 -33.61 13.10
CA GLY C 1036 -27.99 -34.09 11.86
C GLY C 1036 -26.70 -34.85 12.07
N THR C 1037 -26.72 -35.83 12.98
CA THR C 1037 -25.50 -36.56 13.30
C THR C 1037 -25.04 -37.43 12.15
N LEU C 1038 -25.95 -37.91 11.32
CA LEU C 1038 -25.66 -38.97 10.39
C LEU C 1038 -25.54 -38.42 8.97
N PRO C 1039 -24.50 -38.80 8.24
CA PRO C 1039 -24.20 -38.14 6.94
C PRO C 1039 -25.34 -38.31 5.94
N PRO C 1040 -25.31 -37.55 4.85
CA PRO C 1040 -26.46 -37.51 3.91
C PRO C 1040 -26.79 -38.85 3.29
N PRO C 1041 -25.81 -39.70 2.94
CA PRO C 1041 -26.19 -41.02 2.39
C PRO C 1041 -27.10 -41.82 3.31
N PHE C 1042 -26.78 -41.86 4.60
CA PHE C 1042 -27.63 -42.54 5.58
C PHE C 1042 -28.65 -41.62 6.23
N ASN C 1043 -28.68 -40.34 5.83
CA ASN C 1043 -29.63 -39.40 6.41
C ASN C 1043 -31.07 -39.81 6.16
N ILE C 1044 -31.34 -40.47 5.03
CA ILE C 1044 -32.71 -40.80 4.65
C ILE C 1044 -33.08 -42.25 4.97
N ILE C 1045 -32.13 -43.06 5.42
CA ILE C 1045 -32.42 -44.45 5.73
C ILE C 1045 -33.25 -44.56 7.01
N ASN C 1084 -38.06 -25.59 38.21
CA ASN C 1084 -37.33 -24.41 38.67
C ASN C 1084 -36.51 -24.72 39.90
N ALA C 1085 -36.32 -26.01 40.18
CA ALA C 1085 -35.49 -26.41 41.32
C ALA C 1085 -34.03 -26.07 41.08
N ASP C 1086 -33.53 -26.35 39.88
CA ASP C 1086 -32.16 -26.01 39.53
C ASP C 1086 -32.05 -24.65 38.84
N SER C 1087 -33.14 -24.14 38.28
CA SER C 1087 -33.17 -22.85 37.59
C SER C 1087 -33.00 -21.68 38.52
N LEU C 1088 -32.83 -21.89 39.83
CA LEU C 1088 -32.51 -20.82 40.76
C LEU C 1088 -31.10 -20.93 41.34
N ILE C 1089 -30.62 -22.15 41.59
CA ILE C 1089 -29.22 -22.30 41.98
C ILE C 1089 -28.32 -21.96 40.80
N GLN C 1090 -28.71 -22.38 39.60
CA GLN C 1090 -27.96 -22.05 38.40
C GLN C 1090 -27.93 -20.54 38.16
N ASN C 1091 -28.98 -19.84 38.58
CA ASN C 1091 -29.03 -18.38 38.45
C ASN C 1091 -28.35 -17.67 39.62
N GLN C 1092 -28.20 -18.35 40.75
CA GLN C 1092 -27.54 -17.76 41.91
C GLN C 1092 -26.02 -17.86 41.82
N HIS C 1093 -25.50 -18.95 41.27
CA HIS C 1093 -24.06 -19.03 41.05
C HIS C 1093 -23.56 -18.02 40.03
N TYR C 1094 -24.35 -17.78 38.97
CA TYR C 1094 -23.98 -16.79 37.98
C TYR C 1094 -23.87 -15.41 38.59
N GLN C 1095 -24.75 -15.08 39.55
CA GLN C 1095 -24.69 -13.76 40.16
C GLN C 1095 -23.44 -13.58 41.01
N GLU C 1096 -23.00 -14.62 41.72
CA GLU C 1096 -21.74 -14.54 42.44
C GLU C 1096 -20.56 -14.37 41.50
N VAL C 1097 -20.54 -15.15 40.41
CA VAL C 1097 -19.46 -15.01 39.43
C VAL C 1097 -19.42 -13.61 38.86
N ILE C 1098 -20.61 -13.05 38.55
CA ILE C 1098 -20.67 -11.70 38.00
C ILE C 1098 -20.21 -10.67 39.03
N ARG C 1099 -20.59 -10.86 40.29
CA ARG C 1099 -20.13 -9.93 41.33
C ARG C 1099 -18.62 -9.91 41.39
N ASN C 1100 -17.98 -11.09 41.40
CA ASN C 1100 -16.52 -11.14 41.46
C ASN C 1100 -15.89 -10.53 40.22
N LEU C 1101 -16.42 -10.85 39.04
CA LEU C 1101 -15.86 -10.32 37.80
C LEU C 1101 -15.94 -8.80 37.76
N VAL C 1102 -17.10 -8.24 38.12
CA VAL C 1102 -17.27 -6.80 38.10
C VAL C 1102 -16.36 -6.14 39.12
N LYS C 1103 -16.24 -6.73 40.32
CA LYS C 1103 -15.36 -6.17 41.33
C LYS C 1103 -13.93 -6.09 40.84
N ARG C 1104 -13.38 -7.21 40.36
CA ARG C 1104 -11.98 -7.17 39.95
C ARG C 1104 -11.76 -6.41 38.65
N TYR C 1105 -12.77 -6.31 37.78
CA TYR C 1105 -12.64 -5.47 36.60
C TYR C 1105 -12.61 -4.00 36.96
N VAL C 1106 -13.49 -3.57 37.88
CA VAL C 1106 -13.46 -2.18 38.36
C VAL C 1106 -12.12 -1.89 39.01
N ALA C 1107 -11.62 -2.82 39.82
CA ALA C 1107 -10.32 -2.61 40.46
C ALA C 1107 -9.20 -2.48 39.43
N ALA C 1108 -9.16 -3.37 38.44
CA ALA C 1108 -8.12 -3.32 37.42
C ALA C 1108 -8.29 -2.15 36.46
N MET C 1109 -9.47 -1.53 36.41
CA MET C 1109 -9.71 -0.39 35.55
C MET C 1109 -9.43 0.94 36.24
N ILE C 1110 -9.67 1.02 37.55
CA ILE C 1110 -9.36 2.24 38.29
C ILE C 1110 -7.85 2.42 38.39
N ARG C 1111 -7.14 1.36 38.78
CA ARG C 1111 -5.69 1.43 38.89
C ARG C 1111 -5.05 1.72 37.54
N ASN C 1112 -5.57 1.13 36.47
CA ASN C 1112 -5.00 1.31 35.14
C ASN C 1112 -5.15 2.73 34.62
N SER C 1113 -6.03 3.54 35.21
CA SER C 1113 -6.25 4.90 34.75
C SER C 1113 -5.15 5.83 35.24
N LYS C 1114 -3.91 5.49 34.91
CA LYS C 1114 -2.75 6.28 35.27
C LYS C 1114 -1.83 6.44 34.07
N ARG D 398 45.62 17.16 14.30
CA ARG D 398 44.44 17.48 15.11
C ARG D 398 43.65 18.63 14.53
N ILE D 399 42.49 18.91 15.12
CA ILE D 399 41.67 20.04 14.73
C ILE D 399 41.56 20.99 15.91
N PRO D 400 42.34 22.07 15.95
CA PRO D 400 42.23 23.03 17.06
C PRO D 400 40.91 23.78 16.99
N LEU D 401 40.17 23.72 18.09
CA LEU D 401 38.87 24.36 18.19
C LEU D 401 39.00 25.66 18.97
N GLN D 402 38.52 26.75 18.39
CA GLN D 402 38.61 28.07 19.00
C GLN D 402 37.45 28.91 18.51
N ILE D 403 36.91 29.75 19.39
CA ILE D 403 35.72 30.52 19.07
C ILE D 403 36.04 31.52 17.97
N VAL D 404 35.50 31.27 16.79
CA VAL D 404 35.59 32.19 15.67
C VAL D 404 34.50 33.23 15.85
N ARG D 405 34.70 34.42 15.27
CA ARG D 405 33.82 35.58 15.41
C ARG D 405 33.30 35.72 16.84
N ALA D 406 34.24 35.93 17.75
CA ALA D 406 33.93 35.95 19.18
C ALA D 406 33.10 37.17 19.55
N GLU D 407 32.41 37.06 20.69
CA GLU D 407 31.52 38.10 21.18
C GLU D 407 32.30 39.11 22.01
N THR D 408 31.63 40.11 22.56
CA THR D 408 32.25 41.02 23.50
C THR D 408 31.73 40.70 24.90
N GLU D 409 32.62 40.86 25.88
CA GLU D 409 32.34 40.57 27.28
C GLU D 409 32.75 41.73 28.19
N LEU D 410 32.23 42.93 27.91
CA LEU D 410 32.73 44.24 28.39
C LEU D 410 33.22 44.15 29.83
N SER D 411 32.40 43.70 30.79
CA SER D 411 32.78 43.78 32.19
C SER D 411 32.46 42.47 32.92
N ALA D 412 32.78 42.40 34.21
CA ALA D 412 32.54 41.23 35.03
C ALA D 412 31.59 41.54 36.19
N GLU D 413 31.60 42.77 36.69
CA GLU D 413 30.60 43.17 37.67
C GLU D 413 29.20 43.20 37.08
N GLU D 414 29.10 43.44 35.77
CA GLU D 414 27.82 43.41 35.07
C GLU D 414 27.29 42.00 34.89
N LYS D 415 28.12 40.98 35.11
CA LYS D 415 27.69 39.59 35.02
C LYS D 415 26.70 39.21 36.12
N ALA D 416 26.65 39.98 37.21
CA ALA D 416 25.76 39.70 38.34
C ALA D 416 24.87 40.93 38.52
N PHE D 417 23.66 40.88 37.98
CA PHE D 417 22.74 42.01 38.05
C PHE D 417 21.61 41.71 39.02
N VAL D 442 28.32 50.75 35.58
CA VAL D 442 27.44 49.65 35.24
C VAL D 442 26.40 50.10 34.22
N ASN D 443 25.94 49.18 33.39
CA ASN D 443 24.91 49.49 32.39
C ASN D 443 23.71 48.58 32.64
N ILE D 444 22.52 49.17 32.62
CA ILE D 444 21.31 48.40 32.87
C ILE D 444 20.92 47.57 31.66
N ASN D 445 21.47 47.89 30.49
CA ASN D 445 21.18 47.15 29.26
C ASN D 445 22.20 46.03 29.05
N CYS D 446 22.13 45.05 29.96
CA CYS D 446 23.08 43.95 29.99
C CYS D 446 22.66 42.88 28.98
N MET D 447 23.16 43.02 27.76
CA MET D 447 22.92 42.03 26.73
C MET D 447 23.83 40.82 26.96
N ASP D 448 23.22 39.66 27.22
CA ASP D 448 23.99 38.45 27.51
C ASP D 448 24.48 37.83 26.20
N PRO D 449 25.19 36.69 26.23
CA PRO D 449 25.56 36.05 24.96
C PRO D 449 24.38 35.74 24.05
N LEU D 450 23.23 35.36 24.61
CA LEU D 450 22.05 35.09 23.81
C LEU D 450 21.21 36.33 23.54
N GLY D 451 21.72 37.52 23.83
CA GLY D 451 21.00 38.75 23.58
C GLY D 451 19.81 38.96 24.48
N ARG D 452 19.87 38.42 25.70
CA ARG D 452 18.77 38.52 26.66
C ARG D 452 19.07 39.66 27.62
N SER D 453 18.40 40.79 27.43
CA SER D 453 18.57 41.92 28.32
C SER D 453 17.89 41.64 29.66
N ALA D 454 17.89 42.67 30.52
CA ALA D 454 17.27 42.54 31.84
C ALA D 454 15.78 42.24 31.74
N LEU D 455 15.08 42.99 30.89
CA LEU D 455 13.63 42.80 30.74
C LEU D 455 13.31 41.43 30.16
N LEU D 456 14.16 40.90 29.28
CA LEU D 456 13.92 39.59 28.71
C LEU D 456 13.98 38.51 29.79
N ILE D 457 14.92 38.64 30.73
CA ILE D 457 15.02 37.68 31.82
C ILE D 457 13.89 37.89 32.83
N ALA D 458 13.47 39.14 33.04
CA ALA D 458 12.36 39.40 33.94
C ALA D 458 11.00 39.07 33.33
N ILE D 459 10.96 38.80 32.03
CA ILE D 459 9.73 38.36 31.37
C ILE D 459 9.69 36.84 31.24
N GLU D 460 10.81 36.22 30.84
CA GLU D 460 10.84 34.76 30.77
C GLU D 460 10.53 34.14 32.12
N ASN D 461 11.08 34.70 33.20
CA ASN D 461 10.67 34.37 34.55
C ASN D 461 9.67 35.41 35.01
N GLU D 462 8.44 34.97 35.33
CA GLU D 462 7.35 35.90 35.61
C GLU D 462 7.61 36.58 36.96
N ASN D 463 8.50 37.57 36.92
CA ASN D 463 8.90 38.32 38.15
C ASN D 463 8.07 39.60 38.30
N LEU D 464 7.33 39.98 37.25
CA LEU D 464 6.50 41.21 37.27
C LEU D 464 7.33 42.39 37.75
N TYR D 476 15.19 51.08 29.02
CA TYR D 476 15.00 50.81 27.60
C TYR D 476 14.22 49.52 27.39
N VAL D 477 13.04 49.62 26.79
CA VAL D 477 12.15 48.49 26.57
C VAL D 477 12.40 47.85 25.21
N GLY D 478 12.56 48.65 24.16
CA GLY D 478 12.73 48.13 22.82
C GLY D 478 11.50 47.43 22.32
N ASP D 479 11.57 46.11 22.16
CA ASP D 479 10.42 45.32 21.77
C ASP D 479 10.19 44.18 22.74
N ALA D 480 10.21 44.48 24.03
CA ALA D 480 9.95 43.49 25.07
C ALA D 480 8.47 43.09 25.14
N LEU D 481 7.59 43.86 24.52
CA LEU D 481 6.18 43.47 24.45
C LEU D 481 5.99 42.24 23.58
N LEU D 482 6.78 42.10 22.53
CA LEU D 482 6.67 40.93 21.66
C LEU D 482 7.14 39.66 22.37
N TYR D 483 8.03 39.79 23.34
CA TYR D 483 8.46 38.64 24.12
C TYR D 483 7.46 38.28 25.22
N ALA D 484 6.60 39.21 25.61
CA ALA D 484 5.55 38.93 26.58
C ALA D 484 4.29 38.38 25.92
N ILE D 485 3.92 38.92 24.76
CA ILE D 485 2.75 38.43 24.04
C ILE D 485 2.93 36.98 23.64
N ARG D 486 4.18 36.53 23.49
CA ARG D 486 4.49 35.22 22.92
C ARG D 486 4.55 34.12 23.98
N LYS D 487 4.28 34.45 25.24
CA LYS D 487 4.38 33.43 26.28
C LYS D 487 3.09 33.34 27.11
N GLU D 488 2.52 34.51 27.47
CA GLU D 488 1.42 34.54 28.43
C GLU D 488 0.94 35.96 28.70
N VAL D 489 -0.11 36.11 29.51
CA VAL D 489 -0.65 37.42 29.86
C VAL D 489 -0.69 37.60 31.37
N VAL D 490 0.39 38.15 31.90
CA VAL D 490 0.41 38.72 33.25
C VAL D 490 1.00 40.11 33.16
N GLY D 491 2.18 40.21 32.54
CA GLY D 491 2.86 41.49 32.38
C GLY D 491 2.50 42.20 31.09
N ALA D 492 1.71 41.55 30.23
CA ALA D 492 1.29 42.20 29.00
C ALA D 492 0.44 43.43 29.28
N VAL D 493 -0.37 43.38 30.35
CA VAL D 493 -1.13 44.56 30.74
C VAL D 493 -0.23 45.60 31.38
N GLU D 494 0.92 45.18 31.91
CA GLU D 494 1.84 46.13 32.52
C GLU D 494 2.64 46.90 31.48
N LEU D 495 3.20 46.20 30.49
CA LEU D 495 3.93 46.84 29.40
C LEU D 495 3.03 47.66 28.48
N LEU D 496 1.72 47.46 28.54
CA LEU D 496 0.79 48.18 27.68
C LEU D 496 0.41 49.56 28.22
N LEU D 497 0.77 49.87 29.46
CA LEU D 497 0.52 51.17 30.04
C LEU D 497 1.79 51.96 30.34
N SER D 498 2.90 51.28 30.62
CA SER D 498 4.16 51.96 30.91
C SER D 498 4.70 52.67 29.67
N GLN D 516 21.54 45.81 18.14
CA GLN D 516 20.11 45.55 18.03
C GLN D 516 19.85 44.18 17.44
N PHE D 517 19.61 43.21 18.32
CA PHE D 517 19.29 41.83 17.91
C PHE D 517 17.94 41.46 18.52
N SER D 518 16.94 41.29 17.67
CA SER D 518 15.64 40.81 18.10
C SER D 518 15.36 39.45 17.46
N GLU D 519 14.56 38.65 18.16
CA GLU D 519 14.13 37.35 17.68
C GLU D 519 12.89 37.44 16.80
N PHE D 520 12.54 38.65 16.35
CA PHE D 520 11.38 38.87 15.50
C PHE D 520 11.79 39.74 14.32
N THR D 521 11.18 39.46 13.17
CA THR D 521 11.45 40.23 11.97
C THR D 521 11.02 41.68 12.16
N PRO D 522 11.60 42.61 11.39
CA PRO D 522 11.30 44.04 11.61
C PRO D 522 9.93 44.47 11.14
N ASP D 523 9.07 43.53 10.76
CA ASP D 523 7.74 43.84 10.28
C ASP D 523 6.63 43.42 11.24
N ILE D 524 6.93 42.61 12.26
CA ILE D 524 5.88 42.08 13.11
C ILE D 524 5.36 43.16 14.05
N THR D 525 4.05 43.34 14.08
CA THR D 525 3.33 44.23 14.95
C THR D 525 2.81 43.45 16.16
N PRO D 526 2.67 44.10 17.33
CA PRO D 526 2.10 43.39 18.48
C PRO D 526 0.78 42.67 18.20
N ILE D 527 -0.15 43.31 17.47
CA ILE D 527 -1.41 42.65 17.18
C ILE D 527 -1.21 41.48 16.23
N MET D 528 -0.27 41.59 15.30
CA MET D 528 0.01 40.48 14.39
C MET D 528 0.52 39.26 15.15
N LEU D 529 1.46 39.45 16.07
CA LEU D 529 1.97 38.34 16.85
C LEU D 529 0.94 37.81 17.84
N ALA D 530 0.09 38.67 18.40
CA ALA D 530 -0.99 38.20 19.25
C ALA D 530 -1.98 37.35 18.47
N ALA D 531 -2.19 37.66 17.20
CA ALA D 531 -3.04 36.84 16.36
C ALA D 531 -2.35 35.55 15.92
N HIS D 532 -1.04 35.59 15.72
CA HIS D 532 -0.30 34.35 15.43
C HIS D 532 -0.37 33.38 16.61
N THR D 533 -0.26 33.90 17.83
CA THR D 533 -0.32 33.04 19.01
C THR D 533 -1.71 32.50 19.28
N ASN D 534 -2.75 33.21 18.84
CA ASN D 534 -4.14 32.77 18.97
C ASN D 534 -4.52 32.59 20.45
N ASN D 535 -4.32 33.63 21.22
CA ASN D 535 -4.77 33.70 22.61
C ASN D 535 -5.89 34.74 22.69
N TYR D 536 -7.02 34.35 23.25
CA TYR D 536 -8.20 35.21 23.20
C TYR D 536 -8.04 36.42 24.11
N GLU D 537 -7.49 36.22 25.31
CA GLU D 537 -7.42 37.30 26.28
C GLU D 537 -6.39 38.37 25.89
N ILE D 538 -5.32 37.97 25.21
CA ILE D 538 -4.33 38.94 24.76
C ILE D 538 -4.83 39.71 23.54
N ILE D 539 -5.43 39.03 22.57
CA ILE D 539 -6.00 39.72 21.42
C ILE D 539 -7.10 40.68 21.87
N LYS D 540 -7.91 40.29 22.86
CA LYS D 540 -8.92 41.20 23.35
C LYS D 540 -8.30 42.45 23.97
N LEU D 541 -7.31 42.27 24.84
CA LEU D 541 -6.63 43.41 25.45
C LEU D 541 -6.05 44.34 24.40
N LEU D 542 -5.44 43.78 23.36
CA LEU D 542 -4.82 44.61 22.33
C LEU D 542 -5.84 45.24 21.39
N VAL D 543 -7.02 44.65 21.26
CA VAL D 543 -8.02 45.22 20.34
C VAL D 543 -8.93 46.21 21.05
N GLN D 544 -8.95 46.22 22.39
CA GLN D 544 -9.69 47.26 23.10
C GLN D 544 -9.18 48.65 22.71
N LYS D 545 -7.90 48.77 22.38
CA LYS D 545 -7.30 50.02 21.96
C LYS D 545 -7.39 50.18 20.45
N ARG D 546 -6.68 51.18 19.94
CA ARG D 546 -6.71 51.48 18.52
C ARG D 546 -5.57 50.80 17.77
N VAL D 547 -5.82 49.59 17.28
CA VAL D 547 -4.84 48.86 16.47
C VAL D 547 -5.42 48.63 15.09
N THR D 548 -4.52 48.45 14.11
CA THR D 548 -4.89 48.23 12.73
C THR D 548 -4.00 47.16 12.13
N ILE D 549 -4.43 46.61 11.00
CA ILE D 549 -3.64 45.66 10.23
C ILE D 549 -3.61 46.13 8.78
N PRO D 550 -2.44 46.14 8.12
CA PRO D 550 -2.39 46.59 6.72
C PRO D 550 -3.11 45.63 5.78
N ARG D 551 -4.11 46.13 5.07
CA ARG D 551 -4.89 45.31 4.15
C ARG D 551 -4.03 44.88 2.98
N PRO D 552 -3.93 43.58 2.68
CA PRO D 552 -3.18 43.16 1.49
C PRO D 552 -3.93 43.56 0.22
N HIS D 553 -3.18 44.01 -0.79
CA HIS D 553 -3.78 44.63 -1.96
C HIS D 553 -4.71 43.68 -2.70
N GLN D 554 -4.14 42.64 -3.30
CA GLN D 554 -4.91 41.61 -3.99
C GLN D 554 -3.91 40.61 -4.57
N ILE D 555 -4.44 39.46 -5.00
CA ILE D 555 -3.58 38.40 -5.51
C ILE D 555 -2.70 38.90 -6.64
N ARG D 556 -3.32 39.33 -7.74
CA ARG D 556 -2.60 39.85 -8.89
C ARG D 556 -2.64 41.38 -8.89
N CYS D 557 -1.81 41.96 -8.04
CA CYS D 557 -1.66 43.42 -7.95
C CYS D 557 -0.40 43.82 -8.69
N ASN D 558 -0.52 44.75 -9.63
CA ASN D 558 0.61 45.28 -10.37
C ASN D 558 0.70 46.80 -10.26
N CYS D 559 0.34 47.35 -9.11
CA CYS D 559 0.38 48.80 -8.91
C CYS D 559 1.82 49.26 -8.69
N VAL D 560 1.96 50.52 -8.28
CA VAL D 560 3.28 51.13 -8.18
C VAL D 560 4.13 50.46 -7.10
N GLU D 561 3.52 50.04 -5.99
CA GLU D 561 4.30 49.50 -4.89
C GLU D 561 4.23 47.99 -4.82
N CYS D 562 3.20 47.38 -5.42
CA CYS D 562 3.20 45.93 -5.58
C CYS D 562 4.30 45.46 -6.52
N VAL D 563 4.94 46.36 -7.26
CA VAL D 563 6.03 46.01 -8.17
C VAL D 563 7.36 46.58 -7.69
N SER D 564 7.35 47.76 -7.06
CA SER D 564 8.56 48.39 -6.59
C SER D 564 8.95 47.98 -5.18
N SER D 565 8.15 47.12 -4.54
CA SER D 565 8.56 46.48 -3.30
C SER D 565 9.04 45.06 -3.51
N SER D 566 8.46 44.35 -4.48
CA SER D 566 8.92 43.02 -4.86
C SER D 566 10.08 43.05 -5.84
N GLU D 567 10.59 44.24 -6.18
CA GLU D 567 11.76 44.40 -7.01
C GLU D 567 12.95 44.92 -6.22
N VAL D 568 12.74 45.23 -4.94
CA VAL D 568 13.83 45.65 -4.07
C VAL D 568 14.25 44.46 -3.21
N ASP D 569 13.31 43.95 -2.40
CA ASP D 569 13.61 42.77 -1.59
C ASP D 569 13.01 41.50 -2.19
N SER D 570 11.68 41.45 -2.32
CA SER D 570 10.96 40.26 -2.79
C SER D 570 11.05 39.13 -1.77
N LEU D 571 11.82 39.33 -0.70
CA LEU D 571 11.81 38.39 0.42
C LEU D 571 11.08 38.98 1.61
N ARG D 572 11.44 40.21 1.97
CA ARG D 572 10.70 40.93 3.00
C ARG D 572 9.25 41.14 2.60
N HIS D 573 8.99 41.39 1.32
CA HIS D 573 7.61 41.58 0.86
C HIS D 573 6.79 40.31 1.05
N SER D 574 7.32 39.18 0.58
CA SER D 574 6.61 37.91 0.72
C SER D 574 6.42 37.53 2.18
N ARG D 575 7.44 37.73 3.01
CA ARG D 575 7.32 37.42 4.42
C ARG D 575 6.28 38.30 5.10
N SER D 576 6.27 39.60 4.79
CA SER D 576 5.29 40.51 5.38
C SER D 576 3.87 40.10 4.97
N ARG D 577 3.67 39.79 3.69
CA ARG D 577 2.37 39.33 3.22
C ARG D 577 1.92 38.06 3.91
N LEU D 578 2.80 37.07 4.03
CA LEU D 578 2.46 35.83 4.74
C LEU D 578 2.13 36.07 6.20
N ASN D 579 2.85 36.97 6.87
CA ASN D 579 2.55 37.27 8.27
C ASN D 579 1.21 37.98 8.42
N ILE D 580 0.90 38.90 7.51
CA ILE D 580 -0.42 39.56 7.56
C ILE D 580 -1.53 38.54 7.35
N TYR D 581 -1.38 37.62 6.39
CA TYR D 581 -2.43 36.64 6.15
C TYR D 581 -2.51 35.62 7.28
N LYS D 582 -1.38 35.35 7.96
CA LYS D 582 -1.41 34.45 9.10
C LYS D 582 -2.07 35.10 10.31
N ALA D 583 -1.98 36.43 10.41
CA ALA D 583 -2.68 37.14 11.48
C ALA D 583 -4.17 37.23 11.19
N LEU D 584 -4.54 37.55 9.95
CA LEU D 584 -5.95 37.68 9.60
C LEU D 584 -6.70 36.36 9.71
N ALA D 585 -6.05 35.25 9.40
CA ALA D 585 -6.67 33.93 9.45
C ALA D 585 -6.58 33.32 10.83
N SER D 586 -7.01 34.06 11.85
CA SER D 586 -6.94 33.62 13.23
C SER D 586 -8.35 33.45 13.76
N PRO D 587 -8.73 32.25 14.23
CA PRO D 587 -10.09 32.05 14.75
C PRO D 587 -10.47 32.98 15.89
N SER D 588 -9.50 33.58 16.57
CA SER D 588 -9.79 34.51 17.65
C SER D 588 -9.85 35.96 17.22
N LEU D 589 -9.13 36.33 16.16
CA LEU D 589 -9.26 37.64 15.56
C LEU D 589 -10.47 37.74 14.63
N ILE D 590 -11.04 36.60 14.23
CA ILE D 590 -12.30 36.60 13.49
C ILE D 590 -13.50 36.53 14.42
N ALA D 591 -13.38 35.88 15.58
CA ALA D 591 -14.47 35.81 16.53
C ALA D 591 -14.90 37.21 16.95
N LEU D 592 -14.00 37.94 17.59
CA LEU D 592 -14.18 39.37 17.81
C LEU D 592 -13.64 40.14 16.61
N SER D 593 -14.23 41.32 16.38
CA SER D 593 -13.87 42.18 15.25
C SER D 593 -14.20 41.50 13.91
N SER D 594 -15.46 41.09 13.79
CA SER D 594 -16.04 40.63 12.53
C SER D 594 -17.55 40.62 12.65
N GLU D 595 -18.24 41.27 11.72
CA GLU D 595 -19.70 41.37 11.78
C GLU D 595 -20.35 40.00 11.58
N ASP D 596 -19.85 39.21 10.62
CA ASP D 596 -20.23 37.81 10.51
C ASP D 596 -18.97 36.99 10.30
N PRO D 597 -18.59 36.13 11.24
CA PRO D 597 -17.34 35.38 11.11
C PRO D 597 -17.40 34.22 10.15
N ILE D 598 -18.58 33.86 9.65
CA ILE D 598 -18.70 32.73 8.74
C ILE D 598 -18.39 33.14 7.30
N LEU D 599 -18.89 34.28 6.85
CA LEU D 599 -18.58 34.76 5.51
C LEU D 599 -17.13 35.23 5.40
N THR D 600 -16.61 35.85 6.46
CA THR D 600 -15.20 36.20 6.48
C THR D 600 -14.30 34.98 6.38
N ALA D 601 -14.64 33.90 7.07
CA ALA D 601 -13.89 32.66 6.96
C ALA D 601 -13.98 32.05 5.57
N PHE D 602 -15.15 32.10 4.93
CA PHE D 602 -15.28 31.64 3.55
C PHE D 602 -14.37 32.42 2.61
N ARG D 603 -14.44 33.75 2.68
CA ARG D 603 -13.62 34.58 1.80
C ARG D 603 -12.14 34.40 2.06
N LEU D 604 -11.75 34.23 3.33
CA LEU D 604 -10.34 34.03 3.64
C LEU D 604 -9.85 32.68 3.15
N GLY D 605 -10.63 31.61 3.37
CA GLY D 605 -10.27 30.32 2.82
C GLY D 605 -10.10 30.35 1.32
N TRP D 606 -11.00 31.05 0.62
CA TRP D 606 -10.87 31.18 -0.82
C TRP D 606 -9.61 31.94 -1.19
N GLU D 607 -9.38 33.11 -0.59
CA GLU D 607 -8.23 33.93 -0.95
C GLU D 607 -6.92 33.21 -0.66
N LEU D 608 -6.90 32.38 0.38
CA LEU D 608 -5.67 31.68 0.73
C LEU D 608 -5.47 30.43 -0.12
N LYS D 609 -6.55 29.80 -0.57
CA LYS D 609 -6.41 28.68 -1.49
C LYS D 609 -5.96 29.15 -2.87
N GLU D 610 -6.44 30.29 -3.34
CA GLU D 610 -6.02 30.89 -4.60
C GLU D 610 -4.64 31.51 -4.52
N LEU D 611 -4.09 31.67 -3.32
CA LEU D 611 -2.78 32.26 -3.14
C LEU D 611 -1.66 31.21 -3.07
N SER D 612 -2.00 29.96 -2.75
CA SER D 612 -1.02 28.89 -2.78
C SER D 612 -0.70 28.45 -4.20
N LYS D 613 -1.52 28.82 -5.17
CA LYS D 613 -1.27 28.51 -6.57
C LYS D 613 -0.45 29.60 -7.25
N VAL D 614 -0.84 30.87 -7.04
CA VAL D 614 -0.10 31.98 -7.63
C VAL D 614 1.29 32.07 -7.02
N GLU D 615 1.36 32.11 -5.69
CA GLU D 615 2.65 32.07 -5.02
C GLU D 615 3.21 30.64 -5.10
N ASN D 616 4.07 30.39 -6.09
CA ASN D 616 4.49 29.03 -6.39
C ASN D 616 5.17 28.39 -5.18
N GLU D 617 6.09 29.10 -4.56
CA GLU D 617 6.68 28.65 -3.30
C GLU D 617 5.76 29.04 -2.15
N PHE D 618 6.13 28.59 -0.94
CA PHE D 618 5.34 28.84 0.25
C PHE D 618 3.95 28.21 0.13
N LYS D 619 3.83 27.24 -0.78
CA LYS D 619 2.57 26.55 -1.02
C LYS D 619 2.13 25.70 0.16
N ALA D 620 3.03 25.46 1.12
CA ALA D 620 2.67 24.61 2.26
C ALA D 620 2.05 25.39 3.41
N GLU D 621 2.30 26.70 3.48
CA GLU D 621 1.73 27.51 4.55
C GLU D 621 0.37 28.09 4.20
N TYR D 622 0.16 28.48 2.95
CA TYR D 622 -1.15 28.99 2.55
C TYR D 622 -2.23 27.93 2.61
N GLU D 623 -1.91 26.67 2.29
CA GLU D 623 -2.91 25.61 2.42
C GLU D 623 -3.23 25.31 3.88
N GLU D 624 -2.25 25.37 4.77
CA GLU D 624 -2.58 25.15 6.18
C GLU D 624 -3.37 26.31 6.75
N LEU D 625 -3.11 27.54 6.29
CA LEU D 625 -3.95 28.67 6.71
C LEU D 625 -5.38 28.53 6.18
N SER D 626 -5.52 28.10 4.93
CA SER D 626 -6.86 27.89 4.38
C SER D 626 -7.60 26.77 5.10
N GLN D 627 -6.90 25.69 5.43
CA GLN D 627 -7.51 24.61 6.22
C GLN D 627 -7.80 25.03 7.66
N GLN D 628 -7.10 26.04 8.17
CA GLN D 628 -7.40 26.61 9.47
C GLN D 628 -8.67 27.46 9.44
N CYS D 629 -8.89 28.21 8.37
CA CYS D 629 -10.15 28.94 8.22
C CYS D 629 -11.32 28.00 7.97
N LYS D 630 -11.13 27.00 7.11
CA LYS D 630 -12.20 26.06 6.79
C LYS D 630 -12.60 25.24 8.01
N LEU D 631 -11.68 24.98 8.92
CA LEU D 631 -11.96 24.25 10.14
C LEU D 631 -12.59 25.12 11.21
N PHE D 632 -12.37 26.44 11.16
CA PHE D 632 -13.02 27.37 12.07
C PHE D 632 -14.46 27.65 11.68
N ALA D 633 -14.72 27.80 10.38
CA ALA D 633 -16.09 28.05 9.94
C ALA D 633 -17.01 26.86 10.18
N LYS D 634 -16.46 25.66 10.30
CA LYS D 634 -17.25 24.47 10.58
C LYS D 634 -17.41 24.21 12.08
N ASP D 635 -16.37 24.45 12.87
CA ASP D 635 -16.43 24.29 14.31
C ASP D 635 -17.32 25.33 14.98
N LEU D 636 -17.75 26.36 14.25
CA LEU D 636 -18.70 27.32 14.77
C LEU D 636 -20.14 26.89 14.52
N LEU D 637 -20.40 26.17 13.43
CA LEU D 637 -21.71 25.59 13.17
C LEU D 637 -21.96 24.36 14.02
N ASP D 638 -20.91 23.76 14.57
CA ASP D 638 -21.04 22.63 15.50
C ASP D 638 -21.67 23.02 16.83
N GLN D 639 -21.77 24.32 17.12
CA GLN D 639 -22.25 24.78 18.41
C GLN D 639 -23.73 25.15 18.40
N ALA D 640 -24.44 24.94 17.29
CA ALA D 640 -25.87 25.18 17.27
C ALA D 640 -26.58 24.15 18.15
N ARG D 641 -27.44 24.65 19.05
CA ARG D 641 -28.12 23.77 19.99
C ARG D 641 -29.53 23.41 19.57
N SER D 642 -30.23 24.31 18.87
CA SER D 642 -31.56 24.05 18.37
C SER D 642 -31.59 24.13 16.85
N SER D 643 -32.70 23.69 16.28
CA SER D 643 -32.91 23.77 14.84
C SER D 643 -33.44 25.11 14.39
N ARG D 644 -33.99 25.91 15.32
CA ARG D 644 -34.43 27.25 14.97
C ARG D 644 -33.26 28.17 14.67
N GLU D 645 -32.13 27.95 15.34
CA GLU D 645 -30.92 28.74 15.12
C GLU D 645 -29.95 28.06 14.16
N LEU D 646 -30.36 26.97 13.52
CA LEU D 646 -29.63 26.40 12.41
C LEU D 646 -30.19 26.81 11.06
N GLU D 647 -31.49 27.12 11.00
CA GLU D 647 -32.10 27.67 9.80
C GLU D 647 -31.94 29.18 9.71
N ILE D 648 -31.56 29.85 10.80
CA ILE D 648 -31.23 31.26 10.71
C ILE D 648 -29.87 31.45 10.04
N ILE D 649 -28.92 30.57 10.33
CA ILE D 649 -27.59 30.69 9.74
C ILE D 649 -27.61 30.30 8.26
N LEU D 650 -28.29 29.21 7.91
CA LEU D 650 -28.26 28.70 6.55
C LEU D 650 -29.12 29.49 5.58
N ASN D 651 -30.00 30.35 6.08
CA ASN D 651 -30.92 31.12 5.24
C ASN D 651 -30.59 32.60 5.19
N HIS D 652 -29.39 32.99 5.65
CA HIS D 652 -29.07 34.41 5.80
C HIS D 652 -28.79 35.05 4.45
N ARG D 653 -29.42 36.20 4.21
CA ARG D 653 -29.24 36.99 3.00
C ARG D 653 -29.59 36.20 1.75
N ASP D 667 -35.16 29.38 0.76
CA ASP D 667 -33.91 29.74 0.11
C ASP D 667 -32.74 29.59 1.08
N LEU D 668 -31.82 28.68 0.78
CA LEU D 668 -30.66 28.43 1.61
C LEU D 668 -29.51 29.28 1.06
N ALA D 669 -29.57 30.57 1.37
CA ALA D 669 -28.71 31.57 0.73
C ALA D 669 -27.28 31.56 1.26
N LYS D 670 -27.01 30.93 2.40
CA LYS D 670 -25.65 30.79 2.88
C LYS D 670 -25.03 29.44 2.53
N LEU D 671 -25.85 28.39 2.43
CA LEU D 671 -25.36 27.12 1.93
C LEU D 671 -24.89 27.23 0.49
N LYS D 672 -25.53 28.09 -0.31
CA LYS D 672 -25.07 28.28 -1.68
C LYS D 672 -23.75 29.03 -1.72
N VAL D 673 -23.55 29.99 -0.83
CA VAL D 673 -22.27 30.70 -0.75
C VAL D 673 -21.18 29.76 -0.26
N ALA D 674 -21.55 28.79 0.59
CA ALA D 674 -20.58 27.79 1.01
C ALA D 674 -20.24 26.85 -0.14
N ILE D 675 -21.21 26.52 -0.97
CA ILE D 675 -20.96 25.63 -2.11
C ILE D 675 -20.09 26.33 -3.16
N LYS D 676 -20.32 27.63 -3.38
CA LYS D 676 -19.55 28.34 -4.39
C LYS D 676 -18.13 28.67 -3.94
N TYR D 677 -17.81 28.47 -2.66
CA TYR D 677 -16.46 28.64 -2.15
C TYR D 677 -15.77 27.31 -1.85
N HIS D 678 -16.43 26.20 -2.17
CA HIS D 678 -15.88 24.85 -1.97
C HIS D 678 -15.56 24.60 -0.51
N GLN D 679 -16.52 24.91 0.36
CA GLN D 679 -16.40 24.65 1.79
C GLN D 679 -16.98 23.27 2.07
N LYS D 680 -16.19 22.25 1.75
CA LYS D 680 -16.64 20.86 1.83
C LYS D 680 -16.87 20.39 3.26
N GLU D 681 -16.34 21.09 4.27
CA GLU D 681 -16.56 20.72 5.66
C GLU D 681 -17.69 21.47 6.33
N PHE D 682 -17.99 22.69 5.89
CA PHE D 682 -19.21 23.35 6.34
C PHE D 682 -20.43 22.59 5.87
N VAL D 683 -20.56 22.38 4.57
CA VAL D 683 -21.41 21.32 4.05
C VAL D 683 -20.88 19.99 4.56
N ALA D 684 -21.73 18.96 4.55
CA ALA D 684 -21.42 17.63 5.06
C ALA D 684 -21.26 17.61 6.58
N GLN D 685 -21.63 18.68 7.26
CA GLN D 685 -21.74 18.65 8.71
C GLN D 685 -23.03 17.93 9.07
N PRO D 686 -23.02 17.02 10.04
CA PRO D 686 -24.18 16.15 10.28
C PRO D 686 -25.50 16.89 10.44
N ASN D 687 -25.50 18.02 11.13
CA ASN D 687 -26.72 18.79 11.33
C ASN D 687 -27.12 19.59 10.10
N CYS D 688 -26.18 19.91 9.23
CA CYS D 688 -26.50 20.54 7.96
C CYS D 688 -27.05 19.56 6.93
N GLN D 689 -26.63 18.30 7.00
CA GLN D 689 -27.17 17.27 6.10
C GLN D 689 -28.49 16.71 6.59
N GLN D 690 -28.67 16.62 7.91
CA GLN D 690 -29.95 16.19 8.46
C GLN D 690 -31.06 17.20 8.19
N LEU D 691 -30.71 18.45 7.89
CA LEU D 691 -31.68 19.46 7.48
C LEU D 691 -31.99 19.40 6.00
N LEU D 692 -31.00 19.09 5.16
CA LEU D 692 -31.24 18.95 3.73
C LEU D 692 -32.01 17.67 3.41
N ALA D 693 -31.80 16.62 4.18
CA ALA D 693 -32.49 15.35 3.94
C ALA D 693 -33.97 15.43 4.25
N THR D 694 -34.44 16.49 4.92
CA THR D 694 -35.86 16.69 5.14
C THR D 694 -36.50 17.58 4.09
N LEU D 695 -35.72 18.40 3.40
CA LEU D 695 -36.23 19.10 2.23
C LEU D 695 -36.20 18.20 1.00
N TRP D 696 -35.28 17.24 0.96
CA TRP D 696 -35.22 16.30 -0.15
C TRP D 696 -36.42 15.37 -0.13
N TYR D 697 -36.60 14.62 0.95
CA TYR D 697 -37.77 13.76 1.13
C TYR D 697 -38.93 14.61 1.65
N ASP D 698 -39.41 15.50 0.78
CA ASP D 698 -40.41 16.46 1.20
C ASP D 698 -41.77 15.81 1.41
N GLY D 699 -42.00 14.66 0.80
CA GLY D 699 -43.27 13.97 0.93
C GLY D 699 -43.14 12.56 1.46
N PHE D 700 -41.97 12.22 1.99
CA PHE D 700 -41.71 10.90 2.56
C PHE D 700 -41.22 11.07 3.99
N PRO D 701 -42.10 11.43 4.92
CA PRO D 701 -41.69 11.48 6.33
C PRO D 701 -41.24 10.12 6.81
N GLY D 702 -39.95 9.98 7.11
CA GLY D 702 -39.43 8.71 7.55
C GLY D 702 -39.01 7.78 6.42
N TRP D 703 -38.33 8.32 5.40
CA TRP D 703 -37.87 7.48 4.30
C TRP D 703 -36.61 6.73 4.71
N ARG D 704 -36.22 6.89 5.97
CA ARG D 704 -35.09 6.16 6.54
C ARG D 704 -35.51 4.98 7.41
N ARG D 705 -36.80 4.83 7.71
CA ARG D 705 -37.32 3.72 8.48
C ARG D 705 -37.66 2.52 7.61
N LYS D 706 -37.80 2.72 6.31
CA LYS D 706 -38.35 1.72 5.41
C LYS D 706 -37.33 0.64 5.05
N HIS D 707 -37.83 -0.44 4.49
CA HIS D 707 -37.01 -1.55 4.00
C HIS D 707 -36.59 -1.28 2.56
N TRP D 708 -35.49 -1.91 2.14
CA TRP D 708 -34.96 -1.67 0.81
C TRP D 708 -35.90 -2.12 -0.30
N VAL D 709 -36.67 -3.19 -0.07
CA VAL D 709 -37.67 -3.61 -1.05
C VAL D 709 -38.85 -2.64 -1.10
N VAL D 710 -39.32 -2.16 0.05
CA VAL D 710 -40.39 -1.15 0.05
C VAL D 710 -39.90 0.16 -0.55
N LYS D 711 -38.60 0.43 -0.51
CA LYS D 711 -38.04 1.59 -1.19
C LYS D 711 -38.00 1.37 -2.71
N LEU D 712 -37.51 0.20 -3.13
CA LEU D 712 -37.42 -0.09 -4.55
C LEU D 712 -38.79 -0.08 -5.22
N LEU D 713 -39.77 -0.73 -4.60
CA LEU D 713 -41.09 -0.81 -5.22
C LEU D 713 -41.87 0.49 -5.11
N THR D 714 -41.48 1.39 -4.22
CA THR D 714 -42.09 2.72 -4.21
C THR D 714 -41.41 3.65 -5.19
N CYS D 715 -40.12 3.44 -5.47
CA CYS D 715 -39.41 4.24 -6.46
C CYS D 715 -39.82 3.86 -7.88
N MET D 716 -39.98 2.56 -8.16
CA MET D 716 -40.41 2.15 -9.49
C MET D 716 -41.87 2.50 -9.73
N THR D 717 -42.67 2.60 -8.66
CA THR D 717 -44.07 3.01 -8.84
C THR D 717 -44.15 4.47 -9.27
N ILE D 718 -43.27 5.32 -8.75
CA ILE D 718 -43.20 6.70 -9.21
C ILE D 718 -42.55 6.79 -10.59
N GLY D 719 -41.59 5.91 -10.90
CA GLY D 719 -41.00 5.92 -12.22
C GLY D 719 -41.97 5.61 -13.33
N PHE D 720 -42.90 4.68 -13.10
CA PHE D 720 -43.89 4.30 -14.11
C PHE D 720 -45.06 5.26 -14.19
N LEU D 721 -44.99 6.40 -13.51
CA LEU D 721 -46.08 7.38 -13.49
C LEU D 721 -45.58 8.77 -13.88
N PHE D 722 -44.42 8.85 -14.51
CA PHE D 722 -43.83 10.14 -14.83
C PHE D 722 -44.59 10.91 -15.92
N PRO D 723 -45.26 10.27 -16.91
CA PRO D 723 -46.04 11.08 -17.85
C PRO D 723 -47.36 11.56 -17.29
N MET D 724 -47.84 10.96 -16.20
CA MET D 724 -49.06 11.42 -15.56
C MET D 724 -48.80 12.55 -14.58
N LEU D 725 -47.76 12.41 -13.75
CA LEU D 725 -47.39 13.51 -12.85
C LEU D 725 -46.89 14.72 -13.61
N SER D 726 -46.46 14.55 -14.87
CA SER D 726 -45.96 15.66 -15.66
C SER D 726 -47.03 16.28 -16.57
N ILE D 727 -48.13 15.57 -16.81
CA ILE D 727 -49.21 16.19 -17.58
C ILE D 727 -50.01 17.14 -16.69
N ALA D 728 -50.14 16.81 -15.41
CA ALA D 728 -50.46 17.81 -14.41
C ALA D 728 -49.29 18.77 -14.28
N TYR D 729 -49.50 19.86 -13.53
CA TYR D 729 -48.54 20.97 -13.46
C TYR D 729 -48.44 21.70 -14.80
N LEU D 730 -49.18 21.19 -15.79
CA LEU D 730 -49.28 21.81 -17.10
C LEU D 730 -50.75 22.12 -17.37
N ILE D 731 -51.63 21.29 -16.81
CA ILE D 731 -53.07 21.49 -16.87
C ILE D 731 -53.67 21.67 -15.48
N SER D 732 -52.85 21.58 -14.43
CA SER D 732 -53.31 21.75 -13.06
C SER D 732 -52.14 22.14 -12.16
N PRO D 733 -51.52 23.30 -12.37
CA PRO D 733 -50.31 23.64 -11.61
C PRO D 733 -50.55 23.87 -10.13
N ARG D 734 -51.80 24.04 -9.69
CA ARG D 734 -52.08 24.28 -8.29
C ARG D 734 -53.12 23.30 -7.76
N SER D 735 -53.07 22.06 -8.22
CA SER D 735 -53.98 21.01 -7.77
C SER D 735 -53.26 20.11 -6.78
N ASN D 736 -53.93 19.06 -6.33
CA ASN D 736 -53.29 18.10 -5.43
C ASN D 736 -52.25 17.27 -6.17
N LEU D 737 -52.62 16.71 -7.32
CA LEU D 737 -51.69 15.90 -8.08
C LEU D 737 -50.64 16.75 -8.78
N GLY D 738 -50.96 18.02 -9.04
CA GLY D 738 -50.02 18.88 -9.72
C GLY D 738 -48.85 19.30 -8.86
N LEU D 739 -49.00 19.26 -7.55
CA LEU D 739 -47.94 19.63 -6.62
C LEU D 739 -47.06 18.45 -6.23
N PHE D 740 -47.39 17.24 -6.69
CA PHE D 740 -46.64 16.06 -6.28
C PHE D 740 -45.33 15.92 -7.06
N ILE D 741 -45.12 16.74 -8.08
CA ILE D 741 -43.88 16.69 -8.87
C ILE D 741 -43.11 17.98 -8.65
N LYS D 742 -43.34 18.61 -7.50
CA LYS D 742 -42.48 19.71 -7.07
C LYS D 742 -41.61 19.35 -5.88
N LYS D 743 -41.92 18.26 -5.17
CA LYS D 743 -41.03 17.74 -4.17
C LYS D 743 -39.75 17.25 -4.85
N PRO D 744 -38.57 17.55 -4.31
CA PRO D 744 -37.33 17.30 -5.06
C PRO D 744 -37.07 15.83 -5.34
N PHE D 745 -37.44 14.93 -4.42
CA PHE D 745 -37.20 13.52 -4.66
C PHE D 745 -38.07 12.98 -5.79
N ILE D 746 -39.33 13.39 -5.86
CA ILE D 746 -40.20 12.94 -6.93
C ILE D 746 -39.77 13.55 -8.26
N LYS D 747 -39.35 14.81 -8.24
CA LYS D 747 -38.81 15.43 -9.45
C LYS D 747 -37.59 14.67 -9.94
N PHE D 748 -36.74 14.24 -9.02
CA PHE D 748 -35.58 13.43 -9.38
C PHE D 748 -35.99 12.12 -10.02
N ILE D 749 -36.90 11.39 -9.37
CA ILE D 749 -37.33 10.09 -9.89
C ILE D 749 -38.00 10.23 -11.24
N CYS D 750 -38.69 11.34 -11.49
CA CYS D 750 -39.33 11.58 -12.78
C CYS D 750 -38.34 12.02 -13.85
N HIS D 751 -37.29 12.74 -13.48
CA HIS D 751 -36.26 13.11 -14.45
C HIS D 751 -35.35 11.95 -14.82
N THR D 752 -35.12 11.00 -13.91
CA THR D 752 -34.28 9.85 -14.23
C THR D 752 -35.07 8.65 -14.72
N ALA D 753 -36.40 8.69 -14.67
CA ALA D 753 -37.22 7.70 -15.35
C ALA D 753 -37.67 8.19 -16.72
N SER D 754 -37.43 9.45 -17.04
CA SER D 754 -37.62 9.98 -18.39
C SER D 754 -36.36 9.84 -19.23
N TYR D 755 -35.19 9.78 -18.60
CA TYR D 755 -33.95 9.51 -19.30
C TYR D 755 -33.75 8.02 -19.56
N LEU D 756 -34.40 7.16 -18.78
CA LEU D 756 -34.37 5.73 -19.02
C LEU D 756 -35.39 5.29 -20.05
N THR D 757 -36.30 6.17 -20.44
CA THR D 757 -37.20 5.94 -21.56
C THR D 757 -36.60 6.44 -22.87
N PHE D 758 -35.63 7.36 -22.81
CA PHE D 758 -34.91 7.81 -23.99
C PHE D 758 -33.80 6.86 -24.38
N LEU D 759 -33.27 6.08 -23.44
CA LEU D 759 -32.22 5.12 -23.74
C LEU D 759 -32.78 3.74 -24.07
N PHE D 760 -33.93 3.38 -23.50
CA PHE D 760 -34.61 2.17 -23.93
C PHE D 760 -35.20 2.33 -25.33
N MET D 761 -35.47 3.57 -25.74
CA MET D 761 -35.93 3.85 -27.08
C MET D 761 -34.79 3.93 -28.09
N LEU D 762 -33.55 4.13 -27.63
CA LEU D 762 -32.39 4.08 -28.49
C LEU D 762 -31.92 2.65 -28.74
N LEU D 763 -32.22 1.73 -27.83
CA LEU D 763 -31.92 0.32 -28.05
C LEU D 763 -32.91 -0.33 -29.01
N LEU D 764 -34.06 0.29 -29.23
CA LEU D 764 -35.08 -0.22 -30.14
C LEU D 764 -34.89 0.25 -31.57
N ALA D 765 -33.92 1.13 -31.81
CA ALA D 765 -33.67 1.66 -33.14
C ALA D 765 -32.89 0.70 -34.03
N SER D 766 -32.77 -0.57 -33.62
CA SER D 766 -32.05 -1.58 -34.38
C SER D 766 -32.90 -2.79 -34.70
N GLN D 767 -34.05 -2.94 -34.06
CA GLN D 767 -34.93 -4.07 -34.33
C GLN D 767 -35.96 -3.73 -35.39
N ASP D 773 -34.97 -2.46 -47.06
CA ASP D 773 -35.25 -1.03 -47.00
C ASP D 773 -34.02 -0.26 -46.53
N LEU D 774 -32.85 -0.87 -46.64
CA LEU D 774 -31.60 -0.24 -46.25
C LEU D 774 -30.78 0.22 -47.45
N HIS D 775 -31.30 0.10 -48.66
CA HIS D 775 -30.61 0.55 -49.86
C HIS D 775 -31.02 1.94 -50.30
N VAL D 776 -32.08 2.50 -49.72
CA VAL D 776 -32.51 3.86 -50.02
C VAL D 776 -31.39 4.82 -49.66
N GLN D 777 -30.94 5.63 -50.63
CA GLN D 777 -29.83 6.54 -50.39
C GLN D 777 -30.20 7.59 -49.34
N GLY D 778 -31.37 8.20 -49.48
CA GLY D 778 -31.90 9.05 -48.44
C GLY D 778 -33.26 8.59 -47.99
N PRO D 779 -33.34 8.05 -46.78
CA PRO D 779 -34.61 7.53 -46.28
C PRO D 779 -35.34 8.58 -45.47
N PRO D 780 -36.64 8.41 -45.25
CA PRO D 780 -37.37 9.27 -44.33
C PRO D 780 -37.17 8.79 -42.90
N PRO D 781 -37.42 9.65 -41.91
CA PRO D 781 -37.23 9.22 -40.51
C PRO D 781 -38.15 8.06 -40.15
N THR D 782 -37.62 7.15 -39.34
CA THR D 782 -38.35 5.97 -38.91
C THR D 782 -39.28 6.34 -37.76
N VAL D 783 -40.01 5.35 -37.26
CA VAL D 783 -40.95 5.58 -36.16
C VAL D 783 -40.18 5.99 -34.90
N VAL D 784 -39.10 5.28 -34.59
CA VAL D 784 -38.34 5.59 -33.38
C VAL D 784 -37.62 6.92 -33.52
N GLU D 785 -37.19 7.29 -34.73
CA GLU D 785 -36.54 8.58 -34.90
C GLU D 785 -37.54 9.73 -34.88
N TRP D 786 -38.83 9.45 -35.08
CA TRP D 786 -39.84 10.45 -34.80
C TRP D 786 -40.12 10.52 -33.31
N MET D 787 -40.04 9.38 -32.62
CA MET D 787 -40.32 9.31 -31.18
C MET D 787 -39.14 9.74 -30.31
N ILE D 788 -38.05 10.21 -30.92
CA ILE D 788 -36.86 10.61 -30.17
C ILE D 788 -36.67 12.12 -30.30
N LEU D 789 -37.14 12.68 -31.41
CA LEU D 789 -36.93 14.10 -31.69
C LEU D 789 -37.41 15.02 -30.57
N PRO D 790 -38.54 14.80 -29.90
CA PRO D 790 -38.87 15.66 -28.75
C PRO D 790 -37.85 15.60 -27.63
N TRP D 791 -37.34 14.41 -27.29
CA TRP D 791 -36.27 14.31 -26.30
C TRP D 791 -35.02 15.08 -26.73
N VAL D 792 -34.63 14.94 -28.00
CA VAL D 792 -33.42 15.61 -28.47
C VAL D 792 -33.59 17.12 -28.43
N LEU D 793 -34.74 17.62 -28.87
CA LEU D 793 -34.98 19.06 -28.83
C LEU D 793 -35.05 19.56 -27.39
N GLY D 794 -35.67 18.80 -26.49
CA GLY D 794 -35.68 19.17 -25.09
C GLY D 794 -34.32 19.19 -24.44
N PHE D 795 -33.43 18.27 -24.82
CA PHE D 795 -32.06 18.26 -24.31
C PHE D 795 -31.23 19.41 -24.87
N ILE D 796 -31.45 19.77 -26.14
CA ILE D 796 -30.73 20.90 -26.70
C ILE D 796 -31.23 22.21 -26.09
N TRP D 797 -32.53 22.28 -25.77
CA TRP D 797 -33.08 23.50 -25.16
C TRP D 797 -32.67 23.62 -23.70
N GLY D 798 -32.79 22.54 -22.92
CA GLY D 798 -32.47 22.60 -21.50
C GLY D 798 -31.01 22.83 -21.19
N GLU D 799 -30.13 22.67 -22.17
CA GLU D 799 -28.72 22.97 -22.01
C GLU D 799 -28.35 24.37 -22.48
N ILE D 800 -29.25 25.04 -23.21
CA ILE D 800 -29.02 26.43 -23.57
C ILE D 800 -29.23 27.33 -22.36
N LYS D 801 -30.30 27.08 -21.60
CA LYS D 801 -30.60 27.90 -20.42
C LYS D 801 -29.51 27.80 -19.37
N GLU D 802 -29.02 26.59 -19.08
CA GLU D 802 -28.07 26.40 -17.99
C GLU D 802 -26.74 27.10 -18.27
N MET D 803 -26.26 27.07 -19.51
CA MET D 803 -25.08 27.82 -19.89
C MET D 803 -25.37 29.28 -20.18
N TRP D 804 -26.65 29.68 -20.13
CA TRP D 804 -27.04 31.08 -20.20
C TRP D 804 -27.25 31.70 -18.82
N ASP D 805 -27.71 30.93 -17.85
CA ASP D 805 -27.84 31.41 -16.47
C ASP D 805 -26.52 31.20 -15.73
N GLY D 806 -25.47 31.77 -16.30
CA GLY D 806 -24.13 31.62 -15.76
C GLY D 806 -23.11 31.81 -16.86
N GLY D 807 -21.89 31.34 -16.56
CA GLY D 807 -20.78 31.46 -17.48
C GLY D 807 -20.99 30.77 -18.82
N TYR D 811 -19.08 27.01 -16.21
CA TYR D 811 -19.78 25.97 -16.98
C TYR D 811 -18.86 24.81 -17.31
N ILE D 812 -17.61 25.14 -17.67
CA ILE D 812 -16.64 24.12 -18.06
C ILE D 812 -15.98 23.44 -16.86
N HIS D 813 -16.24 23.91 -15.65
CA HIS D 813 -15.63 23.28 -14.47
C HIS D 813 -16.33 21.96 -14.14
N ASP D 814 -17.56 21.79 -14.61
CA ASP D 814 -18.25 20.51 -14.48
C ASP D 814 -17.89 19.64 -15.68
N TRP D 815 -17.17 18.54 -15.42
CA TRP D 815 -16.75 17.65 -16.51
C TRP D 815 -17.92 16.93 -17.17
N TRP D 816 -19.13 17.06 -16.64
CA TRP D 816 -20.31 16.48 -17.25
C TRP D 816 -21.00 17.42 -18.23
N ASN D 817 -20.58 18.69 -18.27
CA ASN D 817 -21.13 19.64 -19.23
C ASN D 817 -20.39 19.61 -20.56
N LEU D 818 -19.29 18.88 -20.67
CA LEU D 818 -18.63 18.65 -21.94
C LEU D 818 -19.19 17.42 -22.65
N MET D 819 -19.41 16.33 -21.90
CA MET D 819 -20.10 15.18 -22.45
C MET D 819 -21.54 15.51 -22.81
N ASP D 820 -22.11 16.54 -22.21
CA ASP D 820 -23.48 16.95 -22.50
C ASP D 820 -23.56 18.00 -23.59
N PHE D 821 -22.46 18.71 -23.84
CA PHE D 821 -22.40 19.65 -24.96
C PHE D 821 -21.94 18.98 -26.24
N ALA D 822 -21.19 17.89 -26.15
CA ALA D 822 -20.75 17.16 -27.33
C ALA D 822 -21.77 16.15 -27.83
N MET D 823 -22.59 15.60 -26.93
CA MET D 823 -23.64 14.67 -27.34
C MET D 823 -24.84 15.37 -27.95
N ASN D 824 -24.93 16.70 -27.81
CA ASN D 824 -25.99 17.46 -28.45
C ASN D 824 -25.56 18.09 -29.76
N SER D 825 -24.26 18.32 -29.95
CA SER D 825 -23.74 18.74 -31.24
C SER D 825 -23.77 17.61 -32.26
N LEU D 826 -23.54 16.36 -31.82
CA LEU D 826 -23.61 15.22 -32.70
C LEU D 826 -25.04 14.92 -33.16
N TYR D 827 -26.04 15.17 -32.33
CA TYR D 827 -27.42 15.07 -32.78
C TYR D 827 -27.77 16.15 -33.81
N LEU D 828 -27.28 17.37 -33.61
CA LEU D 828 -27.46 18.41 -34.62
C LEU D 828 -26.82 18.02 -35.94
N ALA D 829 -25.57 17.54 -35.88
CA ALA D 829 -24.90 17.09 -37.09
C ALA D 829 -25.56 15.88 -37.71
N THR D 830 -26.30 15.09 -36.92
CA THR D 830 -27.02 13.95 -37.47
C THR D 830 -28.27 14.41 -38.21
N ILE D 831 -29.05 15.32 -37.62
CA ILE D 831 -30.21 15.86 -38.33
C ILE D 831 -29.82 16.76 -39.48
N SER D 832 -28.69 17.45 -39.38
CA SER D 832 -28.20 18.30 -40.47
C SER D 832 -27.64 17.50 -41.63
N LEU D 833 -27.48 16.18 -41.47
CA LEU D 833 -26.99 15.33 -42.54
C LEU D 833 -28.03 14.37 -43.07
N LYS D 834 -29.03 14.01 -42.27
CA LYS D 834 -30.13 13.21 -42.75
C LYS D 834 -31.19 14.04 -43.46
N ILE D 835 -31.08 15.36 -43.39
CA ILE D 835 -31.90 16.25 -44.19
C ILE D 835 -31.23 16.56 -45.52
N MET D 836 -29.93 16.87 -45.47
CA MET D 836 -29.15 17.04 -46.69
C MET D 836 -29.26 15.82 -47.60
N ALA D 837 -29.44 14.64 -47.01
CA ALA D 837 -29.55 13.41 -47.78
C ALA D 837 -30.98 13.04 -48.14
N TYR D 838 -31.97 13.69 -47.53
CA TYR D 838 -33.35 13.47 -47.94
C TYR D 838 -33.69 14.22 -49.21
N VAL D 839 -33.29 15.50 -49.28
CA VAL D 839 -33.20 16.20 -50.55
C VAL D 839 -31.89 15.76 -51.20
N LYS D 840 -31.72 16.07 -52.48
CA LYS D 840 -30.44 15.90 -53.18
C LYS D 840 -30.14 14.43 -53.46
N TYR D 841 -30.97 13.55 -52.89
CA TYR D 841 -30.84 12.11 -53.09
C TYR D 841 -32.19 11.46 -53.34
N ASN D 842 -32.45 11.05 -54.58
CA ASN D 842 -33.64 10.32 -54.95
C ASN D 842 -33.27 8.96 -55.53
N GLY D 843 -34.04 7.96 -55.16
CA GLY D 843 -33.81 6.60 -55.62
C GLY D 843 -33.18 5.74 -54.54
N SER D 844 -32.81 4.52 -54.95
CA SER D 844 -32.25 3.55 -54.02
C SER D 844 -31.25 2.62 -54.71
N ARG D 845 -29.97 2.93 -54.63
CA ARG D 845 -29.03 1.99 -55.21
C ARG D 845 -28.42 1.11 -54.11
N PRO D 846 -27.94 -0.08 -54.46
CA PRO D 846 -27.42 -0.99 -53.43
C PRO D 846 -26.33 -0.35 -52.59
N ARG D 847 -26.36 -0.63 -51.29
CA ARG D 847 -25.38 -0.04 -50.37
C ARG D 847 -23.97 -0.49 -50.65
N GLU D 848 -23.80 -1.58 -51.40
CA GLU D 848 -22.47 -2.11 -51.71
C GLU D 848 -21.64 -1.15 -52.55
N GLU D 849 -22.28 -0.23 -53.28
CA GLU D 849 -21.57 0.65 -54.21
C GLU D 849 -21.56 2.11 -53.79
N TRP D 850 -21.94 2.42 -52.56
CA TRP D 850 -21.91 3.80 -52.11
C TRP D 850 -20.47 4.26 -51.88
N GLU D 851 -20.26 5.57 -51.99
CA GLU D 851 -18.98 6.15 -51.62
C GLU D 851 -18.80 6.08 -50.11
N MET D 852 -17.55 6.24 -49.65
CA MET D 852 -17.29 6.18 -48.21
C MET D 852 -17.75 7.45 -47.51
N TRP D 853 -17.62 8.60 -48.18
CA TRP D 853 -18.10 9.87 -47.63
C TRP D 853 -19.53 10.17 -48.10
N HIS D 854 -20.40 9.21 -47.91
CA HIS D 854 -21.83 9.38 -48.19
C HIS D 854 -22.53 9.94 -46.96
N PRO D 855 -23.40 10.93 -47.12
CA PRO D 855 -24.05 11.54 -45.95
C PRO D 855 -24.81 10.55 -45.09
N THR D 856 -25.45 9.54 -45.70
CA THR D 856 -26.14 8.51 -44.94
C THR D 856 -25.18 7.61 -44.17
N LEU D 857 -23.93 7.51 -44.59
CA LEU D 857 -22.94 6.72 -43.86
C LEU D 857 -22.26 7.52 -42.75
N ILE D 858 -22.28 8.85 -42.84
CA ILE D 858 -21.73 9.67 -41.78
C ILE D 858 -22.76 9.97 -40.70
N ALA D 859 -24.02 10.17 -41.08
CA ALA D 859 -25.06 10.38 -40.08
C ALA D 859 -25.24 9.17 -39.19
N GLU D 860 -25.20 7.96 -39.76
CA GLU D 860 -25.34 6.73 -38.98
C GLU D 860 -24.12 6.44 -38.13
N ALA D 861 -22.99 7.08 -38.39
CA ALA D 861 -21.82 6.99 -37.53
C ALA D 861 -21.88 7.98 -36.39
N LEU D 862 -22.24 9.23 -36.66
CA LEU D 862 -22.42 10.22 -35.60
C LEU D 862 -23.54 9.84 -34.65
N PHE D 863 -24.60 9.21 -35.15
CA PHE D 863 -25.68 8.77 -34.27
C PHE D 863 -25.19 7.74 -33.26
N ALA D 864 -24.31 6.83 -33.67
CA ALA D 864 -23.77 5.85 -32.74
C ALA D 864 -22.77 6.47 -31.78
N ILE D 865 -21.91 7.36 -32.30
CA ILE D 865 -20.96 8.04 -31.43
C ILE D 865 -21.69 8.81 -30.34
N SER D 866 -22.86 9.35 -30.65
CA SER D 866 -23.65 10.05 -29.64
C SER D 866 -24.48 9.11 -28.78
N ASN D 867 -24.86 7.94 -29.30
CA ASN D 867 -25.53 6.92 -28.50
C ASN D 867 -24.63 6.39 -27.40
N ILE D 868 -23.31 6.39 -27.61
CA ILE D 868 -22.42 6.00 -26.52
C ILE D 868 -22.42 7.05 -25.41
N LEU D 869 -22.34 8.33 -25.78
CA LEU D 869 -22.27 9.38 -24.77
C LEU D 869 -23.59 9.56 -24.05
N SER D 870 -24.72 9.31 -24.73
CA SER D 870 -26.02 9.45 -24.09
C SER D 870 -26.19 8.48 -22.93
N SER D 871 -25.57 7.31 -22.99
CA SER D 871 -25.71 6.31 -21.94
C SER D 871 -24.50 6.26 -21.01
N LEU D 872 -23.37 6.85 -21.39
CA LEU D 872 -22.32 7.07 -20.40
C LEU D 872 -22.67 8.16 -19.41
N ARG D 873 -23.79 8.85 -19.61
CA ARG D 873 -24.21 9.94 -18.72
C ARG D 873 -24.96 9.44 -17.49
N LEU D 874 -25.48 8.21 -17.53
CA LEU D 874 -26.12 7.63 -16.35
C LEU D 874 -25.15 7.41 -15.20
N ILE D 875 -23.86 7.68 -15.38
CA ILE D 875 -22.90 7.52 -14.29
C ILE D 875 -22.93 8.72 -13.35
N SER D 876 -23.38 9.88 -13.82
CA SER D 876 -23.53 11.04 -12.95
C SER D 876 -24.61 10.83 -11.90
N LEU D 877 -25.47 9.85 -12.08
CA LEU D 877 -26.55 9.54 -11.16
C LEU D 877 -26.11 8.64 -10.03
N PHE D 878 -24.81 8.42 -9.87
CA PHE D 878 -24.31 7.53 -8.83
C PHE D 878 -24.14 8.24 -7.50
N THR D 879 -23.91 9.56 -7.52
CA THR D 879 -23.74 10.31 -6.27
C THR D 879 -24.98 10.26 -5.39
N ALA D 880 -26.14 9.95 -5.96
CA ALA D 880 -27.38 9.89 -5.17
C ALA D 880 -27.44 8.66 -4.27
N ASN D 881 -26.56 7.68 -4.47
CA ASN D 881 -26.61 6.42 -3.72
C ASN D 881 -25.50 6.38 -2.68
N SER D 882 -25.78 5.73 -1.55
CA SER D 882 -24.83 5.69 -0.45
C SER D 882 -23.69 4.71 -0.68
N HIS D 883 -23.88 3.72 -1.57
CA HIS D 883 -22.89 2.68 -1.81
C HIS D 883 -22.02 2.97 -3.03
N LEU D 884 -22.63 3.38 -4.14
CA LEU D 884 -21.91 3.64 -5.37
C LEU D 884 -21.50 5.09 -5.53
N GLY D 885 -21.89 5.97 -4.63
CA GLY D 885 -21.54 7.37 -4.70
C GLY D 885 -20.09 7.65 -4.36
N PRO D 886 -19.62 7.17 -3.21
CA PRO D 886 -18.20 7.36 -2.86
C PRO D 886 -17.25 6.74 -3.87
N LEU D 887 -17.59 5.63 -4.51
CA LEU D 887 -16.78 5.12 -5.60
C LEU D 887 -16.69 6.13 -6.73
N GLN D 888 -17.84 6.45 -7.35
CA GLN D 888 -17.85 7.35 -8.49
C GLN D 888 -17.15 8.66 -8.20
N ILE D 889 -17.20 9.11 -6.94
CA ILE D 889 -16.46 10.33 -6.59
C ILE D 889 -14.97 10.05 -6.42
N SER D 890 -14.59 8.88 -5.90
CA SER D 890 -13.19 8.55 -5.71
C SER D 890 -12.53 8.02 -6.98
N LEU D 891 -13.30 7.50 -7.93
CA LEU D 891 -12.74 7.09 -9.21
C LEU D 891 -12.54 8.25 -10.16
N GLY D 892 -13.28 9.35 -9.98
CA GLY D 892 -13.08 10.54 -10.79
C GLY D 892 -11.96 11.43 -10.34
N ARG D 893 -11.44 11.21 -9.13
CA ARG D 893 -10.26 11.90 -8.65
C ARG D 893 -8.98 11.13 -8.96
N MET D 894 -9.10 9.85 -9.32
CA MET D 894 -7.99 9.05 -9.82
C MET D 894 -7.80 9.22 -11.32
N LEU D 895 -8.60 10.07 -11.96
CA LEU D 895 -8.55 10.28 -13.39
C LEU D 895 -7.64 11.43 -13.79
N LEU D 896 -7.38 12.37 -12.90
CA LEU D 896 -6.52 13.49 -13.26
C LEU D 896 -5.05 13.10 -13.16
N ASP D 897 -4.74 12.00 -12.50
CA ASP D 897 -3.39 11.45 -12.49
C ASP D 897 -3.18 10.37 -13.54
N ILE D 898 -4.25 9.92 -14.20
CA ILE D 898 -4.11 9.09 -15.39
C ILE D 898 -3.83 9.96 -16.61
N LEU D 899 -4.51 11.10 -16.71
CA LEU D 899 -4.38 11.95 -17.89
C LEU D 899 -2.97 12.52 -18.01
N LYS D 900 -2.25 12.66 -16.90
CA LYS D 900 -0.86 13.09 -16.99
C LYS D 900 0.09 11.92 -17.16
N PHE D 901 -0.38 10.68 -17.00
CA PHE D 901 0.40 9.52 -17.36
C PHE D 901 0.22 9.14 -18.82
N LEU D 902 -0.95 9.42 -19.40
CA LEU D 902 -1.18 9.25 -20.83
C LEU D 902 -0.56 10.37 -21.66
N PHE D 903 0.29 11.17 -21.03
CA PHE D 903 1.13 12.14 -21.71
C PHE D 903 2.57 11.67 -21.82
N ILE D 904 3.00 10.80 -20.91
CA ILE D 904 4.32 10.16 -21.03
C ILE D 904 4.27 9.05 -22.07
N TYR D 905 3.15 8.31 -22.12
CA TYR D 905 3.02 7.22 -23.07
C TYR D 905 2.94 7.71 -24.51
N CYS D 906 2.48 8.95 -24.73
CA CYS D 906 2.43 9.48 -26.09
C CYS D 906 3.82 9.72 -26.65
N LEU D 907 4.77 10.14 -25.82
CA LEU D 907 6.14 10.29 -26.27
C LEU D 907 6.73 8.96 -26.72
N VAL D 908 6.49 7.90 -25.94
CA VAL D 908 6.99 6.58 -26.29
C VAL D 908 6.34 6.08 -27.57
N LEU D 909 5.02 6.22 -27.67
CA LEU D 909 4.30 5.82 -28.88
C LEU D 909 4.85 6.54 -30.10
N LEU D 910 5.05 7.85 -30.00
CA LEU D 910 5.50 8.63 -31.16
C LEU D 910 6.94 8.29 -31.53
N ALA D 911 7.82 8.15 -30.54
CA ALA D 911 9.20 7.79 -30.83
C ALA D 911 9.29 6.44 -31.53
N PHE D 912 8.60 5.44 -30.99
CA PHE D 912 8.71 4.11 -31.58
C PHE D 912 7.96 4.01 -32.90
N ALA D 913 6.93 4.81 -33.11
CA ALA D 913 6.26 4.83 -34.40
C ALA D 913 7.16 5.46 -35.46
N ASN D 914 7.82 6.57 -35.13
CA ASN D 914 8.81 7.14 -36.02
C ASN D 914 9.89 6.12 -36.39
N GLY D 915 10.43 5.43 -35.38
CA GLY D 915 11.48 4.47 -35.64
C GLY D 915 11.01 3.29 -36.47
N LEU D 916 9.78 2.81 -36.23
CA LEU D 916 9.30 1.63 -36.93
C LEU D 916 8.81 1.95 -38.33
N ASN D 917 8.41 3.19 -38.60
CA ASN D 917 8.05 3.59 -39.95
C ASN D 917 9.25 3.99 -40.80
N GLN D 918 10.29 4.55 -40.18
CA GLN D 918 11.51 4.85 -40.92
C GLN D 918 12.18 3.61 -41.51
N LEU D 919 11.88 2.43 -40.98
CA LEU D 919 12.50 1.18 -41.42
C LEU D 919 11.66 0.39 -42.40
N TYR D 920 10.35 0.58 -42.42
CA TYR D 920 9.44 -0.31 -43.13
C TYR D 920 8.66 0.35 -44.26
N PHE D 921 8.97 1.60 -44.63
CA PHE D 921 8.17 2.27 -45.63
C PHE D 921 8.61 1.98 -47.05
N TYR D 922 9.75 1.30 -47.23
CA TYR D 922 10.17 0.88 -48.57
C TYR D 922 9.40 -0.32 -49.08
N TYR D 923 8.83 -1.13 -48.18
CA TYR D 923 8.20 -2.39 -48.53
C TYR D 923 6.68 -2.29 -48.52
N GLU D 924 6.13 -1.10 -48.74
CA GLU D 924 4.69 -0.92 -48.76
C GLU D 924 4.12 -1.48 -50.06
N THR D 925 3.28 -2.51 -49.94
CA THR D 925 2.65 -3.10 -51.11
C THR D 925 1.32 -2.40 -51.39
N ARG D 926 0.57 -2.89 -52.37
CA ARG D 926 -0.71 -2.32 -52.73
C ARG D 926 -1.84 -3.20 -52.20
N ALA D 927 -3.05 -2.65 -52.23
CA ALA D 927 -4.22 -3.37 -51.78
C ALA D 927 -4.60 -4.51 -52.72
N ILE D 928 -3.98 -4.60 -53.89
CA ILE D 928 -4.27 -5.66 -54.84
C ILE D 928 -3.27 -6.80 -54.75
N ASP D 929 -2.01 -6.53 -54.40
CA ASP D 929 -1.00 -7.56 -54.24
C ASP D 929 -1.28 -8.50 -53.08
N GLU D 930 -2.26 -8.18 -52.22
CA GLU D 930 -2.54 -8.90 -50.99
C GLU D 930 -3.79 -9.77 -51.14
N PRO D 931 -3.84 -10.89 -50.42
CA PRO D 931 -4.99 -11.79 -50.52
C PRO D 931 -6.28 -11.11 -50.11
N ASN D 932 -7.36 -11.51 -50.77
CA ASN D 932 -8.72 -11.00 -50.57
C ASN D 932 -8.83 -9.52 -50.94
N ASN D 933 -7.81 -8.95 -51.58
CA ASN D 933 -7.81 -7.55 -51.99
C ASN D 933 -8.14 -6.65 -50.81
N CYS D 934 -7.27 -6.69 -49.80
CA CYS D 934 -7.51 -5.97 -48.56
C CYS D 934 -6.17 -5.65 -47.92
N LYS D 935 -6.06 -4.46 -47.34
CA LYS D 935 -4.78 -3.93 -46.87
C LYS D 935 -4.96 -3.32 -45.50
N GLY D 936 -4.02 -3.60 -44.58
CA GLY D 936 -4.03 -3.02 -43.26
C GLY D 936 -3.96 -4.10 -42.20
N ILE D 937 -4.23 -3.72 -40.95
CA ILE D 937 -4.18 -4.63 -39.83
C ILE D 937 -5.56 -5.15 -39.41
N ARG D 938 -6.64 -4.57 -39.92
CA ARG D 938 -7.98 -5.09 -39.68
C ARG D 938 -8.37 -6.15 -40.70
N CYS D 939 -7.39 -6.81 -41.29
CA CYS D 939 -7.60 -7.91 -42.22
C CYS D 939 -7.45 -9.24 -41.47
N GLU D 940 -7.89 -10.31 -42.12
CA GLU D 940 -7.73 -11.63 -41.50
C GLU D 940 -6.26 -12.01 -41.41
N LYS D 941 -5.50 -11.75 -42.47
CA LYS D 941 -4.04 -11.83 -42.42
C LYS D 941 -3.50 -10.42 -42.42
N GLN D 942 -3.01 -9.96 -41.27
CA GLN D 942 -2.58 -8.59 -41.13
C GLN D 942 -1.34 -8.32 -41.97
N ASN D 943 -1.33 -7.17 -42.64
CA ASN D 943 -0.24 -6.81 -43.53
C ASN D 943 -0.10 -5.30 -43.52
N ASN D 944 1.05 -4.82 -44.03
CA ASN D 944 1.36 -3.40 -44.09
C ASN D 944 1.11 -2.72 -42.75
N ALA D 945 1.74 -3.27 -41.71
CA ALA D 945 1.49 -2.78 -40.35
C ALA D 945 2.29 -1.53 -40.04
N PHE D 946 3.48 -1.38 -40.63
CA PHE D 946 4.38 -0.27 -40.31
C PHE D 946 4.76 0.52 -41.56
N SER D 947 3.87 0.58 -42.54
CA SER D 947 4.17 1.20 -43.83
C SER D 947 3.77 2.67 -43.91
N THR D 948 2.84 3.11 -43.07
CA THR D 948 2.46 4.51 -42.97
C THR D 948 2.54 4.91 -41.50
N LEU D 949 2.70 6.21 -41.25
CA LEU D 949 2.75 6.67 -39.87
C LEU D 949 1.39 6.55 -39.19
N PHE D 950 0.32 6.91 -39.92
CA PHE D 950 -1.03 6.74 -39.38
C PHE D 950 -1.35 5.27 -39.13
N GLU D 951 -0.71 4.37 -39.86
CA GLU D 951 -0.90 2.94 -39.67
C GLU D 951 0.04 2.37 -38.61
N THR D 952 1.25 2.94 -38.48
CA THR D 952 2.15 2.52 -37.42
C THR D 952 1.60 2.88 -36.05
N LEU D 953 0.97 4.05 -35.93
CA LEU D 953 0.40 4.43 -34.63
C LEU D 953 -0.72 3.48 -34.22
N GLN D 954 -1.58 3.10 -35.14
CA GLN D 954 -2.63 2.11 -34.83
C GLN D 954 -2.06 0.74 -34.53
N SER D 955 -1.04 0.32 -35.29
CA SER D 955 -0.40 -0.96 -35.01
C SER D 955 0.17 -1.00 -33.60
N LEU D 956 0.84 0.08 -33.18
CA LEU D 956 1.41 0.12 -31.84
C LEU D 956 0.36 0.32 -30.76
N PHE D 957 -0.79 0.90 -31.09
CA PHE D 957 -1.88 0.94 -30.12
C PHE D 957 -2.46 -0.45 -29.89
N TRP D 958 -2.73 -1.18 -30.97
CA TRP D 958 -3.39 -2.47 -30.84
C TRP D 958 -2.48 -3.56 -30.30
N SER D 959 -1.19 -3.28 -30.10
CA SER D 959 -0.30 -4.27 -29.52
C SER D 959 -0.28 -4.21 -28.00
N VAL D 960 -0.83 -3.15 -27.40
CA VAL D 960 -1.00 -3.09 -25.96
C VAL D 960 -1.95 -4.17 -25.49
N PHE D 961 -2.89 -4.57 -26.35
CA PHE D 961 -3.92 -5.55 -26.01
C PHE D 961 -3.66 -6.91 -26.61
N GLY D 962 -2.56 -7.08 -27.35
CA GLY D 962 -2.23 -8.37 -27.92
C GLY D 962 -2.96 -8.71 -29.18
N LEU D 963 -3.45 -7.71 -29.92
CA LEU D 963 -4.23 -7.94 -31.13
C LEU D 963 -3.42 -7.73 -32.40
N LEU D 964 -2.11 -7.65 -32.30
CA LEU D 964 -1.22 -7.53 -33.45
C LEU D 964 -0.30 -8.74 -33.49
N ASN D 965 -0.38 -9.50 -34.58
CA ASN D 965 0.37 -10.74 -34.71
C ASN D 965 1.82 -10.46 -35.09
N LEU D 966 2.69 -11.40 -34.72
CA LEU D 966 4.13 -11.18 -34.86
C LEU D 966 4.58 -11.26 -36.31
N TYR D 967 3.88 -12.05 -37.13
CA TYR D 967 4.29 -12.21 -38.52
C TYR D 967 4.20 -10.92 -39.33
N VAL D 968 3.61 -9.86 -38.78
CA VAL D 968 3.61 -8.58 -39.46
C VAL D 968 4.98 -7.93 -39.48
N THR D 969 5.97 -8.56 -38.84
CA THR D 969 7.34 -8.04 -38.86
C THR D 969 8.08 -8.45 -40.13
N ASN D 970 7.62 -9.48 -40.82
CA ASN D 970 8.29 -9.98 -42.00
C ASN D 970 7.98 -9.11 -43.22
N VAL D 971 8.77 -9.32 -44.28
CA VAL D 971 8.55 -8.70 -45.58
C VAL D 971 8.66 -9.77 -46.65
N LYS D 972 8.21 -9.43 -47.86
CA LYS D 972 8.24 -10.42 -48.94
C LYS D 972 9.65 -10.71 -49.41
N ALA D 973 10.38 -9.68 -49.82
CA ALA D 973 11.79 -9.81 -50.20
C ALA D 973 12.58 -9.97 -48.91
N ARG D 974 12.53 -11.16 -48.33
CA ARG D 974 12.95 -11.37 -46.96
C ARG D 974 14.39 -10.95 -46.73
N HIS D 975 14.57 -9.85 -45.99
CA HIS D 975 15.86 -9.38 -45.54
C HIS D 975 15.96 -9.68 -44.05
N GLU D 976 16.90 -10.55 -43.68
CA GLU D 976 16.91 -11.09 -42.32
C GLU D 976 17.66 -10.20 -41.34
N PHE D 977 18.21 -9.07 -41.78
CA PHE D 977 18.77 -8.09 -40.85
C PHE D 977 17.78 -6.99 -40.51
N THR D 978 17.00 -6.53 -41.49
CA THR D 978 16.01 -5.51 -41.22
C THR D 978 14.77 -6.06 -40.52
N GLU D 979 14.40 -7.31 -40.81
CA GLU D 979 13.31 -7.95 -40.08
C GLU D 979 13.65 -8.13 -38.61
N PHE D 980 14.90 -8.49 -38.31
CA PHE D 980 15.30 -8.65 -36.92
C PHE D 980 15.36 -7.31 -36.18
N VAL D 981 15.85 -6.26 -36.82
CA VAL D 981 15.85 -4.94 -36.20
C VAL D 981 14.41 -4.47 -35.98
N GLY D 982 13.53 -4.70 -36.95
CA GLY D 982 12.14 -4.33 -36.79
C GLY D 982 11.39 -5.11 -35.74
N ALA D 983 11.77 -6.37 -35.52
CA ALA D 983 11.22 -7.14 -34.43
C ALA D 983 11.78 -6.74 -33.08
N THR D 984 13.05 -6.32 -33.02
CA THR D 984 13.63 -5.85 -31.77
C THR D 984 13.11 -4.50 -31.34
N MET D 985 12.82 -3.59 -32.27
CA MET D 985 12.16 -2.34 -31.90
C MET D 985 10.76 -2.58 -31.37
N PHE D 986 10.01 -3.50 -31.99
CA PHE D 986 8.70 -3.88 -31.50
C PHE D 986 8.79 -4.52 -30.12
N GLY D 987 9.82 -5.34 -29.90
CA GLY D 987 9.98 -5.99 -28.61
C GLY D 987 10.34 -5.02 -27.49
N THR D 988 11.23 -4.07 -27.77
CA THR D 988 11.55 -3.08 -26.75
C THR D 988 10.37 -2.15 -26.49
N TYR D 989 9.58 -1.83 -27.52
CA TYR D 989 8.33 -1.11 -27.27
C TYR D 989 7.44 -1.88 -26.33
N ASN D 990 7.30 -3.19 -26.56
CA ASN D 990 6.44 -4.02 -25.72
C ASN D 990 6.96 -4.04 -24.29
N VAL D 991 8.27 -4.11 -24.10
CA VAL D 991 8.83 -4.13 -22.74
C VAL D 991 8.57 -2.81 -22.04
N ILE D 992 8.82 -1.69 -22.74
CA ILE D 992 8.66 -0.38 -22.11
C ILE D 992 7.19 -0.11 -21.78
N SER D 993 6.27 -0.55 -22.64
CA SER D 993 4.88 -0.17 -22.46
C SER D 993 4.07 -1.13 -21.61
N LEU D 994 4.39 -2.43 -21.62
CA LEU D 994 3.56 -3.42 -20.96
C LEU D 994 4.19 -4.00 -19.70
N VAL D 995 5.44 -3.67 -19.38
CA VAL D 995 6.09 -4.21 -18.21
C VAL D 995 6.57 -3.06 -17.33
N VAL D 996 6.84 -1.92 -17.94
CA VAL D 996 7.40 -0.78 -17.22
C VAL D 996 6.32 0.27 -17.00
N LEU D 997 5.80 0.85 -18.08
CA LEU D 997 4.89 1.98 -17.96
C LEU D 997 3.49 1.57 -17.52
N LEU D 998 3.17 0.27 -17.50
CA LEU D 998 1.86 -0.17 -17.07
C LEU D 998 1.82 -0.57 -15.61
N ASN D 999 2.94 -1.09 -15.08
CA ASN D 999 3.04 -1.34 -13.65
C ASN D 999 3.26 -0.05 -12.86
N MET D 1000 3.90 0.94 -13.47
CA MET D 1000 4.03 2.25 -12.85
C MET D 1000 2.69 2.92 -12.65
N LEU D 1001 1.77 2.76 -13.60
CA LEU D 1001 0.43 3.33 -13.45
C LEU D 1001 -0.32 2.69 -12.28
N ILE D 1002 -0.19 1.38 -12.11
CA ILE D 1002 -0.79 0.72 -10.96
C ILE D 1002 -0.15 1.20 -9.66
N ALA D 1003 1.18 1.36 -9.66
CA ALA D 1003 1.87 1.82 -8.47
C ALA D 1003 1.41 3.22 -8.08
N MET D 1004 1.13 4.07 -9.07
CA MET D 1004 0.62 5.41 -8.77
C MET D 1004 -0.83 5.39 -8.31
N MET D 1005 -1.67 4.58 -8.94
CA MET D 1005 -3.08 4.55 -8.55
C MET D 1005 -3.27 3.95 -7.16
N ASN D 1006 -2.39 3.02 -6.77
CA ASN D 1006 -2.45 2.50 -5.40
C ASN D 1006 -2.16 3.59 -4.38
N ASN D 1007 -1.16 4.43 -4.64
CA ASN D 1007 -0.80 5.48 -3.70
C ASN D 1007 -1.80 6.64 -3.74
N SER D 1008 -2.38 6.91 -4.90
CA SER D 1008 -3.34 8.00 -5.03
C SER D 1008 -4.69 7.65 -4.43
N TYR D 1009 -5.03 6.37 -4.37
CA TYR D 1009 -6.30 5.92 -3.79
C TYR D 1009 -6.27 5.83 -2.28
N GLN D 1010 -5.09 5.62 -1.68
CA GLN D 1010 -4.98 5.59 -0.23
C GLN D 1010 -5.13 6.97 0.38
N LEU D 1011 -4.63 8.00 -0.28
CA LEU D 1011 -4.77 9.38 0.17
C LEU D 1011 -6.15 9.95 -0.13
N ILE D 1012 -6.93 9.27 -0.97
CA ILE D 1012 -8.26 9.72 -1.34
C ILE D 1012 -9.33 9.16 -0.42
N ALA D 1013 -9.22 7.89 -0.02
CA ALA D 1013 -10.23 7.22 0.79
C ALA D 1013 -10.40 7.84 2.17
N ASP D 1014 -9.56 8.80 2.55
CA ASP D 1014 -9.77 9.50 3.81
C ASP D 1014 -10.92 10.51 3.69
N HIS D 1015 -10.88 11.33 2.65
CA HIS D 1015 -11.90 12.36 2.41
C HIS D 1015 -13.03 11.85 1.54
N ALA D 1016 -13.14 10.53 1.36
CA ALA D 1016 -14.12 9.99 0.43
C ALA D 1016 -15.56 10.23 0.86
N ASP D 1017 -15.80 10.47 2.16
CA ASP D 1017 -17.15 10.68 2.64
C ASP D 1017 -17.54 12.14 2.68
N ILE D 1018 -16.57 13.05 2.80
CA ILE D 1018 -16.85 14.48 2.75
C ILE D 1018 -17.04 14.97 1.32
N GLU D 1019 -16.22 14.51 0.38
CA GLU D 1019 -16.38 14.86 -1.02
C GLU D 1019 -17.68 14.32 -1.60
N TRP D 1020 -18.06 13.09 -1.23
CA TRP D 1020 -19.32 12.54 -1.72
C TRP D 1020 -20.52 13.34 -1.20
N LYS D 1021 -20.49 13.74 0.07
CA LYS D 1021 -21.60 14.51 0.61
C LYS D 1021 -21.65 15.90 0.01
N PHE D 1022 -20.48 16.52 -0.23
CA PHE D 1022 -20.46 17.79 -0.94
C PHE D 1022 -21.02 17.68 -2.36
N ALA D 1023 -20.77 16.56 -3.05
CA ALA D 1023 -21.29 16.38 -4.40
C ALA D 1023 -22.79 16.06 -4.40
N ARG D 1024 -23.24 15.21 -3.47
CA ARG D 1024 -24.65 14.92 -3.33
C ARG D 1024 -25.46 16.14 -2.92
N THR D 1025 -24.87 17.05 -2.13
CA THR D 1025 -25.57 18.28 -1.79
C THR D 1025 -25.80 19.14 -3.03
N LYS D 1026 -24.81 19.22 -3.93
CA LYS D 1026 -25.00 19.98 -5.16
C LYS D 1026 -25.95 19.29 -6.11
N LEU D 1027 -25.98 17.96 -6.11
CA LEU D 1027 -26.98 17.25 -6.91
C LEU D 1027 -28.38 17.49 -6.36
N TRP D 1028 -28.51 17.62 -5.03
CA TRP D 1028 -29.81 17.87 -4.42
C TRP D 1028 -30.28 19.29 -4.69
N MET D 1029 -29.38 20.27 -4.53
CA MET D 1029 -29.75 21.67 -4.68
C MET D 1029 -30.21 22.01 -6.09
N SER D 1030 -29.96 21.14 -7.06
CA SER D 1030 -30.39 21.40 -8.43
C SER D 1030 -31.84 21.03 -8.68
N TYR D 1031 -32.47 20.31 -7.76
CA TYR D 1031 -33.89 19.97 -7.85
C TYR D 1031 -34.74 20.74 -6.86
N PHE D 1032 -34.18 21.77 -6.23
CA PHE D 1032 -34.92 22.55 -5.24
C PHE D 1032 -35.69 23.70 -5.85
N ASP D 1033 -35.22 24.24 -6.97
CA ASP D 1033 -35.84 25.41 -7.59
C ASP D 1033 -37.08 24.98 -8.37
N GLU D 1034 -37.62 25.90 -9.17
CA GLU D 1034 -38.81 25.63 -9.95
C GLU D 1034 -38.60 25.74 -11.45
N GLY D 1035 -37.49 26.32 -11.89
CA GLY D 1035 -37.22 26.52 -13.31
C GLY D 1035 -37.35 25.29 -14.18
N GLY D 1036 -36.47 24.32 -14.01
CA GLY D 1036 -36.52 23.10 -14.80
C GLY D 1036 -37.28 21.99 -14.13
N THR D 1037 -38.51 22.28 -13.68
CA THR D 1037 -39.29 21.29 -12.95
C THR D 1037 -39.73 20.15 -13.85
N LEU D 1038 -39.92 20.41 -15.14
CA LEU D 1038 -40.62 19.48 -16.00
C LEU D 1038 -39.64 18.75 -16.91
N PRO D 1039 -39.74 17.44 -17.03
CA PRO D 1039 -38.70 16.65 -17.72
C PRO D 1039 -38.55 17.06 -19.19
N PRO D 1040 -37.47 16.62 -19.84
CA PRO D 1040 -37.15 17.11 -21.20
C PRO D 1040 -38.22 16.81 -22.23
N PRO D 1041 -38.90 15.66 -22.20
CA PRO D 1041 -39.97 15.44 -23.19
C PRO D 1041 -41.04 16.53 -23.17
N PHE D 1042 -41.49 16.92 -21.97
CA PHE D 1042 -42.47 17.99 -21.83
C PHE D 1042 -41.82 19.35 -21.63
N ASN D 1043 -40.48 19.43 -21.63
CA ASN D 1043 -39.79 20.69 -21.43
C ASN D 1043 -40.13 21.70 -22.53
N ILE D 1044 -40.38 21.22 -23.75
CA ILE D 1044 -40.60 22.11 -24.88
C ILE D 1044 -42.08 22.31 -25.21
N ILE D 1045 -42.98 21.59 -24.56
CA ILE D 1045 -44.41 21.73 -24.83
C ILE D 1045 -44.93 23.06 -24.30
N ASN D 1084 -37.14 46.63 2.93
CA ASN D 1084 -36.16 46.49 4.01
C ASN D 1084 -36.85 46.37 5.36
N ALA D 1085 -38.15 46.08 5.34
CA ALA D 1085 -38.88 45.90 6.59
C ALA D 1085 -38.47 44.62 7.29
N ASP D 1086 -38.38 43.52 6.54
CA ASP D 1086 -37.92 42.26 7.09
C ASP D 1086 -36.41 42.07 6.95
N SER D 1087 -35.76 42.80 6.06
CA SER D 1087 -34.32 42.71 5.82
C SER D 1087 -33.50 43.27 6.97
N LEU D 1088 -34.12 43.75 8.05
CA LEU D 1088 -33.42 44.17 9.25
C LEU D 1088 -33.68 43.25 10.44
N ILE D 1089 -34.91 42.75 10.59
CA ILE D 1089 -35.16 41.75 11.62
C ILE D 1089 -34.43 40.44 11.27
N GLN D 1090 -34.45 40.08 9.98
CA GLN D 1090 -33.73 38.90 9.52
C GLN D 1090 -32.24 39.04 9.74
N ASN D 1091 -31.72 40.27 9.70
CA ASN D 1091 -30.30 40.52 9.95
C ASN D 1091 -30.00 40.68 11.44
N GLN D 1092 -31.00 41.02 12.25
CA GLN D 1092 -30.81 41.16 13.68
C GLN D 1092 -30.85 39.82 14.41
N HIS D 1093 -31.69 38.90 13.96
CA HIS D 1093 -31.68 37.56 14.56
C HIS D 1093 -30.38 36.81 14.27
N TYR D 1094 -29.83 36.98 13.07
CA TYR D 1094 -28.56 36.35 12.74
C TYR D 1094 -27.45 36.83 13.65
N GLN D 1095 -27.47 38.12 14.03
CA GLN D 1095 -26.42 38.63 14.90
C GLN D 1095 -26.50 38.05 16.30
N GLU D 1096 -27.71 37.83 16.82
CA GLU D 1096 -27.84 37.18 18.11
C GLU D 1096 -27.37 35.73 18.06
N VAL D 1097 -27.74 35.02 16.99
CA VAL D 1097 -27.28 33.63 16.84
C VAL D 1097 -25.77 33.58 16.76
N ILE D 1098 -25.16 34.51 16.03
CA ILE D 1098 -23.71 34.55 15.91
C ILE D 1098 -23.06 34.88 17.25
N ARG D 1099 -23.65 35.81 18.00
CA ARG D 1099 -23.12 36.13 19.32
C ARG D 1099 -23.08 34.89 20.20
N ASN D 1100 -24.19 34.14 20.24
CA ASN D 1100 -24.24 32.94 21.07
C ASN D 1100 -23.25 31.89 20.59
N LEU D 1101 -23.18 31.66 19.28
CA LEU D 1101 -22.26 30.67 18.74
C LEU D 1101 -20.82 31.01 19.07
N VAL D 1102 -20.42 32.27 18.86
CA VAL D 1102 -19.05 32.67 19.14
C VAL D 1102 -18.74 32.56 20.62
N LYS D 1103 -19.69 32.95 21.48
CA LYS D 1103 -19.48 32.85 22.92
C LYS D 1103 -19.21 31.40 23.33
N ARG D 1104 -20.10 30.49 22.94
CA ARG D 1104 -19.91 29.11 23.40
C ARG D 1104 -18.76 28.41 22.68
N TYR D 1105 -18.41 28.82 21.47
CA TYR D 1105 -17.23 28.26 20.82
C TYR D 1105 -15.95 28.72 21.51
N VAL D 1106 -15.87 29.99 21.87
CA VAL D 1106 -14.70 30.48 22.62
C VAL D 1106 -14.60 29.76 23.96
N ALA D 1107 -15.75 29.58 24.62
CA ALA D 1107 -15.73 28.87 25.90
C ALA D 1107 -15.26 27.44 25.75
N ALA D 1108 -15.73 26.73 24.73
CA ALA D 1108 -15.32 25.35 24.50
C ALA D 1108 -13.90 25.25 23.98
N MET D 1109 -13.34 26.32 23.43
CA MET D 1109 -11.98 26.31 22.92
C MET D 1109 -10.94 26.67 23.98
N ILE D 1110 -11.30 27.55 24.93
CA ILE D 1110 -10.38 27.87 26.01
C ILE D 1110 -10.24 26.68 26.95
N ARG D 1111 -11.37 26.09 27.36
CA ARG D 1111 -11.33 24.96 28.28
C ARG D 1111 -10.54 23.80 27.70
N ASN D 1112 -10.66 23.57 26.39
CA ASN D 1112 -10.01 22.43 25.75
C ASN D 1112 -8.51 22.59 25.59
N SER D 1113 -7.95 23.74 25.95
CA SER D 1113 -6.51 23.97 25.83
C SER D 1113 -5.76 23.41 27.04
N LYS D 1114 -5.97 22.13 27.31
CA LYS D 1114 -5.31 21.47 28.43
C LYS D 1114 -4.69 20.14 28.00
#